data_2DM0
#
_entry.id   2DM0
#
_entity_poly.entity_id   1
_entity_poly.type   'polypeptide(L)'
_entity_poly.pdbx_seq_one_letter_code
;GSSGSSGNKITNLEIYEWYHRNITRNQAEHLLRQESKEGAFIVRDSRHLGSYTISVFMGARRSTEAAIKHYQIKKNDSGQ
WYVAERHAFQSIPELIWYHQHNAAGLMTRLRYPVGLMGSSGPSSG
;
_entity_poly.pdbx_strand_id   A
#
# COMPACT_ATOMS: atom_id res chain seq x y z
N GLY A 1 -19.13 -15.45 -1.55
CA GLY A 1 -18.12 -16.20 -2.28
C GLY A 1 -17.25 -15.33 -3.15
N SER A 2 -16.10 -15.85 -3.54
CA SER A 2 -15.17 -15.10 -4.38
C SER A 2 -14.51 -16.00 -5.42
N SER A 3 -14.89 -15.81 -6.68
CA SER A 3 -14.34 -16.62 -7.77
C SER A 3 -13.94 -15.73 -8.94
N GLY A 4 -12.67 -15.81 -9.32
CA GLY A 4 -12.18 -15.00 -10.44
C GLY A 4 -12.94 -15.28 -11.72
N SER A 5 -12.45 -14.72 -12.83
CA SER A 5 -13.09 -14.91 -14.11
C SER A 5 -12.09 -15.41 -15.16
N SER A 6 -12.59 -15.71 -16.35
CA SER A 6 -11.74 -16.21 -17.43
C SER A 6 -11.01 -15.05 -18.13
N GLY A 7 -9.69 -15.09 -18.09
CA GLY A 7 -8.90 -14.04 -18.71
C GLY A 7 -8.29 -13.08 -17.71
N ASN A 8 -7.63 -12.05 -18.21
CA ASN A 8 -6.98 -11.07 -17.34
C ASN A 8 -7.97 -9.99 -16.93
N LYS A 9 -7.80 -9.46 -15.72
CA LYS A 9 -8.67 -8.42 -15.20
C LYS A 9 -8.25 -7.05 -15.72
N ILE A 10 -9.21 -6.14 -15.82
CA ILE A 10 -8.93 -4.79 -16.30
C ILE A 10 -7.93 -4.08 -15.40
N THR A 11 -8.18 -4.11 -14.09
CA THR A 11 -7.30 -3.47 -13.12
C THR A 11 -5.91 -4.12 -13.14
N ASN A 12 -4.89 -3.29 -13.34
CA ASN A 12 -3.52 -3.77 -13.38
C ASN A 12 -2.66 -3.05 -12.35
N LEU A 13 -2.16 -3.80 -11.37
CA LEU A 13 -1.33 -3.23 -10.32
C LEU A 13 0.10 -3.78 -10.40
N GLU A 14 0.22 -5.05 -10.77
CA GLU A 14 1.52 -5.69 -10.90
C GLU A 14 2.50 -4.78 -11.63
N ILE A 15 2.00 -4.03 -12.60
CA ILE A 15 2.83 -3.13 -13.38
C ILE A 15 3.62 -2.19 -12.48
N TYR A 16 2.97 -1.75 -11.39
CA TYR A 16 3.61 -0.85 -10.44
C TYR A 16 4.65 -1.58 -9.60
N GLU A 17 5.25 -0.87 -8.64
CA GLU A 17 6.25 -1.45 -7.78
C GLU A 17 5.78 -1.46 -6.32
N TRP A 18 5.11 -0.38 -5.92
CA TRP A 18 4.60 -0.26 -4.56
C TRP A 18 3.53 -1.31 -4.28
N TYR A 19 3.16 -2.05 -5.32
CA TYR A 19 2.14 -3.08 -5.19
C TYR A 19 2.77 -4.45 -4.97
N HIS A 20 3.12 -4.75 -3.73
CA HIS A 20 3.74 -6.03 -3.38
C HIS A 20 2.69 -7.14 -3.33
N ARG A 21 2.63 -7.93 -4.39
CA ARG A 21 1.66 -9.03 -4.47
C ARG A 21 2.33 -10.35 -4.10
N ASN A 22 1.51 -11.35 -3.78
CA ASN A 22 2.02 -12.66 -3.41
C ASN A 22 2.88 -12.59 -2.15
N ILE A 23 2.42 -11.82 -1.17
CA ILE A 23 3.15 -11.66 0.08
C ILE A 23 2.23 -11.86 1.29
N THR A 24 2.82 -11.85 2.48
CA THR A 24 2.05 -12.03 3.71
C THR A 24 2.44 -11.00 4.76
N ARG A 25 1.62 -10.88 5.79
CA ARG A 25 1.88 -9.93 6.86
C ARG A 25 3.37 -9.78 7.11
N ASN A 26 4.03 -10.89 7.44
CA ASN A 26 5.47 -10.89 7.71
C ASN A 26 6.22 -10.13 6.62
N GLN A 27 5.95 -10.48 5.36
CA GLN A 27 6.61 -9.83 4.23
C GLN A 27 6.38 -8.32 4.28
N ALA A 28 5.12 -7.91 4.23
CA ALA A 28 4.78 -6.49 4.27
C ALA A 28 5.64 -5.75 5.28
N GLU A 29 5.52 -6.12 6.55
CA GLU A 29 6.29 -5.49 7.61
C GLU A 29 7.79 -5.62 7.36
N HIS A 30 8.26 -6.87 7.29
CA HIS A 30 9.67 -7.13 7.06
C HIS A 30 10.26 -6.13 6.07
N LEU A 31 9.62 -6.02 4.89
CA LEU A 31 10.08 -5.11 3.86
C LEU A 31 10.29 -3.71 4.43
N LEU A 32 9.28 -3.20 5.14
CA LEU A 32 9.35 -1.87 5.74
C LEU A 32 10.49 -1.79 6.75
N ARG A 33 10.58 -2.79 7.61
CA ARG A 33 11.64 -2.83 8.62
C ARG A 33 13.00 -2.50 8.01
N GLN A 34 13.24 -3.01 6.81
CA GLN A 34 14.50 -2.77 6.11
C GLN A 34 14.72 -1.28 5.90
N GLU A 35 13.67 -0.58 5.47
CA GLU A 35 13.76 0.86 5.23
C GLU A 35 13.87 1.63 6.54
N SER A 36 13.03 1.26 7.51
CA SER A 36 13.03 1.92 8.81
C SER A 36 13.14 3.43 8.65
N LYS A 37 12.32 3.99 7.77
CA LYS A 37 12.32 5.43 7.53
C LYS A 37 10.92 5.93 7.19
N GLU A 38 10.44 6.90 7.97
CA GLU A 38 9.12 7.46 7.76
C GLU A 38 8.84 7.64 6.27
N GLY A 39 7.79 6.97 5.79
CA GLY A 39 7.43 7.07 4.38
C GLY A 39 7.31 5.71 3.72
N ALA A 40 8.23 4.80 4.06
CA ALA A 40 8.22 3.47 3.49
C ALA A 40 6.82 2.86 3.54
N PHE A 41 6.16 2.81 2.38
CA PHE A 41 4.81 2.26 2.29
C PHE A 41 4.75 1.16 1.23
N ILE A 42 3.66 0.41 1.23
CA ILE A 42 3.48 -0.67 0.26
C ILE A 42 2.00 -1.04 0.13
N VAL A 43 1.71 -1.95 -0.79
CA VAL A 43 0.34 -2.40 -1.01
C VAL A 43 0.29 -3.90 -1.27
N ARG A 44 -0.49 -4.61 -0.46
CA ARG A 44 -0.62 -6.05 -0.60
C ARG A 44 -2.09 -6.47 -0.60
N ASP A 45 -2.34 -7.75 -0.86
CA ASP A 45 -3.71 -8.27 -0.89
C ASP A 45 -4.10 -8.85 0.46
N SER A 46 -5.39 -8.91 0.73
CA SER A 46 -5.90 -9.44 1.99
C SER A 46 -6.25 -10.92 1.84
N ARG A 47 -5.29 -11.78 2.19
CA ARG A 47 -5.50 -13.22 2.10
C ARG A 47 -6.92 -13.59 2.50
N HIS A 48 -7.53 -12.76 3.33
CA HIS A 48 -8.90 -13.00 3.78
C HIS A 48 -9.90 -12.72 2.67
N LEU A 49 -9.83 -11.51 2.11
CA LEU A 49 -10.73 -11.10 1.05
C LEU A 49 -9.96 -10.50 -0.12
N GLY A 50 -10.64 -10.34 -1.26
CA GLY A 50 -10.00 -9.78 -2.43
C GLY A 50 -9.79 -8.27 -2.30
N SER A 51 -9.29 -7.84 -1.15
CA SER A 51 -9.05 -6.42 -0.90
C SER A 51 -7.55 -6.12 -0.90
N TYR A 52 -7.21 -4.87 -0.62
CA TYR A 52 -5.81 -4.45 -0.59
C TYR A 52 -5.53 -3.61 0.65
N THR A 53 -4.39 -3.88 1.29
CA THR A 53 -4.00 -3.16 2.49
C THR A 53 -2.66 -2.45 2.30
N ILE A 54 -2.56 -1.23 2.82
CA ILE A 54 -1.33 -0.45 2.70
C ILE A 54 -0.51 -0.52 3.99
N SER A 55 0.75 -0.92 3.86
CA SER A 55 1.64 -1.03 5.00
C SER A 55 2.68 0.08 5.00
N VAL A 56 2.53 1.03 5.93
CA VAL A 56 3.45 2.15 6.03
C VAL A 56 4.30 2.05 7.28
N PHE A 57 5.48 2.68 7.25
CA PHE A 57 6.38 2.65 8.39
C PHE A 57 6.34 3.98 9.15
N MET A 58 5.80 3.93 10.36
CA MET A 58 5.68 5.13 11.20
C MET A 58 7.01 5.41 11.92
N GLY A 59 7.67 4.34 12.35
CA GLY A 59 8.93 4.50 13.05
C GLY A 59 8.76 5.08 14.44
N ALA A 60 9.45 4.50 15.42
CA ALA A 60 9.36 4.98 16.80
C ALA A 60 9.53 6.49 16.86
N ARG A 61 9.43 7.04 18.07
CA ARG A 61 9.58 8.47 18.27
C ARG A 61 11.05 8.87 18.29
N ARG A 62 11.79 8.34 19.25
CA ARG A 62 13.22 8.63 19.39
C ARG A 62 14.04 7.73 18.49
N SER A 63 13.53 7.45 17.29
CA SER A 63 14.23 6.59 16.34
C SER A 63 14.97 5.47 17.06
N THR A 64 14.31 4.89 18.07
CA THR A 64 14.91 3.80 18.84
C THR A 64 14.25 2.47 18.52
N GLU A 65 13.01 2.53 18.03
CA GLU A 65 12.27 1.32 17.68
C GLU A 65 11.65 1.45 16.30
N ALA A 66 10.86 0.45 15.91
CA ALA A 66 10.20 0.45 14.62
C ALA A 66 8.68 0.49 14.78
N ALA A 67 8.00 1.08 13.80
CA ALA A 67 6.55 1.19 13.83
C ALA A 67 5.96 1.04 12.43
N ILE A 68 5.01 0.11 12.29
CA ILE A 68 4.37 -0.12 11.01
C ILE A 68 2.85 -0.17 11.15
N LYS A 69 2.16 0.63 10.35
CA LYS A 69 0.70 0.67 10.39
C LYS A 69 0.10 -0.12 9.22
N HIS A 70 -1.18 -0.44 9.33
CA HIS A 70 -1.87 -1.19 8.29
C HIS A 70 -3.22 -0.56 7.97
N TYR A 71 -3.31 0.13 6.83
CA TYR A 71 -4.54 0.79 6.42
C TYR A 71 -5.29 -0.08 5.41
N GLN A 72 -6.34 -0.76 5.88
CA GLN A 72 -7.15 -1.61 5.03
C GLN A 72 -8.02 -0.77 4.09
N ILE A 73 -7.92 -1.05 2.79
CA ILE A 73 -8.70 -0.33 1.80
C ILE A 73 -10.06 -0.98 1.59
N LYS A 74 -11.10 -0.30 2.06
CA LYS A 74 -12.46 -0.80 1.93
C LYS A 74 -13.18 -0.13 0.75
N LYS A 75 -14.39 -0.60 0.46
CA LYS A 75 -15.19 -0.04 -0.63
C LYS A 75 -16.59 0.32 -0.15
N ASN A 76 -17.12 1.42 -0.68
CA ASN A 76 -18.46 1.88 -0.32
C ASN A 76 -19.48 1.45 -1.37
N ASP A 77 -20.74 1.83 -1.15
CA ASP A 77 -21.81 1.50 -2.07
C ASP A 77 -21.47 1.97 -3.49
N SER A 78 -20.74 3.06 -3.59
CA SER A 78 -20.36 3.62 -4.87
C SER A 78 -19.18 2.87 -5.46
N GLY A 79 -18.89 1.70 -4.90
CA GLY A 79 -17.77 0.89 -5.38
C GLY A 79 -16.49 1.68 -5.50
N GLN A 80 -16.21 2.52 -4.49
CA GLN A 80 -15.02 3.34 -4.50
C GLN A 80 -14.10 2.97 -3.34
N TRP A 81 -12.80 2.86 -3.61
CA TRP A 81 -11.82 2.50 -2.61
C TRP A 81 -11.46 3.72 -1.75
N TYR A 82 -11.34 3.50 -0.44
CA TYR A 82 -11.00 4.58 0.48
C TYR A 82 -10.22 4.04 1.69
N VAL A 83 -9.26 4.82 2.15
CA VAL A 83 -8.44 4.42 3.29
C VAL A 83 -8.80 5.25 4.53
N ALA A 84 -8.95 6.55 4.33
CA ALA A 84 -9.29 7.45 5.42
C ALA A 84 -10.80 7.58 5.59
N GLU A 85 -11.54 6.74 4.87
CA GLU A 85 -12.99 6.75 4.93
C GLU A 85 -13.53 8.17 4.72
N ARG A 86 -12.76 8.99 4.01
CA ARG A 86 -13.15 10.36 3.74
C ARG A 86 -12.98 10.69 2.26
N HIS A 87 -11.99 10.08 1.63
CA HIS A 87 -11.72 10.30 0.22
C HIS A 87 -11.83 9.00 -0.58
N ALA A 88 -12.88 8.89 -1.39
CA ALA A 88 -13.09 7.70 -2.20
C ALA A 88 -12.62 7.92 -3.64
N PHE A 89 -11.98 6.91 -4.20
CA PHE A 89 -11.47 6.99 -5.56
C PHE A 89 -12.20 6.00 -6.47
N GLN A 90 -11.76 5.93 -7.73
CA GLN A 90 -12.39 5.04 -8.70
C GLN A 90 -11.48 3.84 -8.99
N SER A 91 -10.19 4.00 -8.72
CA SER A 91 -9.22 2.94 -8.95
C SER A 91 -8.21 2.86 -7.82
N ILE A 92 -7.69 1.67 -7.57
CA ILE A 92 -6.70 1.46 -6.52
C ILE A 92 -5.48 2.34 -6.74
N PRO A 93 -4.94 2.32 -7.97
CA PRO A 93 -3.77 3.11 -8.33
C PRO A 93 -4.06 4.60 -8.37
N GLU A 94 -5.32 4.96 -8.13
CA GLU A 94 -5.72 6.37 -8.15
C GLU A 94 -5.72 6.94 -6.73
N LEU A 95 -6.13 6.12 -5.76
CA LEU A 95 -6.18 6.55 -4.37
C LEU A 95 -4.80 6.97 -3.88
N ILE A 96 -3.77 6.26 -4.33
CA ILE A 96 -2.40 6.56 -3.93
C ILE A 96 -1.80 7.62 -4.84
N TRP A 97 -2.41 7.82 -6.00
CA TRP A 97 -1.92 8.81 -6.96
C TRP A 97 -1.80 10.18 -6.31
N TYR A 98 -2.82 10.55 -5.53
CA TYR A 98 -2.83 11.85 -4.86
C TYR A 98 -2.13 11.76 -3.50
N HIS A 99 -2.56 10.79 -2.69
CA HIS A 99 -1.98 10.61 -1.37
C HIS A 99 -0.48 10.91 -1.38
N GLN A 100 0.22 10.36 -2.37
CA GLN A 100 1.65 10.57 -2.50
C GLN A 100 2.00 12.06 -2.35
N HIS A 101 1.25 12.90 -3.06
CA HIS A 101 1.47 14.34 -3.01
C HIS A 101 0.93 14.94 -1.71
N ASN A 102 -0.19 14.41 -1.25
CA ASN A 102 -0.81 14.89 -0.03
C ASN A 102 -1.67 13.80 0.61
N ALA A 103 -1.19 13.23 1.72
CA ALA A 103 -1.92 12.18 2.42
C ALA A 103 -3.43 12.44 2.37
N ALA A 104 -3.88 13.43 3.13
CA ALA A 104 -5.30 13.77 3.18
C ALA A 104 -6.09 12.73 3.97
N GLY A 105 -5.49 12.23 5.05
CA GLY A 105 -6.16 11.23 5.87
C GLY A 105 -5.34 10.83 7.07
N LEU A 106 -5.08 11.79 7.95
CA LEU A 106 -4.29 11.52 9.15
C LEU A 106 -3.22 10.49 8.88
N MET A 107 -2.58 10.57 7.73
CA MET A 107 -1.53 9.64 7.35
C MET A 107 -0.30 10.38 6.83
N THR A 108 0.86 9.78 7.03
CA THR A 108 2.12 10.38 6.58
C THR A 108 2.18 10.46 5.06
N ARG A 109 2.78 11.53 4.55
CA ARG A 109 2.92 11.72 3.12
C ARG A 109 3.94 10.75 2.53
N LEU A 110 3.44 9.66 1.94
CA LEU A 110 4.31 8.66 1.33
C LEU A 110 5.55 9.31 0.71
N ARG A 111 6.72 8.89 1.15
CA ARG A 111 7.97 9.43 0.63
C ARG A 111 8.77 8.35 -0.10
N TYR A 112 8.98 7.22 0.56
CA TYR A 112 9.73 6.12 -0.03
C TYR A 112 8.79 4.99 -0.44
N PRO A 113 8.35 5.03 -1.71
CA PRO A 113 7.44 4.02 -2.25
C PRO A 113 8.12 2.66 -2.43
N VAL A 114 8.24 1.91 -1.34
CA VAL A 114 8.88 0.61 -1.38
C VAL A 114 8.33 -0.24 -2.53
N GLY A 115 9.18 -0.51 -3.51
CA GLY A 115 8.76 -1.30 -4.65
C GLY A 115 9.24 -2.74 -4.56
N LEU A 116 8.62 -3.62 -5.35
CA LEU A 116 8.98 -5.03 -5.35
C LEU A 116 10.50 -5.21 -5.19
N MET A 117 11.26 -4.62 -6.10
CA MET A 117 12.71 -4.70 -6.05
C MET A 117 13.27 -3.87 -4.91
N GLY A 118 13.39 -4.47 -3.72
CA GLY A 118 13.90 -3.76 -2.57
C GLY A 118 15.33 -3.31 -2.76
N SER A 119 15.76 -2.35 -1.95
CA SER A 119 17.12 -1.82 -2.04
C SER A 119 18.14 -2.89 -1.68
N SER A 120 18.18 -3.26 -0.41
CA SER A 120 19.11 -4.28 0.07
C SER A 120 18.83 -4.62 1.54
N GLY A 121 19.05 -5.89 1.89
CA GLY A 121 18.82 -6.33 3.25
C GLY A 121 19.55 -7.62 3.58
N PRO A 122 20.13 -7.69 4.78
CA PRO A 122 20.87 -8.87 5.23
C PRO A 122 19.95 -10.06 5.50
N SER A 123 20.54 -11.25 5.58
CA SER A 123 19.77 -12.47 5.84
C SER A 123 19.95 -12.94 7.27
N SER A 124 18.90 -13.52 7.84
CA SER A 124 18.95 -14.01 9.22
C SER A 124 20.17 -14.89 9.43
N GLY A 125 20.46 -15.19 10.69
CA GLY A 125 21.61 -16.03 11.01
C GLY A 125 22.67 -15.28 11.78
N GLY A 1 -17.88 8.15 -24.24
CA GLY A 1 -17.79 6.71 -24.29
C GLY A 1 -18.21 6.06 -22.98
N SER A 2 -17.23 5.74 -22.14
CA SER A 2 -17.51 5.10 -20.86
C SER A 2 -17.98 3.66 -21.05
N SER A 3 -17.32 2.95 -21.97
CA SER A 3 -17.66 1.57 -22.25
C SER A 3 -16.62 0.93 -23.19
N GLY A 4 -16.28 -0.33 -22.91
CA GLY A 4 -15.31 -1.03 -23.73
C GLY A 4 -15.87 -2.28 -24.35
N SER A 5 -16.31 -2.19 -25.61
CA SER A 5 -16.88 -3.33 -26.31
C SER A 5 -16.00 -4.57 -26.14
N SER A 6 -14.71 -4.40 -26.45
CA SER A 6 -13.76 -5.51 -26.33
C SER A 6 -13.45 -5.81 -24.88
N GLY A 7 -12.80 -6.95 -24.64
CA GLY A 7 -12.44 -7.33 -23.28
C GLY A 7 -11.26 -6.56 -22.75
N ASN A 8 -11.21 -6.38 -21.44
CA ASN A 8 -10.12 -5.64 -20.79
C ASN A 8 -9.87 -6.16 -19.38
N LYS A 9 -8.61 -6.13 -18.97
CA LYS A 9 -8.23 -6.60 -17.64
C LYS A 9 -8.93 -5.78 -16.55
N ILE A 10 -9.51 -6.47 -15.57
CA ILE A 10 -10.20 -5.82 -14.48
C ILE A 10 -9.35 -4.69 -13.88
N THR A 11 -8.24 -5.07 -13.25
CA THR A 11 -7.35 -4.08 -12.64
C THR A 11 -5.93 -4.63 -12.56
N ASN A 12 -5.03 -4.05 -13.35
CA ASN A 12 -3.64 -4.48 -13.36
C ASN A 12 -2.80 -3.63 -12.41
N LEU A 13 -2.36 -4.24 -11.32
CA LEU A 13 -1.56 -3.54 -10.32
C LEU A 13 -0.12 -4.04 -10.34
N GLU A 14 0.05 -5.33 -10.62
CA GLU A 14 1.38 -5.93 -10.68
C GLU A 14 2.34 -5.07 -11.50
N ILE A 15 1.81 -4.43 -12.54
CA ILE A 15 2.61 -3.57 -13.41
C ILE A 15 3.40 -2.55 -12.59
N TYR A 16 2.80 -2.09 -11.49
CA TYR A 16 3.45 -1.12 -10.61
C TYR A 16 4.56 -1.77 -9.80
N GLU A 17 5.15 -1.00 -8.89
CA GLU A 17 6.22 -1.49 -8.04
C GLU A 17 5.83 -1.43 -6.57
N TRP A 18 5.06 -0.40 -6.21
CA TRP A 18 4.61 -0.22 -4.84
C TRP A 18 3.53 -1.22 -4.48
N TYR A 19 3.22 -2.12 -5.42
CA TYR A 19 2.20 -3.13 -5.20
C TYR A 19 2.83 -4.51 -5.00
N HIS A 20 3.16 -4.82 -3.75
CA HIS A 20 3.77 -6.11 -3.43
C HIS A 20 2.70 -7.18 -3.19
N ARG A 21 2.39 -7.93 -4.23
CA ARG A 21 1.39 -8.99 -4.14
C ARG A 21 2.03 -10.31 -3.72
N ASN A 22 3.17 -10.63 -4.32
CA ASN A 22 3.88 -11.87 -4.01
C ASN A 22 4.59 -11.77 -2.68
N ILE A 23 3.85 -11.41 -1.64
CA ILE A 23 4.41 -11.29 -0.30
C ILE A 23 3.37 -11.64 0.77
N THR A 24 3.81 -11.70 2.02
CA THR A 24 2.93 -12.03 3.13
C THR A 24 3.08 -11.01 4.26
N ARG A 25 2.12 -11.03 5.19
CA ARG A 25 2.15 -10.10 6.31
C ARG A 25 3.57 -9.88 6.81
N ASN A 26 4.28 -10.98 7.04
CA ASN A 26 5.66 -10.90 7.52
C ASN A 26 6.51 -10.04 6.59
N GLN A 27 6.52 -10.40 5.30
CA GLN A 27 7.29 -9.67 4.31
C GLN A 27 6.99 -8.17 4.37
N ALA A 28 5.72 -7.83 4.22
CA ALA A 28 5.29 -6.44 4.26
C ALA A 28 5.99 -5.68 5.40
N GLU A 29 5.71 -6.08 6.62
CA GLU A 29 6.31 -5.45 7.79
C GLU A 29 7.84 -5.49 7.70
N HIS A 30 8.39 -6.70 7.63
CA HIS A 30 9.83 -6.88 7.55
C HIS A 30 10.45 -5.88 6.57
N LEU A 31 10.11 -6.01 5.30
CA LEU A 31 10.62 -5.11 4.26
C LEU A 31 10.81 -3.70 4.81
N LEU A 32 9.74 -3.14 5.37
CA LEU A 32 9.78 -1.81 5.94
C LEU A 32 10.77 -1.73 7.10
N ARG A 33 10.67 -2.69 8.01
CA ARG A 33 11.56 -2.74 9.17
C ARG A 33 13.00 -2.55 8.76
N GLN A 34 13.44 -3.30 7.74
CA GLN A 34 14.81 -3.22 7.26
C GLN A 34 15.14 -1.79 6.83
N GLU A 35 14.24 -1.18 6.08
CA GLU A 35 14.43 0.20 5.61
C GLU A 35 14.54 1.16 6.78
N SER A 36 13.61 1.04 7.73
CA SER A 36 13.58 1.91 8.89
C SER A 36 13.63 3.38 8.49
N LYS A 37 12.73 3.75 7.59
CA LYS A 37 12.67 5.14 7.10
C LYS A 37 11.22 5.56 6.85
N GLU A 38 10.75 6.52 7.63
CA GLU A 38 9.38 7.02 7.50
C GLU A 38 8.98 7.09 6.02
N GLY A 39 7.69 6.93 5.77
CA GLY A 39 7.19 6.98 4.40
C GLY A 39 6.99 5.60 3.80
N ALA A 40 7.96 4.72 4.01
CA ALA A 40 7.88 3.36 3.50
C ALA A 40 6.43 2.86 3.48
N PHE A 41 5.84 2.81 2.29
CA PHE A 41 4.47 2.36 2.14
C PHE A 41 4.35 1.38 0.99
N ILE A 42 3.67 0.25 1.24
CA ILE A 42 3.49 -0.78 0.23
C ILE A 42 2.06 -1.31 0.24
N VAL A 43 1.55 -1.67 -0.94
CA VAL A 43 0.20 -2.19 -1.06
C VAL A 43 0.22 -3.71 -1.21
N ARG A 44 -0.03 -4.41 -0.11
CA ARG A 44 -0.04 -5.88 -0.12
C ARG A 44 -1.45 -6.39 -0.37
N ASP A 45 -1.54 -7.68 -0.72
CA ASP A 45 -2.83 -8.31 -0.99
C ASP A 45 -3.39 -8.95 0.27
N SER A 46 -4.70 -8.77 0.49
CA SER A 46 -5.36 -9.33 1.66
C SER A 46 -5.61 -10.83 1.48
N ARG A 47 -5.34 -11.60 2.52
CA ARG A 47 -5.54 -13.04 2.48
C ARG A 47 -6.99 -13.40 2.79
N HIS A 48 -7.52 -12.79 3.86
CA HIS A 48 -8.90 -13.05 4.27
C HIS A 48 -9.85 -12.90 3.09
N LEU A 49 -9.53 -12.01 2.18
CA LEU A 49 -10.36 -11.77 0.99
C LEU A 49 -9.58 -11.03 -0.08
N GLY A 50 -10.18 -10.92 -1.27
CA GLY A 50 -9.53 -10.23 -2.37
C GLY A 50 -9.51 -8.72 -2.17
N SER A 51 -9.13 -8.29 -0.98
CA SER A 51 -9.09 -6.86 -0.66
C SER A 51 -7.67 -6.32 -0.82
N TYR A 52 -7.49 -5.05 -0.49
CA TYR A 52 -6.19 -4.41 -0.60
C TYR A 52 -5.85 -3.66 0.69
N THR A 53 -4.64 -3.89 1.21
CA THR A 53 -4.19 -3.24 2.43
C THR A 53 -2.80 -2.66 2.26
N ILE A 54 -2.60 -1.45 2.78
CA ILE A 54 -1.30 -0.79 2.69
C ILE A 54 -0.55 -0.87 4.01
N SER A 55 0.77 -1.00 3.92
CA SER A 55 1.61 -1.09 5.12
C SER A 55 2.62 0.05 5.16
N VAL A 56 2.31 1.08 5.94
CA VAL A 56 3.19 2.23 6.07
C VAL A 56 4.11 2.09 7.27
N PHE A 57 5.30 2.68 7.17
CA PHE A 57 6.28 2.61 8.25
C PHE A 57 6.30 3.91 9.05
N MET A 58 5.96 3.80 10.34
CA MET A 58 5.94 4.97 11.21
C MET A 58 7.35 5.34 11.66
N GLY A 59 8.08 4.35 12.17
CA GLY A 59 9.43 4.60 12.64
C GLY A 59 9.59 4.36 14.12
N ALA A 60 10.67 3.68 14.50
CA ALA A 60 10.94 3.38 15.90
C ALA A 60 11.38 4.64 16.65
N ARG A 61 10.44 5.55 16.89
CA ARG A 61 10.74 6.79 17.59
C ARG A 61 10.35 6.68 19.07
N ARG A 62 10.64 5.52 19.66
CA ARG A 62 10.31 5.29 21.06
C ARG A 62 10.85 3.94 21.52
N SER A 63 11.05 3.80 22.83
CA SER A 63 11.58 2.56 23.39
C SER A 63 11.12 1.35 22.57
N THR A 64 9.89 1.40 22.09
CA THR A 64 9.34 0.31 21.29
C THR A 64 10.01 0.25 19.91
N GLU A 65 10.28 -0.97 19.45
CA GLU A 65 10.93 -1.16 18.16
C GLU A 65 10.17 -0.43 17.06
N ALA A 66 10.60 -0.62 15.82
CA ALA A 66 9.97 0.02 14.67
C ALA A 66 8.44 -0.01 14.81
N ALA A 67 7.76 0.81 14.01
CA ALA A 67 6.31 0.87 14.04
C ALA A 67 5.73 0.77 12.63
N ILE A 68 4.78 -0.15 12.45
CA ILE A 68 4.16 -0.35 11.16
C ILE A 68 2.63 -0.44 11.30
N LYS A 69 1.92 0.36 10.52
CA LYS A 69 0.47 0.37 10.55
C LYS A 69 -0.11 -0.38 9.35
N HIS A 70 -1.35 -0.82 9.47
CA HIS A 70 -2.02 -1.55 8.40
C HIS A 70 -3.32 -0.86 8.01
N TYR A 71 -3.32 -0.17 6.88
CA TYR A 71 -4.50 0.53 6.40
C TYR A 71 -5.22 -0.29 5.33
N GLN A 72 -6.37 -0.83 5.69
CA GLN A 72 -7.17 -1.63 4.76
C GLN A 72 -8.06 -0.76 3.90
N ILE A 73 -7.95 -0.91 2.58
CA ILE A 73 -8.74 -0.12 1.64
C ILE A 73 -10.13 -0.73 1.47
N LYS A 74 -11.14 0.00 1.95
CA LYS A 74 -12.53 -0.45 1.84
C LYS A 74 -13.22 0.18 0.65
N LYS A 75 -14.49 -0.17 0.45
CA LYS A 75 -15.26 0.37 -0.67
C LYS A 75 -16.57 0.98 -0.17
N ASN A 76 -16.95 2.10 -0.75
CA ASN A 76 -18.18 2.79 -0.37
C ASN A 76 -19.36 2.27 -1.18
N ASP A 77 -20.53 2.89 -1.00
CA ASP A 77 -21.74 2.49 -1.71
C ASP A 77 -21.62 2.80 -3.20
N SER A 78 -20.86 3.85 -3.51
CA SER A 78 -20.66 4.25 -4.90
C SER A 78 -19.53 3.47 -5.54
N GLY A 79 -19.19 2.34 -4.94
CA GLY A 79 -18.12 1.51 -5.47
C GLY A 79 -16.81 2.27 -5.61
N GLN A 80 -16.40 2.93 -4.54
CA GLN A 80 -15.17 3.69 -4.54
C GLN A 80 -14.24 3.25 -3.40
N TRP A 81 -12.96 3.13 -3.71
CA TRP A 81 -11.98 2.72 -2.71
C TRP A 81 -11.58 3.88 -1.82
N TYR A 82 -11.37 3.59 -0.53
CA TYR A 82 -10.99 4.62 0.43
C TYR A 82 -10.31 4.00 1.65
N VAL A 83 -9.51 4.81 2.34
CA VAL A 83 -8.80 4.34 3.52
C VAL A 83 -9.18 5.15 4.75
N ALA A 84 -9.19 6.48 4.60
CA ALA A 84 -9.54 7.37 5.70
C ALA A 84 -11.05 7.59 5.77
N GLU A 85 -11.80 6.72 5.10
CA GLU A 85 -13.26 6.81 5.09
C GLU A 85 -13.71 8.25 4.84
N ARG A 86 -12.86 9.02 4.17
CA ARG A 86 -13.17 10.41 3.87
C ARG A 86 -12.94 10.72 2.40
N HIS A 87 -11.99 10.02 1.79
CA HIS A 87 -11.67 10.21 0.38
C HIS A 87 -11.86 8.92 -0.40
N ALA A 88 -12.84 8.91 -1.30
CA ALA A 88 -13.12 7.74 -2.11
C ALA A 88 -12.67 7.94 -3.55
N PHE A 89 -12.08 6.90 -4.14
CA PHE A 89 -11.61 6.98 -5.52
C PHE A 89 -12.36 5.99 -6.41
N GLN A 90 -11.94 5.89 -7.66
CA GLN A 90 -12.57 4.98 -8.61
C GLN A 90 -11.68 3.78 -8.90
N SER A 91 -10.37 3.97 -8.70
CA SER A 91 -9.41 2.90 -8.93
C SER A 91 -8.38 2.84 -7.82
N ILE A 92 -7.86 1.64 -7.56
CA ILE A 92 -6.86 1.45 -6.51
C ILE A 92 -5.61 2.30 -6.77
N PRO A 93 -5.11 2.23 -8.01
CA PRO A 93 -3.93 2.99 -8.42
C PRO A 93 -4.19 4.49 -8.49
N GLU A 94 -5.45 4.88 -8.29
CA GLU A 94 -5.82 6.29 -8.33
C GLU A 94 -5.79 6.90 -6.94
N LEU A 95 -6.24 6.14 -5.95
CA LEU A 95 -6.26 6.61 -4.57
C LEU A 95 -4.87 7.05 -4.12
N ILE A 96 -3.85 6.31 -4.56
CA ILE A 96 -2.47 6.62 -4.20
C ILE A 96 -1.89 7.67 -5.14
N TRP A 97 -2.40 7.71 -6.37
CA TRP A 97 -1.94 8.67 -7.36
C TRP A 97 -1.77 10.06 -6.74
N TYR A 98 -2.76 10.46 -5.96
CA TYR A 98 -2.72 11.77 -5.31
C TYR A 98 -2.08 11.68 -3.93
N HIS A 99 -2.59 10.76 -3.11
CA HIS A 99 -2.06 10.57 -1.77
C HIS A 99 -0.54 10.75 -1.74
N GLN A 100 0.12 10.32 -2.82
CA GLN A 100 1.57 10.44 -2.92
C GLN A 100 2.02 11.87 -2.67
N HIS A 101 1.37 12.82 -3.33
CA HIS A 101 1.70 14.22 -3.18
C HIS A 101 0.67 14.94 -2.29
N ASN A 102 0.23 14.26 -1.24
CA ASN A 102 -0.75 14.83 -0.32
C ASN A 102 -0.77 14.05 0.99
N ALA A 103 -0.77 14.78 2.10
CA ALA A 103 -0.79 14.16 3.42
C ALA A 103 -2.22 13.85 3.85
N ALA A 104 -3.02 13.35 2.91
CA ALA A 104 -4.40 13.00 3.19
C ALA A 104 -4.57 12.49 4.62
N GLY A 105 -5.59 12.97 5.30
CA GLY A 105 -5.84 12.55 6.67
C GLY A 105 -4.62 12.72 7.56
N LEU A 106 -4.75 12.32 8.82
CA LEU A 106 -3.65 12.44 9.78
C LEU A 106 -2.45 11.60 9.34
N MET A 107 -2.73 10.38 8.89
CA MET A 107 -1.68 9.48 8.43
C MET A 107 -0.58 10.25 7.70
N THR A 108 0.67 9.83 7.90
CA THR A 108 1.80 10.48 7.26
C THR A 108 1.72 10.36 5.75
N ARG A 109 2.25 11.36 5.04
CA ARG A 109 2.24 11.36 3.59
C ARG A 109 2.76 10.04 3.04
N LEU A 110 2.28 9.66 1.86
CA LEU A 110 2.70 8.42 1.22
C LEU A 110 3.99 8.62 0.43
N ARG A 111 5.11 8.66 1.14
CA ARG A 111 6.42 8.84 0.51
C ARG A 111 7.30 7.62 0.71
N TYR A 112 8.38 7.53 -0.07
CA TYR A 112 9.29 6.41 0.02
C TYR A 112 8.59 5.10 -0.31
N PRO A 113 7.96 5.04 -1.49
CA PRO A 113 7.24 3.85 -1.96
C PRO A 113 8.18 2.71 -2.30
N VAL A 114 8.49 1.89 -1.30
CA VAL A 114 9.39 0.75 -1.49
C VAL A 114 9.07 0.02 -2.80
N GLY A 115 10.10 -0.23 -3.59
CA GLY A 115 9.91 -0.91 -4.86
C GLY A 115 9.82 -2.41 -4.69
N LEU A 116 9.29 -3.09 -5.71
CA LEU A 116 9.15 -4.54 -5.67
C LEU A 116 10.48 -5.21 -5.31
N MET A 117 11.47 -5.05 -6.19
CA MET A 117 12.79 -5.63 -5.97
C MET A 117 13.45 -5.01 -4.74
N GLY A 118 13.37 -3.69 -4.63
CA GLY A 118 13.97 -3.00 -3.51
C GLY A 118 15.44 -3.32 -3.35
N SER A 119 16.15 -3.44 -4.47
CA SER A 119 17.57 -3.75 -4.45
C SER A 119 18.30 -3.02 -5.57
N SER A 120 19.22 -2.13 -5.20
CA SER A 120 19.98 -1.36 -6.17
C SER A 120 20.68 -2.29 -7.17
N GLY A 121 21.29 -3.36 -6.64
CA GLY A 121 21.99 -4.30 -7.49
C GLY A 121 23.49 -4.29 -7.26
N PRO A 122 24.20 -5.23 -7.90
CA PRO A 122 25.66 -5.34 -7.78
C PRO A 122 26.38 -4.18 -8.45
N SER A 123 27.67 -4.03 -8.13
CA SER A 123 28.48 -2.96 -8.70
C SER A 123 29.34 -3.49 -9.83
N SER A 124 28.93 -3.22 -11.07
CA SER A 124 29.67 -3.67 -12.24
C SER A 124 29.28 -2.86 -13.48
N GLY A 125 30.27 -2.22 -14.10
CA GLY A 125 30.02 -1.42 -15.28
C GLY A 125 30.20 -2.21 -16.56
N GLY A 1 -6.77 -14.80 -15.87
CA GLY A 1 -6.18 -13.92 -16.87
C GLY A 1 -7.02 -13.84 -18.13
N SER A 2 -7.48 -12.63 -18.45
CA SER A 2 -8.29 -12.42 -19.64
C SER A 2 -9.41 -13.45 -19.73
N SER A 3 -10.04 -13.74 -18.59
CA SER A 3 -11.12 -14.71 -18.53
C SER A 3 -12.48 -14.02 -18.64
N GLY A 4 -12.69 -13.02 -17.79
CA GLY A 4 -13.95 -12.29 -17.80
C GLY A 4 -14.05 -11.28 -16.68
N SER A 5 -14.79 -10.21 -16.91
CA SER A 5 -14.97 -9.16 -15.90
C SER A 5 -16.19 -9.44 -15.04
N SER A 6 -16.00 -10.22 -13.98
CA SER A 6 -17.09 -10.57 -13.08
C SER A 6 -17.68 -9.31 -12.44
N GLY A 7 -16.81 -8.44 -11.94
CA GLY A 7 -17.27 -7.22 -11.32
C GLY A 7 -16.84 -5.98 -12.08
N ASN A 8 -15.58 -5.59 -11.93
CA ASN A 8 -15.05 -4.42 -12.63
C ASN A 8 -13.97 -4.82 -13.62
N LYS A 9 -13.79 -3.98 -14.64
CA LYS A 9 -12.78 -4.24 -15.67
C LYS A 9 -11.46 -4.69 -15.04
N ILE A 10 -10.67 -5.42 -15.81
CA ILE A 10 -9.39 -5.91 -15.33
C ILE A 10 -8.55 -4.78 -14.74
N THR A 11 -7.95 -5.04 -13.58
CA THR A 11 -7.13 -4.04 -12.92
C THR A 11 -5.68 -4.52 -12.79
N ASN A 12 -4.81 -3.99 -13.64
CA ASN A 12 -3.40 -4.36 -13.63
C ASN A 12 -2.62 -3.48 -12.66
N LEU A 13 -2.20 -4.07 -11.54
CA LEU A 13 -1.45 -3.34 -10.53
C LEU A 13 0.01 -3.80 -10.51
N GLU A 14 0.22 -5.08 -10.78
CA GLU A 14 1.57 -5.64 -10.79
C GLU A 14 2.54 -4.73 -11.51
N ILE A 15 2.11 -4.19 -12.64
CA ILE A 15 2.94 -3.29 -13.42
C ILE A 15 3.72 -2.32 -12.52
N TYR A 16 3.09 -1.92 -11.42
CA TYR A 16 3.72 -1.01 -10.48
C TYR A 16 4.71 -1.74 -9.58
N GLU A 17 5.36 -1.00 -8.68
CA GLU A 17 6.32 -1.59 -7.77
C GLU A 17 5.83 -1.50 -6.33
N TRP A 18 5.08 -0.46 -6.03
CA TRP A 18 4.53 -0.26 -4.68
C TRP A 18 3.42 -1.26 -4.39
N TYR A 19 3.13 -2.12 -5.37
CA TYR A 19 2.09 -3.13 -5.22
C TYR A 19 2.68 -4.51 -5.01
N HIS A 20 3.02 -4.83 -3.76
CA HIS A 20 3.59 -6.13 -3.43
C HIS A 20 2.51 -7.18 -3.27
N ARG A 21 2.19 -7.87 -4.36
CA ARG A 21 1.16 -8.90 -4.34
C ARG A 21 1.75 -10.24 -3.89
N ASN A 22 2.87 -10.62 -4.49
CA ASN A 22 3.53 -11.87 -4.16
C ASN A 22 4.28 -11.76 -2.84
N ILE A 23 3.54 -11.46 -1.78
CA ILE A 23 4.14 -11.33 -0.45
C ILE A 23 3.16 -11.77 0.64
N THR A 24 3.62 -11.76 1.88
CA THR A 24 2.79 -12.16 3.01
C THR A 24 2.85 -11.13 4.13
N ARG A 25 1.87 -11.19 5.03
CA ARG A 25 1.82 -10.25 6.15
C ARG A 25 3.21 -9.91 6.65
N ASN A 26 4.04 -10.94 6.83
CA ASN A 26 5.41 -10.76 7.31
C ASN A 26 6.20 -9.86 6.36
N GLN A 27 6.33 -10.32 5.12
CA GLN A 27 7.07 -9.55 4.11
C GLN A 27 6.75 -8.07 4.21
N ALA A 28 5.47 -7.74 4.19
CA ALA A 28 5.02 -6.35 4.28
C ALA A 28 5.74 -5.62 5.41
N GLU A 29 5.53 -6.07 6.64
CA GLU A 29 6.16 -5.46 7.80
C GLU A 29 7.68 -5.47 7.66
N HIS A 30 8.24 -6.66 7.48
CA HIS A 30 9.67 -6.82 7.34
C HIS A 30 10.23 -5.80 6.35
N LEU A 31 9.87 -5.96 5.08
CA LEU A 31 10.35 -5.05 4.04
C LEU A 31 10.49 -3.63 4.57
N LEU A 32 9.49 -3.20 5.35
CA LEU A 32 9.51 -1.85 5.92
C LEU A 32 10.63 -1.71 6.95
N ARG A 33 10.70 -2.68 7.87
CA ARG A 33 11.72 -2.66 8.91
C ARG A 33 13.08 -2.25 8.33
N GLN A 34 13.52 -2.95 7.30
CA GLN A 34 14.79 -2.67 6.66
C GLN A 34 14.93 -1.18 6.37
N GLU A 35 13.85 -0.57 5.87
CA GLU A 35 13.85 0.85 5.56
C GLU A 35 14.01 1.69 6.82
N SER A 36 13.19 1.38 7.83
CA SER A 36 13.23 2.12 9.08
C SER A 36 13.29 3.63 8.83
N LYS A 37 12.34 4.13 8.06
CA LYS A 37 12.28 5.55 7.75
C LYS A 37 10.87 5.96 7.36
N GLU A 38 10.20 6.71 8.24
CA GLU A 38 8.85 7.17 7.98
C GLU A 38 8.64 7.46 6.50
N GLY A 39 7.73 6.72 5.88
CA GLY A 39 7.46 6.90 4.47
C GLY A 39 7.28 5.60 3.72
N ALA A 40 8.08 4.59 4.10
CA ALA A 40 8.01 3.29 3.46
C ALA A 40 6.57 2.75 3.47
N PHE A 41 6.02 2.55 2.28
CA PHE A 41 4.65 2.05 2.15
C PHE A 41 4.58 0.96 1.08
N ILE A 42 3.53 0.16 1.13
CA ILE A 42 3.34 -0.92 0.17
C ILE A 42 1.89 -1.39 0.16
N VAL A 43 1.46 -1.95 -0.97
CA VAL A 43 0.10 -2.45 -1.12
C VAL A 43 0.09 -3.95 -1.35
N ARG A 44 -0.29 -4.70 -0.33
CA ARG A 44 -0.34 -6.16 -0.42
C ARG A 44 -1.78 -6.65 -0.44
N ASP A 45 -1.97 -7.90 -0.84
CA ASP A 45 -3.30 -8.49 -0.90
C ASP A 45 -3.61 -9.29 0.36
N SER A 46 -4.80 -9.09 0.90
CA SER A 46 -5.21 -9.79 2.11
C SER A 46 -5.34 -11.29 1.87
N ARG A 47 -4.29 -12.03 2.19
CA ARG A 47 -4.28 -13.48 2.00
C ARG A 47 -5.65 -14.08 2.33
N HIS A 48 -6.39 -13.40 3.19
CA HIS A 48 -7.72 -13.85 3.60
C HIS A 48 -8.72 -13.66 2.46
N LEU A 49 -8.92 -12.41 2.07
CA LEU A 49 -9.87 -12.09 0.99
C LEU A 49 -9.17 -11.31 -0.12
N GLY A 50 -9.84 -11.20 -1.26
CA GLY A 50 -9.28 -10.47 -2.38
C GLY A 50 -9.30 -8.97 -2.18
N SER A 51 -8.94 -8.53 -0.98
CA SER A 51 -8.93 -7.10 -0.65
C SER A 51 -7.51 -6.54 -0.71
N TYR A 52 -7.37 -5.27 -0.38
CA TYR A 52 -6.07 -4.61 -0.39
C TYR A 52 -5.81 -3.89 0.94
N THR A 53 -4.53 -3.74 1.28
CA THR A 53 -4.15 -3.09 2.52
C THR A 53 -2.79 -2.41 2.38
N ILE A 54 -2.72 -1.13 2.77
CA ILE A 54 -1.48 -0.38 2.69
C ILE A 54 -0.71 -0.46 3.99
N SER A 55 0.53 -0.95 3.91
CA SER A 55 1.38 -1.08 5.09
C SER A 55 2.46 -0.01 5.10
N VAL A 56 2.26 1.02 5.92
CA VAL A 56 3.23 2.11 6.02
C VAL A 56 4.06 1.99 7.29
N PHE A 57 5.28 2.52 7.25
CA PHE A 57 6.18 2.47 8.39
C PHE A 57 6.13 3.77 9.18
N MET A 58 5.55 3.72 10.39
CA MET A 58 5.44 4.89 11.24
C MET A 58 6.78 5.22 11.89
N GLY A 59 7.33 4.25 12.62
CA GLY A 59 8.60 4.46 13.29
C GLY A 59 8.44 4.75 14.77
N ALA A 60 8.89 3.82 15.61
CA ALA A 60 8.79 3.98 17.05
C ALA A 60 9.62 5.18 17.52
N ARG A 61 9.45 5.54 18.79
CA ARG A 61 10.18 6.66 19.36
C ARG A 61 11.69 6.44 19.26
N ARG A 62 12.14 5.25 19.67
CA ARG A 62 13.55 4.91 19.63
C ARG A 62 13.85 3.95 18.47
N SER A 63 14.99 4.14 17.83
CA SER A 63 15.39 3.30 16.71
C SER A 63 15.32 1.82 17.09
N THR A 64 15.78 1.51 18.30
CA THR A 64 15.77 0.14 18.79
C THR A 64 14.41 -0.52 18.56
N GLU A 65 13.39 0.31 18.36
CA GLU A 65 12.04 -0.19 18.14
C GLU A 65 11.50 0.29 16.80
N ALA A 66 10.51 -0.43 16.26
CA ALA A 66 9.91 -0.08 14.99
C ALA A 66 8.40 0.10 15.12
N ALA A 67 7.77 0.61 14.07
CA ALA A 67 6.33 0.83 14.07
C ALA A 67 5.76 0.73 12.67
N ILE A 68 4.73 -0.11 12.51
CA ILE A 68 4.10 -0.30 11.21
C ILE A 68 2.58 -0.34 11.36
N LYS A 69 1.89 0.41 10.50
CA LYS A 69 0.43 0.45 10.52
C LYS A 69 -0.16 -0.36 9.38
N HIS A 70 -1.41 -0.76 9.53
CA HIS A 70 -2.10 -1.55 8.50
C HIS A 70 -3.42 -0.89 8.12
N TYR A 71 -3.46 -0.29 6.93
CA TYR A 71 -4.68 0.36 6.45
C TYR A 71 -5.37 -0.49 5.40
N GLN A 72 -6.51 -1.07 5.78
CA GLN A 72 -7.28 -1.91 4.88
C GLN A 72 -8.14 -1.07 3.95
N ILE A 73 -7.95 -1.24 2.64
CA ILE A 73 -8.72 -0.50 1.65
C ILE A 73 -10.12 -1.07 1.49
N LYS A 74 -11.10 -0.36 2.02
CA LYS A 74 -12.49 -0.79 1.94
C LYS A 74 -13.23 -0.03 0.83
N LYS A 75 -14.48 -0.42 0.59
CA LYS A 75 -15.29 0.22 -0.44
C LYS A 75 -16.59 0.75 0.15
N ASN A 76 -17.00 1.94 -0.29
CA ASN A 76 -18.22 2.55 0.18
C ASN A 76 -19.40 2.20 -0.72
N ASP A 77 -20.57 2.75 -0.41
CA ASP A 77 -21.78 2.50 -1.20
C ASP A 77 -21.54 2.83 -2.67
N SER A 78 -20.71 3.84 -2.91
CA SER A 78 -20.41 4.27 -4.28
C SER A 78 -19.36 3.36 -4.91
N GLY A 79 -19.16 2.18 -4.31
CA GLY A 79 -18.18 1.24 -4.84
C GLY A 79 -16.84 1.90 -5.13
N GLN A 80 -16.43 2.81 -4.26
CA GLN A 80 -15.17 3.52 -4.42
C GLN A 80 -14.17 3.10 -3.35
N TRP A 81 -12.90 3.04 -3.72
CA TRP A 81 -11.84 2.67 -2.78
C TRP A 81 -11.41 3.86 -1.93
N TYR A 82 -11.34 3.66 -0.62
CA TYR A 82 -10.94 4.72 0.29
C TYR A 82 -10.14 4.16 1.46
N VAL A 83 -9.38 5.03 2.12
CA VAL A 83 -8.57 4.61 3.26
C VAL A 83 -8.82 5.51 4.47
N ALA A 84 -8.74 6.82 4.25
CA ALA A 84 -8.96 7.78 5.32
C ALA A 84 -10.45 7.95 5.60
N GLU A 85 -11.27 7.16 4.92
CA GLU A 85 -12.72 7.22 5.10
C GLU A 85 -13.24 8.63 4.82
N ARG A 86 -12.49 9.37 3.99
CA ARG A 86 -12.87 10.73 3.64
C ARG A 86 -12.72 10.97 2.14
N HIS A 87 -11.74 10.30 1.54
CA HIS A 87 -11.49 10.44 0.11
C HIS A 87 -11.66 9.10 -0.60
N ALA A 88 -12.54 9.08 -1.60
CA ALA A 88 -12.80 7.86 -2.35
C ALA A 88 -12.41 8.04 -3.82
N PHE A 89 -11.86 6.98 -4.41
CA PHE A 89 -11.43 7.01 -5.81
C PHE A 89 -12.18 5.97 -6.62
N GLN A 90 -11.86 5.89 -7.91
CA GLN A 90 -12.50 4.94 -8.81
C GLN A 90 -11.59 3.75 -9.08
N SER A 91 -10.29 3.96 -8.93
CA SER A 91 -9.31 2.91 -9.18
C SER A 91 -8.29 2.83 -8.03
N ILE A 92 -7.79 1.63 -7.78
CA ILE A 92 -6.82 1.42 -6.71
C ILE A 92 -5.57 2.27 -6.93
N PRO A 93 -5.03 2.22 -8.15
CA PRO A 93 -3.84 2.98 -8.52
C PRO A 93 -4.10 4.49 -8.59
N GLU A 94 -5.34 4.88 -8.30
CA GLU A 94 -5.72 6.29 -8.33
C GLU A 94 -5.71 6.88 -6.92
N LEU A 95 -6.14 6.08 -5.94
CA LEU A 95 -6.18 6.53 -4.56
C LEU A 95 -4.78 6.92 -4.07
N ILE A 96 -3.78 6.17 -4.52
CA ILE A 96 -2.40 6.43 -4.12
C ILE A 96 -1.75 7.43 -5.07
N TRP A 97 -2.37 7.64 -6.22
CA TRP A 97 -1.85 8.58 -7.21
C TRP A 97 -1.69 9.97 -6.61
N TYR A 98 -2.71 10.44 -5.90
CA TYR A 98 -2.67 11.75 -5.27
C TYR A 98 -2.02 11.68 -3.90
N HIS A 99 -2.47 10.74 -3.07
CA HIS A 99 -1.92 10.57 -1.74
C HIS A 99 -0.41 10.72 -1.74
N GLN A 100 0.23 10.13 -2.75
CA GLN A 100 1.69 10.20 -2.87
C GLN A 100 2.17 11.64 -2.81
N HIS A 101 1.43 12.53 -3.46
CA HIS A 101 1.79 13.95 -3.48
C HIS A 101 1.25 14.67 -2.24
N ASN A 102 0.04 14.29 -1.82
CA ASN A 102 -0.58 14.89 -0.65
C ASN A 102 -1.52 13.90 0.04
N ALA A 103 -1.08 13.37 1.18
CA ALA A 103 -1.89 12.41 1.93
C ALA A 103 -3.14 13.07 2.50
N ALA A 104 -4.17 13.20 1.67
CA ALA A 104 -5.42 13.83 2.09
C ALA A 104 -6.14 12.96 3.13
N GLY A 105 -5.69 13.05 4.37
CA GLY A 105 -6.30 12.27 5.44
C GLY A 105 -5.56 12.41 6.75
N LEU A 106 -5.08 13.61 7.05
CA LEU A 106 -4.36 13.88 8.28
C LEU A 106 -3.50 12.67 8.67
N MET A 107 -2.73 12.16 7.72
CA MET A 107 -1.86 11.01 7.96
C MET A 107 -0.60 11.08 7.11
N THR A 108 0.48 10.48 7.60
CA THR A 108 1.74 10.47 6.88
C THR A 108 1.52 10.29 5.38
N ARG A 109 2.32 11.00 4.58
CA ARG A 109 2.20 10.92 3.12
C ARG A 109 3.26 9.97 2.56
N LEU A 110 2.85 9.18 1.56
CA LEU A 110 3.77 8.23 0.93
C LEU A 110 4.92 8.95 0.25
N ARG A 111 6.13 8.69 0.73
CA ARG A 111 7.32 9.33 0.16
C ARG A 111 8.31 8.27 -0.32
N TYR A 112 8.41 7.17 0.43
CA TYR A 112 9.33 6.10 0.08
C TYR A 112 8.57 4.87 -0.42
N PRO A 113 8.23 4.88 -1.72
CA PRO A 113 7.50 3.79 -2.36
C PRO A 113 8.34 2.53 -2.49
N VAL A 114 8.45 1.78 -1.39
CA VAL A 114 9.22 0.54 -1.38
C VAL A 114 9.05 -0.22 -2.69
N GLY A 115 10.16 -0.41 -3.40
CA GLY A 115 10.12 -1.12 -4.67
C GLY A 115 9.92 -2.61 -4.48
N LEU A 116 9.54 -3.29 -5.56
CA LEU A 116 9.31 -4.73 -5.51
C LEU A 116 10.61 -5.49 -5.31
N MET A 117 11.53 -5.37 -6.27
CA MET A 117 12.81 -6.03 -6.19
C MET A 117 13.31 -6.09 -4.74
N GLY A 118 13.11 -5.01 -4.00
CA GLY A 118 13.54 -4.96 -2.62
C GLY A 118 14.83 -5.73 -2.38
N SER A 119 14.73 -6.83 -1.66
CA SER A 119 15.90 -7.65 -1.36
C SER A 119 15.49 -8.92 -0.62
N SER A 120 16.14 -10.03 -0.95
CA SER A 120 15.85 -11.31 -0.33
C SER A 120 17.05 -12.25 -0.41
N GLY A 121 16.95 -13.39 0.27
CA GLY A 121 18.04 -14.35 0.25
C GLY A 121 17.97 -15.32 1.43
N PRO A 122 17.33 -16.46 1.22
CA PRO A 122 17.18 -17.49 2.26
C PRO A 122 18.50 -18.18 2.58
N SER A 123 18.67 -18.56 3.84
CA SER A 123 19.90 -19.22 4.28
C SER A 123 19.68 -20.73 4.39
N SER A 124 18.65 -21.12 5.13
CA SER A 124 18.34 -22.54 5.32
C SER A 124 17.13 -22.94 4.47
N GLY A 125 16.80 -24.23 4.52
CA GLY A 125 15.67 -24.73 3.75
C GLY A 125 15.84 -24.50 2.27
N GLY A 1 -25.12 5.69 -7.10
CA GLY A 1 -25.46 6.40 -8.32
C GLY A 1 -24.39 6.26 -9.38
N SER A 2 -24.81 5.96 -10.61
CA SER A 2 -23.87 5.80 -11.72
C SER A 2 -24.23 6.73 -12.86
N SER A 3 -23.21 7.31 -13.49
CA SER A 3 -23.42 8.24 -14.60
C SER A 3 -22.17 8.31 -15.49
N GLY A 4 -22.39 8.49 -16.78
CA GLY A 4 -21.27 8.57 -17.71
C GLY A 4 -20.62 7.22 -17.96
N SER A 5 -21.46 6.19 -18.10
CA SER A 5 -20.95 4.83 -18.34
C SER A 5 -19.65 4.59 -17.57
N SER A 6 -19.60 5.05 -16.33
CA SER A 6 -18.42 4.89 -15.49
C SER A 6 -17.91 3.46 -15.55
N GLY A 7 -18.80 2.51 -15.30
CA GLY A 7 -18.42 1.11 -15.33
C GLY A 7 -17.04 0.87 -14.73
N ASN A 8 -16.28 -0.03 -15.34
CA ASN A 8 -14.94 -0.35 -14.86
C ASN A 8 -14.00 -0.63 -16.02
N LYS A 9 -12.70 -0.62 -15.74
CA LYS A 9 -11.69 -0.87 -16.76
C LYS A 9 -10.47 -1.56 -16.17
N ILE A 10 -9.51 -1.90 -17.01
CA ILE A 10 -8.29 -2.56 -16.57
C ILE A 10 -7.85 -2.05 -15.20
N THR A 11 -7.62 -2.97 -14.28
CA THR A 11 -7.20 -2.62 -12.93
C THR A 11 -5.92 -3.34 -12.54
N ASN A 12 -4.97 -3.40 -13.47
CA ASN A 12 -3.69 -4.06 -13.22
C ASN A 12 -2.83 -3.26 -12.25
N LEU A 13 -2.40 -3.91 -11.17
CA LEU A 13 -1.57 -3.25 -10.17
C LEU A 13 -0.11 -3.67 -10.31
N GLU A 14 0.11 -4.90 -10.78
CA GLU A 14 1.46 -5.42 -10.97
C GLU A 14 2.35 -4.38 -11.63
N ILE A 15 1.82 -3.75 -12.68
CA ILE A 15 2.57 -2.73 -13.41
C ILE A 15 3.35 -1.82 -12.46
N TYR A 16 2.76 -1.57 -11.29
CA TYR A 16 3.39 -0.71 -10.30
C TYR A 16 4.43 -1.49 -9.50
N GLU A 17 5.22 -0.77 -8.69
CA GLU A 17 6.25 -1.39 -7.87
C GLU A 17 5.83 -1.43 -6.41
N TRP A 18 5.16 -0.37 -5.96
CA TRP A 18 4.70 -0.28 -4.58
C TRP A 18 3.69 -1.38 -4.27
N TYR A 19 3.13 -1.97 -5.31
CA TYR A 19 2.14 -3.03 -5.15
C TYR A 19 2.82 -4.39 -4.95
N HIS A 20 3.35 -4.60 -3.76
CA HIS A 20 4.03 -5.86 -3.44
C HIS A 20 3.05 -7.02 -3.44
N ARG A 21 2.93 -7.69 -4.58
CA ARG A 21 2.01 -8.82 -4.72
C ARG A 21 2.74 -10.13 -4.40
N ASN A 22 1.97 -11.12 -3.94
CA ASN A 22 2.53 -12.42 -3.60
C ASN A 22 3.31 -12.36 -2.29
N ILE A 23 2.76 -11.64 -1.32
CA ILE A 23 3.40 -11.49 -0.02
C ILE A 23 2.41 -11.70 1.12
N THR A 24 2.89 -11.63 2.35
CA THR A 24 2.04 -11.80 3.52
C THR A 24 2.36 -10.77 4.60
N ARG A 25 1.45 -10.62 5.55
CA ARG A 25 1.64 -9.65 6.63
C ARG A 25 3.11 -9.55 7.02
N ASN A 26 3.71 -10.70 7.35
CA ASN A 26 5.12 -10.73 7.74
C ASN A 26 5.98 -9.98 6.73
N GLN A 27 5.88 -10.37 5.46
CA GLN A 27 6.65 -9.74 4.40
C GLN A 27 6.43 -8.23 4.39
N ALA A 28 5.18 -7.82 4.23
CA ALA A 28 4.83 -6.40 4.20
C ALA A 28 5.61 -5.63 5.27
N GLU A 29 5.45 -6.04 6.52
CA GLU A 29 6.14 -5.38 7.63
C GLU A 29 7.65 -5.48 7.47
N HIS A 30 8.14 -6.71 7.37
CA HIS A 30 9.58 -6.95 7.21
C HIS A 30 10.19 -5.93 6.24
N LEU A 31 9.79 -6.02 4.97
CA LEU A 31 10.29 -5.12 3.96
C LEU A 31 10.48 -3.71 4.51
N LEU A 32 9.50 -3.26 5.30
CA LEU A 32 9.56 -1.93 5.90
C LEU A 32 10.62 -1.87 6.99
N ARG A 33 10.57 -2.83 7.92
CA ARG A 33 11.52 -2.89 9.01
C ARG A 33 12.96 -2.79 8.49
N GLN A 34 13.22 -3.46 7.37
CA GLN A 34 14.55 -3.45 6.76
C GLN A 34 14.97 -2.04 6.40
N GLU A 35 14.08 -1.30 5.75
CA GLU A 35 14.35 0.07 5.34
C GLU A 35 14.63 0.95 6.55
N SER A 36 13.72 0.92 7.52
CA SER A 36 13.86 1.72 8.73
C SER A 36 13.87 3.21 8.40
N LYS A 37 12.99 3.61 7.50
CA LYS A 37 12.90 5.01 7.09
C LYS A 37 11.44 5.44 6.93
N GLU A 38 10.97 6.29 7.84
CA GLU A 38 9.60 6.77 7.79
C GLU A 38 9.15 7.00 6.35
N GLY A 39 7.86 6.74 6.09
CA GLY A 39 7.33 6.92 4.76
C GLY A 39 7.12 5.60 4.03
N ALA A 40 8.16 4.77 4.02
CA ALA A 40 8.10 3.48 3.35
C ALA A 40 6.69 2.90 3.43
N PHE A 41 6.05 2.73 2.28
CA PHE A 41 4.70 2.19 2.22
C PHE A 41 4.59 1.12 1.13
N ILE A 42 3.56 0.29 1.23
CA ILE A 42 3.35 -0.78 0.27
C ILE A 42 1.91 -1.27 0.30
N VAL A 43 1.44 -1.80 -0.83
CA VAL A 43 0.08 -2.31 -0.93
C VAL A 43 0.07 -3.80 -1.19
N ARG A 44 -0.34 -4.57 -0.19
CA ARG A 44 -0.40 -6.02 -0.31
C ARG A 44 -1.80 -6.48 -0.70
N ASP A 45 -1.91 -7.74 -1.11
CA ASP A 45 -3.20 -8.30 -1.51
C ASP A 45 -3.79 -9.16 -0.39
N SER A 46 -4.95 -8.74 0.12
CA SER A 46 -5.62 -9.46 1.20
C SER A 46 -5.88 -10.90 0.79
N ARG A 47 -5.48 -11.83 1.67
CA ARG A 47 -5.67 -13.26 1.42
C ARG A 47 -7.12 -13.67 1.69
N HIS A 48 -7.70 -13.12 2.75
CA HIS A 48 -9.07 -13.43 3.12
C HIS A 48 -10.04 -13.11 1.97
N LEU A 49 -9.76 -12.01 1.28
CA LEU A 49 -10.60 -11.59 0.16
C LEU A 49 -9.82 -10.69 -0.80
N GLY A 50 -10.47 -10.29 -1.88
CA GLY A 50 -9.82 -9.43 -2.86
C GLY A 50 -9.70 -8.00 -2.38
N SER A 51 -9.30 -7.83 -1.12
CA SER A 51 -9.15 -6.50 -0.54
C SER A 51 -7.71 -6.02 -0.64
N TYR A 52 -7.45 -4.83 -0.11
CA TYR A 52 -6.11 -4.26 -0.13
C TYR A 52 -5.79 -3.57 1.19
N THR A 53 -4.50 -3.51 1.51
CA THR A 53 -4.04 -2.89 2.75
C THR A 53 -2.70 -2.20 2.57
N ILE A 54 -2.60 -0.96 3.06
CA ILE A 54 -1.36 -0.20 2.94
C ILE A 54 -0.53 -0.32 4.21
N SER A 55 0.74 -0.70 4.04
CA SER A 55 1.64 -0.86 5.18
C SER A 55 2.73 0.21 5.16
N VAL A 56 2.52 1.28 5.92
CA VAL A 56 3.47 2.37 5.99
C VAL A 56 4.38 2.22 7.21
N PHE A 57 5.58 2.78 7.11
CA PHE A 57 6.55 2.71 8.20
C PHE A 57 6.58 4.03 8.98
N MET A 58 6.19 3.96 10.25
CA MET A 58 6.19 5.14 11.11
C MET A 58 7.54 5.35 11.78
N GLY A 59 7.98 4.36 12.54
CA GLY A 59 9.26 4.45 13.23
C GLY A 59 9.12 5.01 14.63
N ALA A 60 9.84 4.41 15.57
CA ALA A 60 9.79 4.85 16.96
C ALA A 60 9.86 6.36 17.05
N ARG A 61 9.49 6.90 18.22
CA ARG A 61 9.51 8.34 18.43
C ARG A 61 10.83 8.78 19.07
N ARG A 62 11.12 8.24 20.25
CA ARG A 62 12.34 8.57 20.96
C ARG A 62 13.05 7.31 21.43
N SER A 63 13.16 6.32 20.54
CA SER A 63 13.81 5.05 20.87
C SER A 63 14.28 4.36 19.60
N THR A 64 15.14 3.35 19.78
CA THR A 64 15.66 2.59 18.65
C THR A 64 14.69 1.50 18.22
N GLU A 65 13.41 1.80 18.25
CA GLU A 65 12.38 0.84 17.86
C GLU A 65 11.78 1.19 16.50
N ALA A 66 10.79 0.42 16.08
CA ALA A 66 10.14 0.65 14.80
C ALA A 66 8.63 0.68 14.95
N ALA A 67 7.92 1.05 13.89
CA ALA A 67 6.46 1.12 13.91
C ALA A 67 5.89 1.00 12.50
N ILE A 68 4.84 0.20 12.37
CA ILE A 68 4.20 0.00 11.07
C ILE A 68 2.68 0.00 11.21
N LYS A 69 2.02 0.75 10.33
CA LYS A 69 0.56 0.85 10.35
C LYS A 69 -0.05 -0.02 9.24
N HIS A 70 -1.33 -0.35 9.40
CA HIS A 70 -2.02 -1.17 8.42
C HIS A 70 -3.38 -0.54 8.06
N TYR A 71 -3.46 0.04 6.87
CA TYR A 71 -4.69 0.67 6.41
C TYR A 71 -5.40 -0.20 5.38
N GLN A 72 -6.47 -0.87 5.81
CA GLN A 72 -7.23 -1.74 4.92
C GLN A 72 -8.15 -0.92 4.02
N ILE A 73 -7.85 -0.92 2.73
CA ILE A 73 -8.65 -0.18 1.77
C ILE A 73 -9.98 -0.88 1.49
N LYS A 74 -11.06 -0.31 2.02
CA LYS A 74 -12.40 -0.87 1.83
C LYS A 74 -13.11 -0.20 0.67
N LYS A 75 -14.31 -0.69 0.35
CA LYS A 75 -15.10 -0.14 -0.74
C LYS A 75 -16.51 0.19 -0.27
N ASN A 76 -17.09 1.24 -0.82
CA ASN A 76 -18.44 1.66 -0.47
C ASN A 76 -19.44 1.20 -1.52
N ASP A 77 -20.70 1.60 -1.34
CA ASP A 77 -21.76 1.24 -2.27
C ASP A 77 -21.42 1.71 -3.68
N SER A 78 -20.71 2.83 -3.77
CA SER A 78 -20.33 3.40 -5.06
C SER A 78 -19.10 2.69 -5.63
N GLY A 79 -18.82 1.48 -5.11
CA GLY A 79 -17.68 0.73 -5.56
C GLY A 79 -16.42 1.57 -5.64
N GLN A 80 -16.22 2.43 -4.65
CA GLN A 80 -15.05 3.30 -4.61
C GLN A 80 -14.13 2.92 -3.45
N TRP A 81 -12.83 2.86 -3.73
CA TRP A 81 -11.85 2.52 -2.71
C TRP A 81 -11.50 3.74 -1.86
N TYR A 82 -11.52 3.56 -0.54
CA TYR A 82 -11.21 4.64 0.38
C TYR A 82 -10.46 4.11 1.61
N VAL A 83 -9.62 4.96 2.18
CA VAL A 83 -8.84 4.58 3.36
C VAL A 83 -9.28 5.39 4.58
N ALA A 84 -9.30 6.71 4.43
CA ALA A 84 -9.70 7.58 5.52
C ALA A 84 -11.22 7.74 5.59
N GLU A 85 -11.92 6.81 4.94
CA GLU A 85 -13.38 6.83 4.93
C GLU A 85 -13.89 8.25 4.69
N ARG A 86 -13.09 9.06 4.01
CA ARG A 86 -13.47 10.44 3.71
C ARG A 86 -13.26 10.75 2.23
N HIS A 87 -12.27 10.10 1.62
CA HIS A 87 -11.98 10.31 0.22
C HIS A 87 -12.08 9.01 -0.57
N ALA A 88 -13.12 8.90 -1.39
CA ALA A 88 -13.35 7.71 -2.20
C ALA A 88 -12.85 7.91 -3.62
N PHE A 89 -12.16 6.90 -4.15
CA PHE A 89 -11.63 6.96 -5.51
C PHE A 89 -12.35 5.98 -6.42
N GLN A 90 -11.88 5.87 -7.66
CA GLN A 90 -12.48 4.97 -8.63
C GLN A 90 -11.58 3.74 -8.85
N SER A 91 -10.27 3.93 -8.66
CA SER A 91 -9.32 2.84 -8.84
C SER A 91 -8.30 2.82 -7.70
N ILE A 92 -7.78 1.64 -7.42
CA ILE A 92 -6.79 1.47 -6.36
C ILE A 92 -5.56 2.36 -6.61
N PRO A 93 -5.04 2.29 -7.84
CA PRO A 93 -3.86 3.08 -8.23
C PRO A 93 -4.17 4.57 -8.33
N GLU A 94 -5.42 4.93 -8.10
CA GLU A 94 -5.84 6.33 -8.16
C GLU A 94 -5.83 6.96 -6.77
N LEU A 95 -6.26 6.20 -5.78
CA LEU A 95 -6.30 6.68 -4.40
C LEU A 95 -4.90 7.11 -3.94
N ILE A 96 -3.89 6.36 -4.37
CA ILE A 96 -2.51 6.66 -4.00
C ILE A 96 -1.90 7.68 -4.96
N TRP A 97 -2.50 7.82 -6.13
CA TRP A 97 -2.02 8.77 -7.13
C TRP A 97 -1.89 10.16 -6.54
N TYR A 98 -2.94 10.61 -5.84
CA TYR A 98 -2.94 11.93 -5.23
C TYR A 98 -2.24 11.90 -3.87
N HIS A 99 -2.61 10.94 -3.04
CA HIS A 99 -2.02 10.80 -1.71
C HIS A 99 -0.52 11.11 -1.76
N GLN A 100 0.13 10.72 -2.84
CA GLN A 100 1.56 10.96 -3.00
C GLN A 100 1.88 12.44 -2.90
N HIS A 101 1.33 13.23 -3.82
CA HIS A 101 1.55 14.66 -3.83
C HIS A 101 0.95 15.33 -2.59
N ASN A 102 -0.31 15.01 -2.32
CA ASN A 102 -1.00 15.57 -1.17
C ASN A 102 -1.56 14.46 -0.27
N ALA A 103 -1.06 14.40 0.96
CA ALA A 103 -1.50 13.40 1.91
C ALA A 103 -2.99 13.54 2.21
N ALA A 104 -3.76 12.53 1.82
CA ALA A 104 -5.20 12.54 2.05
C ALA A 104 -5.64 11.36 2.91
N GLY A 105 -5.36 11.44 4.21
CA GLY A 105 -5.73 10.37 5.10
C GLY A 105 -4.61 10.00 6.05
N LEU A 106 -3.78 9.04 5.64
CA LEU A 106 -2.67 8.59 6.45
C LEU A 106 -2.03 9.75 7.21
N MET A 107 -1.36 9.45 8.31
CA MET A 107 -0.71 10.47 9.12
C MET A 107 0.70 10.76 8.60
N THR A 108 0.85 10.73 7.28
CA THR A 108 2.15 10.99 6.66
C THR A 108 2.03 10.99 5.13
N ARG A 109 2.96 11.69 4.48
CA ARG A 109 2.96 11.77 3.02
C ARG A 109 3.99 10.80 2.42
N LEU A 110 3.48 9.71 1.86
CA LEU A 110 4.35 8.70 1.26
C LEU A 110 5.58 9.34 0.63
N ARG A 111 6.76 9.01 1.14
CA ARG A 111 8.00 9.56 0.62
C ARG A 111 8.78 8.51 -0.16
N TYR A 112 9.07 7.38 0.49
CA TYR A 112 9.80 6.30 -0.15
C TYR A 112 8.86 5.17 -0.55
N PRO A 113 8.42 5.18 -1.82
CA PRO A 113 7.52 4.16 -2.35
C PRO A 113 8.20 2.81 -2.50
N VAL A 114 8.32 2.08 -1.40
CA VAL A 114 8.96 0.77 -1.40
C VAL A 114 8.39 -0.10 -2.52
N GLY A 115 9.22 -0.43 -3.50
CA GLY A 115 8.79 -1.25 -4.60
C GLY A 115 9.35 -2.67 -4.53
N LEU A 116 8.83 -3.55 -5.38
CA LEU A 116 9.27 -4.93 -5.41
C LEU A 116 10.77 -5.03 -5.07
N MET A 117 11.58 -4.29 -5.81
CA MET A 117 13.03 -4.29 -5.59
C MET A 117 13.35 -4.04 -4.12
N GLY A 118 13.43 -5.11 -3.35
CA GLY A 118 13.74 -4.98 -1.93
C GLY A 118 14.82 -5.95 -1.48
N SER A 119 14.44 -7.22 -1.33
CA SER A 119 15.38 -8.25 -0.90
C SER A 119 14.75 -9.64 -0.98
N SER A 120 15.52 -10.65 -0.62
CA SER A 120 15.04 -12.02 -0.66
C SER A 120 15.40 -12.76 0.63
N GLY A 121 16.69 -12.91 0.88
CA GLY A 121 17.15 -13.60 2.08
C GLY A 121 16.58 -14.99 2.19
N PRO A 122 17.25 -15.95 1.53
CA PRO A 122 16.82 -17.36 1.54
C PRO A 122 17.03 -18.02 2.91
N SER A 123 16.22 -19.02 3.20
CA SER A 123 16.31 -19.73 4.47
C SER A 123 16.61 -21.22 4.25
N SER A 124 17.51 -21.50 3.32
CA SER A 124 17.89 -22.87 3.00
C SER A 124 18.43 -23.58 4.24
N GLY A 125 17.96 -24.81 4.46
CA GLY A 125 18.41 -25.57 5.61
C GLY A 125 18.08 -27.05 5.49
N GLY A 1 -13.87 19.76 -9.39
CA GLY A 1 -15.02 18.89 -9.36
C GLY A 1 -14.65 17.43 -9.58
N SER A 2 -15.29 16.80 -10.56
CA SER A 2 -15.03 15.40 -10.88
C SER A 2 -15.05 15.18 -12.39
N SER A 3 -13.92 14.73 -12.92
CA SER A 3 -13.79 14.47 -14.35
C SER A 3 -14.00 12.98 -14.65
N GLY A 4 -14.14 12.66 -15.94
CA GLY A 4 -14.34 11.28 -16.34
C GLY A 4 -15.69 10.74 -15.90
N SER A 5 -16.47 10.25 -16.87
CA SER A 5 -17.78 9.72 -16.57
C SER A 5 -17.72 8.21 -16.31
N SER A 6 -16.96 7.51 -17.15
CA SER A 6 -16.81 6.07 -17.01
C SER A 6 -15.49 5.72 -16.32
N GLY A 7 -15.46 4.57 -15.66
CA GLY A 7 -14.26 4.15 -14.96
C GLY A 7 -14.32 2.69 -14.52
N ASN A 8 -14.68 1.82 -15.45
CA ASN A 8 -14.79 0.39 -15.14
C ASN A 8 -13.90 -0.44 -16.06
N LYS A 9 -12.62 -0.52 -15.71
CA LYS A 9 -11.66 -1.28 -16.51
C LYS A 9 -10.85 -2.23 -15.63
N ILE A 10 -9.98 -3.01 -16.25
CA ILE A 10 -9.15 -3.95 -15.53
C ILE A 10 -8.28 -3.25 -14.49
N THR A 11 -7.95 -3.95 -13.41
CA THR A 11 -7.14 -3.38 -12.34
C THR A 11 -5.74 -3.99 -12.34
N ASN A 12 -4.85 -3.40 -13.13
CA ASN A 12 -3.47 -3.88 -13.23
C ASN A 12 -2.57 -3.12 -12.27
N LEU A 13 -2.11 -3.80 -11.22
CA LEU A 13 -1.23 -3.19 -10.24
C LEU A 13 0.19 -3.74 -10.36
N GLU A 14 0.31 -4.98 -10.81
CA GLU A 14 1.61 -5.62 -10.97
C GLU A 14 2.56 -4.73 -11.74
N ILE A 15 2.03 -4.02 -12.73
CA ILE A 15 2.83 -3.12 -13.55
C ILE A 15 3.60 -2.13 -12.68
N TYR A 16 3.04 -1.79 -11.52
CA TYR A 16 3.66 -0.86 -10.61
C TYR A 16 4.68 -1.57 -9.72
N GLU A 17 5.33 -0.82 -8.83
CA GLU A 17 6.32 -1.37 -7.93
C GLU A 17 5.84 -1.32 -6.48
N TRP A 18 5.12 -0.24 -6.15
CA TRP A 18 4.61 -0.07 -4.80
C TRP A 18 3.53 -1.10 -4.48
N TYR A 19 3.20 -1.92 -5.49
CA TYR A 19 2.18 -2.96 -5.32
C TYR A 19 2.82 -4.30 -5.01
N HIS A 20 3.12 -4.54 -3.74
CA HIS A 20 3.73 -5.80 -3.31
C HIS A 20 2.69 -6.90 -3.22
N ARG A 21 2.60 -7.71 -4.27
CA ARG A 21 1.65 -8.82 -4.31
C ARG A 21 2.35 -10.15 -4.08
N ASN A 22 1.57 -11.16 -3.69
CA ASN A 22 2.11 -12.48 -3.43
C ASN A 22 3.07 -12.46 -2.25
N ILE A 23 2.68 -11.76 -1.19
CA ILE A 23 3.51 -11.66 0.01
C ILE A 23 2.73 -12.06 1.25
N THR A 24 3.40 -12.03 2.41
CA THR A 24 2.77 -12.39 3.66
C THR A 24 2.98 -11.31 4.72
N ARG A 25 2.14 -11.30 5.74
CA ARG A 25 2.24 -10.32 6.80
C ARG A 25 3.69 -10.05 7.16
N ASN A 26 4.50 -11.11 7.22
CA ASN A 26 5.91 -10.98 7.55
C ASN A 26 6.63 -10.12 6.52
N GLN A 27 6.37 -10.40 5.24
CA GLN A 27 6.99 -9.64 4.16
C GLN A 27 6.66 -8.15 4.27
N ALA A 28 5.37 -7.84 4.32
CA ALA A 28 4.92 -6.45 4.42
C ALA A 28 5.73 -5.69 5.46
N GLU A 29 5.66 -6.15 6.71
CA GLU A 29 6.39 -5.51 7.80
C GLU A 29 7.89 -5.59 7.57
N HIS A 30 8.39 -6.82 7.45
CA HIS A 30 9.82 -7.04 7.25
C HIS A 30 10.40 -6.00 6.28
N LEU A 31 9.83 -5.95 5.08
CA LEU A 31 10.29 -5.00 4.06
C LEU A 31 10.51 -3.61 4.68
N LEU A 32 9.47 -3.10 5.33
CA LEU A 32 9.55 -1.78 5.96
C LEU A 32 10.64 -1.75 7.02
N ARG A 33 10.62 -2.73 7.91
CA ARG A 33 11.62 -2.82 8.98
C ARG A 33 13.01 -2.48 8.45
N GLN A 34 13.35 -3.04 7.28
CA GLN A 34 14.65 -2.80 6.68
C GLN A 34 14.86 -1.31 6.41
N GLU A 35 13.84 -0.67 5.84
CA GLU A 35 13.92 0.76 5.54
C GLU A 35 14.16 1.57 6.80
N SER A 36 13.47 1.20 7.88
CA SER A 36 13.60 1.89 9.14
C SER A 36 13.56 3.41 8.94
N LYS A 37 12.61 3.85 8.11
CA LYS A 37 12.46 5.27 7.83
C LYS A 37 11.01 5.61 7.51
N GLU A 38 10.58 6.80 7.89
CA GLU A 38 9.21 7.24 7.64
C GLU A 38 8.95 7.40 6.14
N GLY A 39 7.78 6.97 5.70
CA GLY A 39 7.44 7.06 4.29
C GLY A 39 7.25 5.71 3.65
N ALA A 40 8.16 4.79 3.94
CA ALA A 40 8.08 3.44 3.39
C ALA A 40 6.66 2.90 3.43
N PHE A 41 6.11 2.58 2.26
CA PHE A 41 4.75 2.07 2.17
C PHE A 41 4.63 1.04 1.04
N ILE A 42 3.61 0.20 1.11
CA ILE A 42 3.39 -0.82 0.10
C ILE A 42 1.93 -1.26 0.07
N VAL A 43 1.54 -1.95 -0.99
CA VAL A 43 0.17 -2.43 -1.13
C VAL A 43 0.14 -3.94 -1.34
N ARG A 44 -0.41 -4.65 -0.35
CA ARG A 44 -0.51 -6.11 -0.41
C ARG A 44 -1.95 -6.55 -0.63
N ASP A 45 -2.12 -7.78 -1.11
CA ASP A 45 -3.45 -8.32 -1.36
C ASP A 45 -3.99 -9.02 -0.12
N SER A 46 -5.27 -8.83 0.15
CA SER A 46 -5.91 -9.44 1.31
C SER A 46 -6.15 -10.93 1.08
N ARG A 47 -5.82 -11.74 2.08
CA ARG A 47 -6.00 -13.18 1.99
C ARG A 47 -7.45 -13.56 2.23
N HIS A 48 -8.07 -12.94 3.23
CA HIS A 48 -9.46 -13.22 3.56
C HIS A 48 -10.37 -13.01 2.35
N LEU A 49 -10.05 -12.00 1.55
CA LEU A 49 -10.82 -11.70 0.35
C LEU A 49 -10.00 -10.90 -0.65
N GLY A 50 -10.59 -10.61 -1.81
CA GLY A 50 -9.89 -9.86 -2.83
C GLY A 50 -9.79 -8.38 -2.49
N SER A 51 -9.40 -8.08 -1.26
CA SER A 51 -9.27 -6.70 -0.81
C SER A 51 -7.81 -6.25 -0.86
N TYR A 52 -7.56 -5.02 -0.43
CA TYR A 52 -6.22 -4.46 -0.42
C TYR A 52 -5.92 -3.79 0.91
N THR A 53 -4.65 -3.84 1.32
CA THR A 53 -4.23 -3.23 2.58
C THR A 53 -2.85 -2.62 2.45
N ILE A 54 -2.72 -1.36 2.83
CA ILE A 54 -1.45 -0.65 2.76
C ILE A 54 -0.68 -0.75 4.08
N SER A 55 0.64 -0.79 3.99
CA SER A 55 1.48 -0.90 5.18
C SER A 55 2.57 0.18 5.16
N VAL A 56 2.41 1.19 6.02
CA VAL A 56 3.38 2.28 6.10
C VAL A 56 4.26 2.13 7.33
N PHE A 57 5.43 2.75 7.29
CA PHE A 57 6.36 2.69 8.42
C PHE A 57 6.34 4.00 9.22
N MET A 58 5.76 3.95 10.41
CA MET A 58 5.67 5.12 11.27
C MET A 58 7.03 5.43 11.90
N GLY A 59 7.59 4.45 12.61
CA GLY A 59 8.87 4.65 13.25
C GLY A 59 8.74 5.04 14.70
N ALA A 60 9.04 4.10 15.60
CA ALA A 60 8.96 4.37 17.03
C ALA A 60 9.97 5.43 17.46
N ARG A 61 9.73 6.03 18.62
CA ARG A 61 10.62 7.07 19.14
C ARG A 61 11.85 6.44 19.77
N ARG A 62 11.63 5.51 20.70
CA ARG A 62 12.74 4.85 21.39
C ARG A 62 13.76 4.33 20.38
N SER A 63 14.91 3.90 20.90
CA SER A 63 15.99 3.38 20.05
C SER A 63 15.82 1.88 19.82
N THR A 64 16.21 1.41 18.64
CA THR A 64 16.11 0.00 18.30
C THR A 64 14.65 -0.44 18.24
N GLU A 65 13.78 0.42 17.73
CA GLU A 65 12.37 0.11 17.62
C GLU A 65 11.82 0.52 16.26
N ALA A 66 10.65 0.00 15.91
CA ALA A 66 10.02 0.30 14.64
C ALA A 66 8.50 0.22 14.73
N ALA A 67 7.81 1.11 14.03
CA ALA A 67 6.36 1.14 14.04
C ALA A 67 5.79 0.99 12.64
N ILE A 68 4.84 0.07 12.48
CA ILE A 68 4.22 -0.18 11.18
C ILE A 68 2.70 -0.26 11.31
N LYS A 69 2.01 0.49 10.47
CA LYS A 69 0.55 0.49 10.48
C LYS A 69 -0.01 -0.36 9.34
N HIS A 70 -1.31 -0.61 9.39
CA HIS A 70 -1.97 -1.41 8.36
C HIS A 70 -3.35 -0.84 8.02
N TYR A 71 -3.43 -0.20 6.84
CA TYR A 71 -4.68 0.40 6.40
C TYR A 71 -5.40 -0.52 5.41
N GLN A 72 -6.59 -0.96 5.80
CA GLN A 72 -7.39 -1.84 4.94
C GLN A 72 -8.25 -1.04 3.98
N ILE A 73 -7.92 -1.13 2.69
CA ILE A 73 -8.67 -0.41 1.67
C ILE A 73 -10.07 -0.98 1.50
N LYS A 74 -11.06 -0.26 2.00
CA LYS A 74 -12.46 -0.69 1.91
C LYS A 74 -13.15 -0.01 0.73
N LYS A 75 -14.40 -0.42 0.47
CA LYS A 75 -15.18 0.14 -0.62
C LYS A 75 -16.55 0.61 -0.13
N ASN A 76 -16.92 1.83 -0.49
CA ASN A 76 -18.19 2.39 -0.09
C ASN A 76 -19.33 1.83 -0.94
N ASP A 77 -20.56 2.25 -0.65
CA ASP A 77 -21.72 1.79 -1.38
C ASP A 77 -21.58 2.09 -2.87
N SER A 78 -20.94 3.22 -3.18
CA SER A 78 -20.74 3.62 -4.57
C SER A 78 -19.71 2.75 -5.25
N GLY A 79 -19.00 1.95 -4.46
CA GLY A 79 -17.98 1.07 -5.02
C GLY A 79 -16.66 1.80 -5.26
N GLN A 80 -16.33 2.74 -4.38
CA GLN A 80 -15.10 3.50 -4.52
C GLN A 80 -14.09 3.08 -3.46
N TRP A 81 -12.83 2.99 -3.85
CA TRP A 81 -11.76 2.60 -2.94
C TRP A 81 -11.32 3.78 -2.07
N TYR A 82 -11.40 3.60 -0.76
CA TYR A 82 -11.02 4.65 0.18
C TYR A 82 -10.37 4.06 1.43
N VAL A 83 -9.43 4.82 2.01
CA VAL A 83 -8.73 4.36 3.21
C VAL A 83 -9.00 5.31 4.38
N ALA A 84 -8.79 6.60 4.15
CA ALA A 84 -9.01 7.60 5.18
C ALA A 84 -10.47 8.00 5.27
N GLU A 85 -11.35 7.12 4.80
CA GLU A 85 -12.78 7.37 4.82
C GLU A 85 -13.07 8.85 4.63
N ARG A 86 -12.22 9.52 3.84
CA ARG A 86 -12.38 10.94 3.57
C ARG A 86 -12.22 11.23 2.08
N HIS A 87 -11.45 10.38 1.40
CA HIS A 87 -11.21 10.54 -0.03
C HIS A 87 -11.44 9.23 -0.78
N ALA A 88 -12.53 9.17 -1.54
CA ALA A 88 -12.86 7.99 -2.30
C ALA A 88 -12.43 8.12 -3.76
N PHE A 89 -11.92 7.03 -4.32
CA PHE A 89 -11.45 7.03 -5.70
C PHE A 89 -12.20 5.99 -6.53
N GLN A 90 -11.85 5.88 -7.80
CA GLN A 90 -12.48 4.91 -8.70
C GLN A 90 -11.55 3.75 -8.99
N SER A 91 -10.25 3.99 -8.87
CA SER A 91 -9.26 2.96 -9.13
C SER A 91 -8.25 2.87 -7.99
N ILE A 92 -7.72 1.68 -7.76
CA ILE A 92 -6.75 1.47 -6.70
C ILE A 92 -5.51 2.33 -6.91
N PRO A 93 -4.97 2.31 -8.14
CA PRO A 93 -3.78 3.10 -8.50
C PRO A 93 -4.06 4.60 -8.54
N GLU A 94 -5.31 4.97 -8.22
CA GLU A 94 -5.70 6.37 -8.21
C GLU A 94 -5.68 6.94 -6.79
N LEU A 95 -6.14 6.13 -5.83
CA LEU A 95 -6.19 6.55 -4.44
C LEU A 95 -4.79 6.94 -3.95
N ILE A 96 -3.79 6.24 -4.44
CA ILE A 96 -2.40 6.51 -4.06
C ILE A 96 -1.79 7.60 -4.93
N TRP A 97 -2.39 7.82 -6.09
CA TRP A 97 -1.91 8.83 -7.03
C TRP A 97 -1.79 10.19 -6.34
N TYR A 98 -2.78 10.51 -5.51
CA TYR A 98 -2.78 11.79 -4.80
C TYR A 98 -2.09 11.65 -3.45
N HIS A 99 -2.39 10.59 -2.73
CA HIS A 99 -1.80 10.34 -1.43
C HIS A 99 -0.30 10.64 -1.44
N GLN A 100 0.35 10.31 -2.56
CA GLN A 100 1.77 10.55 -2.71
C GLN A 100 2.09 12.04 -2.70
N HIS A 101 1.39 12.79 -3.56
CA HIS A 101 1.59 14.23 -3.65
C HIS A 101 1.23 14.91 -2.34
N ASN A 102 0.14 14.47 -1.73
CA ASN A 102 -0.31 15.04 -0.46
C ASN A 102 -0.70 13.94 0.52
N ALA A 103 -0.38 14.16 1.79
CA ALA A 103 -0.71 13.19 2.84
C ALA A 103 -2.22 13.13 3.08
N ALA A 104 -2.87 12.14 2.47
CA ALA A 104 -4.31 11.97 2.62
C ALA A 104 -4.62 10.98 3.74
N GLY A 105 -3.83 9.91 3.82
CA GLY A 105 -4.05 8.91 4.85
C GLY A 105 -3.85 9.47 6.25
N LEU A 106 -2.60 9.64 6.65
CA LEU A 106 -2.27 10.16 7.97
C LEU A 106 -1.12 11.15 7.90
N MET A 107 -0.82 11.78 9.02
CA MET A 107 0.28 12.75 9.10
C MET A 107 1.42 12.34 8.17
N THR A 108 1.62 11.04 8.01
CA THR A 108 2.68 10.52 7.16
C THR A 108 2.26 10.54 5.70
N ARG A 109 3.14 11.07 4.84
CA ARG A 109 2.85 11.16 3.42
C ARG A 109 3.74 10.20 2.63
N LEU A 110 3.12 9.32 1.84
CA LEU A 110 3.86 8.36 1.04
C LEU A 110 4.96 9.04 0.23
N ARG A 111 6.19 8.93 0.73
CA ARG A 111 7.33 9.55 0.04
C ARG A 111 8.32 8.49 -0.42
N TYR A 112 8.38 7.37 0.30
CA TYR A 112 9.28 6.28 -0.04
C TYR A 112 8.50 5.05 -0.51
N PRO A 113 8.12 5.05 -1.80
CA PRO A 113 7.36 3.94 -2.39
C PRO A 113 8.21 2.68 -2.53
N VAL A 114 8.35 1.95 -1.42
CA VAL A 114 9.13 0.72 -1.43
C VAL A 114 8.83 -0.12 -2.67
N GLY A 115 9.77 -0.12 -3.61
CA GLY A 115 9.60 -0.89 -4.84
C GLY A 115 9.63 -2.39 -4.60
N LEU A 116 9.15 -3.14 -5.56
CA LEU A 116 9.12 -4.60 -5.46
C LEU A 116 10.50 -5.14 -5.06
N MET A 117 11.49 -4.90 -5.92
CA MET A 117 12.85 -5.36 -5.65
C MET A 117 13.31 -4.92 -4.26
N GLY A 118 13.26 -3.62 -4.01
CA GLY A 118 13.67 -3.09 -2.72
C GLY A 118 15.19 -3.01 -2.59
N SER A 119 15.85 -4.16 -2.74
CA SER A 119 17.30 -4.22 -2.63
C SER A 119 17.89 -5.11 -3.72
N SER A 120 18.57 -4.49 -4.68
CA SER A 120 19.18 -5.22 -5.78
C SER A 120 20.01 -4.30 -6.65
N GLY A 121 21.06 -4.86 -7.26
CA GLY A 121 21.93 -4.07 -8.11
C GLY A 121 22.35 -4.81 -9.37
N PRO A 122 21.97 -4.27 -10.54
CA PRO A 122 22.31 -4.88 -11.83
C PRO A 122 23.79 -4.78 -12.14
N SER A 123 24.26 -5.66 -13.03
CA SER A 123 25.66 -5.68 -13.42
C SER A 123 25.86 -5.03 -14.79
N SER A 124 25.11 -5.50 -15.77
CA SER A 124 25.20 -4.96 -17.12
C SER A 124 24.10 -3.93 -17.37
N GLY A 125 24.29 -3.10 -18.39
CA GLY A 125 23.31 -2.08 -18.72
C GLY A 125 22.96 -2.07 -20.20
N GLY A 1 -8.27 -0.57 -23.69
CA GLY A 1 -8.36 -0.87 -25.11
C GLY A 1 -9.55 -0.19 -25.78
N SER A 2 -10.61 -0.95 -25.99
CA SER A 2 -11.81 -0.42 -26.63
C SER A 2 -12.11 0.99 -26.14
N SER A 3 -12.72 1.80 -27.00
CA SER A 3 -13.05 3.18 -26.66
C SER A 3 -14.00 3.22 -25.46
N GLY A 4 -13.43 3.24 -24.26
CA GLY A 4 -14.23 3.29 -23.05
C GLY A 4 -14.99 2.00 -22.82
N SER A 5 -15.39 1.76 -21.57
CA SER A 5 -16.12 0.55 -21.21
C SER A 5 -17.16 0.84 -20.14
N SER A 6 -18.03 -0.13 -19.88
CA SER A 6 -19.08 0.02 -18.88
C SER A 6 -18.96 -1.04 -17.79
N GLY A 7 -18.72 -0.60 -16.56
CA GLY A 7 -18.58 -1.52 -15.45
C GLY A 7 -17.13 -1.79 -15.09
N ASN A 8 -16.86 -3.00 -14.61
CA ASN A 8 -15.50 -3.38 -14.22
C ASN A 8 -14.49 -2.84 -15.22
N LYS A 9 -13.28 -2.57 -14.74
CA LYS A 9 -12.21 -2.06 -15.59
C LYS A 9 -10.86 -2.66 -15.20
N ILE A 10 -10.11 -3.11 -16.20
CA ILE A 10 -8.80 -3.71 -15.96
C ILE A 10 -8.06 -2.99 -14.84
N THR A 11 -7.52 -3.76 -13.89
CA THR A 11 -6.79 -3.19 -12.77
C THR A 11 -5.37 -3.75 -12.70
N ASN A 12 -4.46 -3.13 -13.42
CA ASN A 12 -3.07 -3.57 -13.45
C ASN A 12 -2.28 -2.92 -12.29
N LEU A 13 -1.78 -3.76 -11.39
CA LEU A 13 -1.00 -3.28 -10.26
C LEU A 13 0.43 -3.76 -10.32
N GLU A 14 0.61 -4.99 -10.81
CA GLU A 14 1.94 -5.58 -10.94
C GLU A 14 2.91 -4.61 -11.62
N ILE A 15 2.40 -3.92 -12.65
CA ILE A 15 3.22 -2.97 -13.39
C ILE A 15 3.94 -2.01 -12.44
N TYR A 16 3.30 -1.70 -11.33
CA TYR A 16 3.88 -0.79 -10.34
C TYR A 16 4.90 -1.51 -9.47
N GLU A 17 5.51 -0.77 -8.55
CA GLU A 17 6.50 -1.35 -7.65
C GLU A 17 6.00 -1.35 -6.21
N TRP A 18 5.30 -0.29 -5.82
CA TRP A 18 4.76 -0.18 -4.47
C TRP A 18 3.71 -1.25 -4.22
N TYR A 19 3.37 -2.00 -5.25
CA TYR A 19 2.38 -3.06 -5.15
C TYR A 19 3.04 -4.42 -4.92
N HIS A 20 3.39 -4.70 -3.68
CA HIS A 20 4.03 -5.97 -3.33
C HIS A 20 3.01 -7.09 -3.23
N ARG A 21 2.71 -7.72 -4.35
CA ARG A 21 1.74 -8.81 -4.39
C ARG A 21 2.42 -10.15 -4.13
N ASN A 22 1.62 -11.17 -3.83
CA ASN A 22 2.14 -12.51 -3.57
C ASN A 22 3.04 -12.51 -2.34
N ILE A 23 2.62 -11.77 -1.32
CA ILE A 23 3.38 -11.68 -0.08
C ILE A 23 2.51 -11.98 1.14
N THR A 24 3.13 -12.03 2.31
CA THR A 24 2.41 -12.31 3.54
C THR A 24 2.54 -11.16 4.53
N ARG A 25 1.90 -11.29 5.69
CA ARG A 25 1.94 -10.25 6.71
C ARG A 25 3.37 -9.98 7.14
N ASN A 26 4.18 -11.04 7.22
CA ASN A 26 5.58 -10.91 7.63
C ASN A 26 6.39 -10.17 6.56
N GLN A 27 6.13 -10.49 5.29
CA GLN A 27 6.83 -9.85 4.19
C GLN A 27 6.65 -8.33 4.22
N ALA A 28 5.39 -7.90 4.25
CA ALA A 28 5.09 -6.47 4.29
C ALA A 28 5.90 -5.76 5.36
N GLU A 29 5.67 -6.12 6.62
CA GLU A 29 6.39 -5.51 7.74
C GLU A 29 7.90 -5.64 7.54
N HIS A 30 8.37 -6.88 7.38
CA HIS A 30 9.79 -7.14 7.18
C HIS A 30 10.40 -6.11 6.23
N LEU A 31 9.94 -6.13 4.98
CA LEU A 31 10.45 -5.20 3.97
C LEU A 31 10.66 -3.81 4.56
N LEU A 32 9.67 -3.34 5.32
CA LEU A 32 9.75 -2.02 5.95
C LEU A 32 10.88 -1.98 6.98
N ARG A 33 10.81 -2.88 7.95
CA ARG A 33 11.81 -2.94 9.00
C ARG A 33 13.20 -2.64 8.44
N GLN A 34 13.56 -3.30 7.35
CA GLN A 34 14.86 -3.11 6.72
C GLN A 34 15.10 -1.62 6.45
N GLU A 35 14.08 -0.94 5.94
CA GLU A 35 14.20 0.48 5.63
C GLU A 35 14.30 1.31 6.91
N SER A 36 13.37 1.09 7.83
CA SER A 36 13.37 1.80 9.10
C SER A 36 13.43 3.32 8.86
N LYS A 37 12.49 3.82 8.06
CA LYS A 37 12.44 5.25 7.76
C LYS A 37 11.04 5.66 7.32
N GLU A 38 10.47 6.65 7.99
CA GLU A 38 9.14 7.13 7.67
C GLU A 38 8.94 7.21 6.15
N GLY A 39 7.73 6.91 5.71
CA GLY A 39 7.42 6.94 4.29
C GLY A 39 7.23 5.55 3.70
N ALA A 40 8.14 4.65 4.03
CA ALA A 40 8.07 3.28 3.53
C ALA A 40 6.64 2.78 3.49
N PHE A 41 6.00 2.87 2.33
CA PHE A 41 4.63 2.43 2.17
C PHE A 41 4.51 1.40 1.06
N ILE A 42 3.82 0.30 1.35
CA ILE A 42 3.64 -0.77 0.37
C ILE A 42 2.17 -1.13 0.22
N VAL A 43 1.85 -1.86 -0.84
CA VAL A 43 0.47 -2.27 -1.10
C VAL A 43 0.42 -3.70 -1.63
N ARG A 44 -0.48 -4.50 -1.07
CA ARG A 44 -0.64 -5.89 -1.48
C ARG A 44 -2.11 -6.27 -1.56
N ASP A 45 -2.37 -7.49 -2.04
CA ASP A 45 -3.74 -7.98 -2.17
C ASP A 45 -4.16 -8.75 -0.92
N SER A 46 -5.39 -8.52 -0.47
CA SER A 46 -5.92 -9.19 0.71
C SER A 46 -6.56 -10.53 0.34
N ARG A 47 -5.73 -11.51 0.04
CA ARG A 47 -6.21 -12.83 -0.33
C ARG A 47 -7.47 -13.20 0.44
N HIS A 48 -7.57 -12.69 1.67
CA HIS A 48 -8.72 -12.96 2.52
C HIS A 48 -10.01 -12.53 1.82
N LEU A 49 -10.06 -11.27 1.38
CA LEU A 49 -11.24 -10.75 0.70
C LEU A 49 -10.83 -9.92 -0.51
N GLY A 50 -11.82 -9.49 -1.28
CA GLY A 50 -11.55 -8.68 -2.46
C GLY A 50 -11.19 -7.25 -2.12
N SER A 51 -10.29 -7.09 -1.15
CA SER A 51 -9.86 -5.77 -0.71
C SER A 51 -8.34 -5.65 -0.77
N TYR A 52 -7.82 -4.51 -0.34
CA TYR A 52 -6.38 -4.26 -0.34
C TYR A 52 -5.93 -3.69 1.00
N THR A 53 -4.61 -3.68 1.22
CA THR A 53 -4.05 -3.16 2.45
C THR A 53 -2.69 -2.51 2.20
N ILE A 54 -2.44 -1.39 2.87
CA ILE A 54 -1.18 -0.68 2.71
C ILE A 54 -0.43 -0.62 4.04
N SER A 55 0.87 -0.92 3.98
CA SER A 55 1.70 -0.89 5.18
C SER A 55 2.69 0.27 5.13
N VAL A 56 2.51 1.23 6.03
CA VAL A 56 3.37 2.40 6.10
C VAL A 56 4.22 2.38 7.37
N PHE A 57 5.51 2.62 7.22
CA PHE A 57 6.43 2.64 8.35
C PHE A 57 6.36 3.97 9.09
N MET A 58 5.85 3.93 10.31
CA MET A 58 5.73 5.13 11.13
C MET A 58 7.05 5.45 11.83
N GLY A 59 7.65 4.43 12.43
CA GLY A 59 8.91 4.63 13.13
C GLY A 59 8.72 5.03 14.57
N ALA A 60 9.06 4.13 15.49
CA ALA A 60 8.92 4.40 16.91
C ALA A 60 9.91 5.46 17.36
N ARG A 61 9.42 6.45 18.11
CA ARG A 61 10.26 7.53 18.61
C ARG A 61 10.63 7.29 20.07
N ARG A 62 9.62 7.20 20.93
CA ARG A 62 9.84 6.98 22.34
C ARG A 62 11.00 6.00 22.57
N SER A 63 10.99 4.92 21.81
CA SER A 63 12.03 3.90 21.93
C SER A 63 12.67 3.60 20.57
N THR A 64 13.75 2.84 20.58
CA THR A 64 14.45 2.48 19.36
C THR A 64 13.79 1.29 18.68
N GLU A 65 12.47 1.22 18.76
CA GLU A 65 11.73 0.12 18.15
C GLU A 65 11.22 0.51 16.77
N ALA A 66 10.47 -0.39 16.14
CA ALA A 66 9.92 -0.15 14.81
C ALA A 66 8.40 -0.04 14.86
N ALA A 67 7.86 0.97 14.19
CA ALA A 67 6.42 1.18 14.15
C ALA A 67 5.88 1.02 12.73
N ILE A 68 4.93 0.11 12.55
CA ILE A 68 4.34 -0.12 11.24
C ILE A 68 2.82 -0.19 11.34
N LYS A 69 2.14 0.63 10.53
CA LYS A 69 0.69 0.67 10.52
C LYS A 69 0.13 -0.08 9.32
N HIS A 70 -1.11 -0.55 9.44
CA HIS A 70 -1.75 -1.28 8.35
C HIS A 70 -3.08 -0.63 7.98
N TYR A 71 -3.10 0.04 6.83
CA TYR A 71 -4.32 0.71 6.36
C TYR A 71 -5.10 -0.19 5.41
N GLN A 72 -6.31 -0.57 5.83
CA GLN A 72 -7.16 -1.44 5.02
C GLN A 72 -8.04 -0.61 4.09
N ILE A 73 -7.95 -0.89 2.79
CA ILE A 73 -8.74 -0.17 1.81
C ILE A 73 -10.11 -0.82 1.63
N LYS A 74 -11.14 -0.18 2.18
CA LYS A 74 -12.50 -0.68 2.08
C LYS A 74 -13.25 -0.02 0.93
N LYS A 75 -14.46 -0.50 0.66
CA LYS A 75 -15.28 0.05 -0.41
C LYS A 75 -16.63 0.51 0.11
N ASN A 76 -17.09 1.67 -0.37
CA ASN A 76 -18.37 2.22 0.06
C ASN A 76 -19.49 1.75 -0.86
N ASP A 77 -20.70 2.24 -0.61
CA ASP A 77 -21.86 1.87 -1.42
C ASP A 77 -21.61 2.16 -2.90
N SER A 78 -20.86 3.22 -3.17
CA SER A 78 -20.55 3.61 -4.53
C SER A 78 -19.44 2.74 -5.12
N GLY A 79 -19.12 1.66 -4.41
CA GLY A 79 -18.07 0.75 -4.87
C GLY A 79 -16.77 1.47 -5.13
N GLN A 80 -16.47 2.47 -4.31
CA GLN A 80 -15.24 3.23 -4.47
C GLN A 80 -14.24 2.91 -3.35
N TRP A 81 -12.97 2.86 -3.69
CA TRP A 81 -11.91 2.56 -2.73
C TRP A 81 -11.57 3.79 -1.91
N TYR A 82 -11.38 3.59 -0.61
CA TYR A 82 -11.05 4.69 0.30
C TYR A 82 -10.28 4.18 1.52
N VAL A 83 -9.34 5.00 2.00
CA VAL A 83 -8.54 4.62 3.16
C VAL A 83 -8.89 5.50 4.36
N ALA A 84 -8.94 6.80 4.15
CA ALA A 84 -9.27 7.74 5.21
C ALA A 84 -10.78 7.86 5.40
N GLU A 85 -11.52 7.03 4.68
CA GLU A 85 -12.98 7.04 4.77
C GLU A 85 -13.54 8.43 4.51
N ARG A 86 -12.78 9.24 3.77
CA ARG A 86 -13.20 10.60 3.44
C ARG A 86 -13.05 10.87 1.95
N HIS A 87 -12.05 10.24 1.34
CA HIS A 87 -11.81 10.43 -0.09
C HIS A 87 -11.86 9.08 -0.83
N ALA A 88 -12.91 8.89 -1.60
CA ALA A 88 -13.08 7.65 -2.37
C ALA A 88 -12.63 7.83 -3.81
N PHE A 89 -12.07 6.77 -4.39
CA PHE A 89 -11.60 6.80 -5.76
C PHE A 89 -12.30 5.74 -6.61
N GLN A 90 -11.87 5.62 -7.85
CA GLN A 90 -12.46 4.64 -8.77
C GLN A 90 -11.51 3.47 -9.01
N SER A 91 -10.22 3.72 -8.80
CA SER A 91 -9.20 2.69 -9.00
C SER A 91 -8.20 2.69 -7.86
N ILE A 92 -7.65 1.51 -7.56
CA ILE A 92 -6.67 1.38 -6.49
C ILE A 92 -5.46 2.28 -6.73
N PRO A 93 -4.92 2.22 -7.95
CA PRO A 93 -3.75 3.03 -8.34
C PRO A 93 -4.08 4.51 -8.44
N GLU A 94 -5.36 4.85 -8.25
CA GLU A 94 -5.80 6.23 -8.32
C GLU A 94 -5.81 6.88 -6.94
N LEU A 95 -6.22 6.11 -5.94
CA LEU A 95 -6.28 6.61 -4.57
C LEU A 95 -4.90 7.06 -4.11
N ILE A 96 -3.86 6.36 -4.55
CA ILE A 96 -2.50 6.69 -4.18
C ILE A 96 -1.90 7.71 -5.14
N TRP A 97 -2.55 7.89 -6.29
CA TRP A 97 -2.08 8.83 -7.30
C TRP A 97 -2.01 10.24 -6.72
N TYR A 98 -3.04 10.63 -5.96
CA TYR A 98 -3.08 11.96 -5.37
C TYR A 98 -2.49 11.94 -3.96
N HIS A 99 -3.00 11.04 -3.12
CA HIS A 99 -2.51 10.91 -1.75
C HIS A 99 -0.99 10.94 -1.70
N GLN A 100 -0.36 10.52 -2.80
CA GLN A 100 1.10 10.49 -2.89
C GLN A 100 1.68 11.86 -2.52
N HIS A 101 1.01 12.92 -2.95
CA HIS A 101 1.47 14.27 -2.67
C HIS A 101 0.58 14.95 -1.62
N ASN A 102 -0.73 14.85 -1.82
CA ASN A 102 -1.69 15.45 -0.90
C ASN A 102 -1.61 14.79 0.47
N ALA A 103 -1.45 13.47 0.48
CA ALA A 103 -1.36 12.71 1.72
C ALA A 103 -2.70 12.69 2.45
N ALA A 104 -3.79 12.67 1.69
CA ALA A 104 -5.13 12.64 2.26
C ALA A 104 -5.27 11.50 3.27
N GLY A 105 -5.79 11.83 4.45
CA GLY A 105 -5.98 10.82 5.48
C GLY A 105 -5.10 11.08 6.69
N LEU A 106 -3.87 11.52 6.46
CA LEU A 106 -2.94 11.79 7.55
C LEU A 106 -2.00 12.93 7.18
N MET A 107 -1.18 13.36 8.14
CA MET A 107 -0.24 14.45 7.92
C MET A 107 0.94 13.97 7.06
N THR A 108 1.42 12.76 7.35
CA THR A 108 2.54 12.20 6.60
C THR A 108 2.14 11.90 5.16
N ARG A 109 3.03 12.24 4.23
CA ARG A 109 2.77 12.01 2.81
C ARG A 109 3.41 10.71 2.35
N LEU A 110 2.65 9.90 1.64
CA LEU A 110 3.13 8.62 1.13
C LEU A 110 4.40 8.81 0.31
N ARG A 111 5.55 8.50 0.91
CA ARG A 111 6.83 8.64 0.24
C ARG A 111 7.68 7.38 0.43
N TYR A 112 8.86 7.38 -0.17
CA TYR A 112 9.78 6.25 -0.07
C TYR A 112 9.03 4.93 -0.26
N PRO A 113 8.32 4.82 -1.40
CA PRO A 113 7.55 3.61 -1.73
C PRO A 113 8.45 2.42 -2.06
N VAL A 114 8.79 1.65 -1.04
CA VAL A 114 9.64 0.47 -1.21
C VAL A 114 9.36 -0.20 -2.55
N GLY A 115 10.44 -0.48 -3.28
CA GLY A 115 10.29 -1.13 -4.58
C GLY A 115 10.09 -2.62 -4.46
N LEU A 116 9.67 -3.25 -5.55
CA LEU A 116 9.44 -4.69 -5.55
C LEU A 116 10.73 -5.46 -5.23
N MET A 117 11.73 -5.27 -6.06
CA MET A 117 13.02 -5.93 -5.87
C MET A 117 13.34 -6.07 -4.38
N GLY A 118 13.11 -5.00 -3.63
CA GLY A 118 13.37 -5.03 -2.20
C GLY A 118 14.58 -5.88 -1.84
N SER A 119 14.36 -6.91 -1.04
CA SER A 119 15.43 -7.80 -0.62
C SER A 119 14.92 -9.22 -0.41
N SER A 120 15.74 -10.20 -0.76
CA SER A 120 15.37 -11.60 -0.61
C SER A 120 15.64 -12.08 0.81
N GLY A 121 15.29 -13.34 1.07
CA GLY A 121 15.51 -13.91 2.39
C GLY A 121 15.42 -15.42 2.40
N PRO A 122 15.92 -16.03 3.48
CA PRO A 122 15.92 -17.50 3.63
C PRO A 122 14.52 -18.06 3.83
N SER A 123 14.20 -19.13 3.11
CA SER A 123 12.89 -19.76 3.20
C SER A 123 12.96 -21.02 4.07
N SER A 124 13.79 -21.97 3.67
CA SER A 124 13.94 -23.22 4.40
C SER A 124 15.37 -23.38 4.92
N GLY A 125 15.54 -23.26 6.23
CA GLY A 125 16.85 -23.39 6.82
C GLY A 125 17.45 -24.76 6.58
N GLY A 1 -10.01 -18.97 1.74
CA GLY A 1 -11.26 -18.26 1.81
C GLY A 1 -12.41 -19.15 2.24
N SER A 2 -13.59 -18.56 2.36
CA SER A 2 -14.78 -19.31 2.76
C SER A 2 -15.76 -19.45 1.60
N SER A 3 -16.12 -18.32 1.00
CA SER A 3 -17.05 -18.32 -0.13
C SER A 3 -16.65 -17.29 -1.17
N GLY A 4 -16.73 -17.68 -2.44
CA GLY A 4 -16.36 -16.78 -3.52
C GLY A 4 -17.52 -15.91 -3.96
N SER A 5 -17.60 -14.70 -3.41
CA SER A 5 -18.68 -13.77 -3.76
C SER A 5 -18.31 -12.94 -4.98
N SER A 6 -17.10 -12.39 -4.96
CA SER A 6 -16.61 -11.57 -6.07
C SER A 6 -15.10 -11.38 -6.00
N GLY A 7 -14.44 -11.48 -7.15
CA GLY A 7 -13.00 -11.32 -7.19
C GLY A 7 -12.43 -11.64 -8.56
N ASN A 8 -11.68 -10.68 -9.11
CA ASN A 8 -11.06 -10.87 -10.43
C ASN A 8 -9.77 -10.06 -10.54
N LYS A 9 -9.03 -10.31 -11.61
CA LYS A 9 -7.77 -9.60 -11.84
C LYS A 9 -7.91 -8.57 -12.96
N ILE A 10 -9.06 -7.90 -12.99
CA ILE A 10 -9.31 -6.88 -14.01
C ILE A 10 -8.38 -5.69 -13.84
N THR A 11 -8.15 -5.29 -12.59
CA THR A 11 -7.28 -4.17 -12.30
C THR A 11 -5.81 -4.58 -12.33
N ASN A 12 -4.98 -3.74 -12.92
CA ASN A 12 -3.54 -4.03 -13.02
C ASN A 12 -2.76 -3.20 -12.00
N LEU A 13 -2.03 -3.89 -11.13
CA LEU A 13 -1.23 -3.24 -10.09
C LEU A 13 0.21 -3.72 -10.13
N GLU A 14 0.39 -4.98 -10.54
CA GLU A 14 1.73 -5.56 -10.62
C GLU A 14 2.69 -4.61 -11.33
N ILE A 15 2.22 -4.00 -12.40
CA ILE A 15 3.04 -3.07 -13.17
C ILE A 15 3.75 -2.07 -12.26
N TYR A 16 3.12 -1.76 -11.13
CA TYR A 16 3.69 -0.81 -10.17
C TYR A 16 4.73 -1.50 -9.29
N GLU A 17 5.40 -0.71 -8.46
CA GLU A 17 6.42 -1.25 -7.56
C GLU A 17 5.94 -1.20 -6.11
N TRP A 18 5.11 -0.22 -5.79
CA TRP A 18 4.58 -0.06 -4.45
C TRP A 18 3.49 -1.08 -4.17
N TYR A 19 3.26 -1.97 -5.13
CA TYR A 19 2.24 -3.01 -4.99
C TYR A 19 2.88 -4.38 -4.77
N HIS A 20 3.31 -4.63 -3.54
CA HIS A 20 3.93 -5.91 -3.21
C HIS A 20 2.89 -7.00 -3.05
N ARG A 21 2.61 -7.71 -4.15
CA ARG A 21 1.63 -8.79 -4.14
C ARG A 21 2.31 -10.14 -3.92
N ASN A 22 1.54 -11.10 -3.42
CA ASN A 22 2.07 -12.43 -3.17
C ASN A 22 2.99 -12.43 -1.95
N ILE A 23 2.58 -11.74 -0.90
CA ILE A 23 3.37 -11.66 0.32
C ILE A 23 2.50 -11.89 1.56
N THR A 24 3.13 -11.83 2.73
CA THR A 24 2.41 -12.03 3.98
C THR A 24 2.82 -11.00 5.03
N ARG A 25 2.08 -10.93 6.12
CA ARG A 25 2.38 -9.99 7.19
C ARG A 25 3.88 -9.87 7.41
N ASN A 26 4.52 -10.99 7.70
CA ASN A 26 5.96 -11.01 7.94
C ASN A 26 6.70 -10.26 6.84
N GLN A 27 6.36 -10.57 5.59
CA GLN A 27 7.00 -9.93 4.44
C GLN A 27 6.73 -8.42 4.44
N ALA A 28 5.45 -8.07 4.49
CA ALA A 28 5.05 -6.67 4.50
C ALA A 28 5.87 -5.86 5.50
N GLU A 29 5.73 -6.19 6.78
CA GLU A 29 6.45 -5.50 7.83
C GLU A 29 7.95 -5.55 7.59
N HIS A 30 8.47 -6.75 7.34
CA HIS A 30 9.89 -6.95 7.09
C HIS A 30 10.39 -5.95 6.04
N LEU A 31 9.89 -6.09 4.82
CA LEU A 31 10.30 -5.21 3.73
C LEU A 31 10.49 -3.78 4.23
N LEU A 32 9.61 -3.35 5.11
CA LEU A 32 9.68 -2.00 5.67
C LEU A 32 10.83 -1.89 6.67
N ARG A 33 10.86 -2.80 7.63
CA ARG A 33 11.92 -2.81 8.65
C ARG A 33 13.28 -2.52 8.01
N GLN A 34 13.52 -3.10 6.85
CA GLN A 34 14.79 -2.90 6.15
C GLN A 34 15.04 -1.42 5.90
N GLU A 35 14.01 -0.71 5.47
CA GLU A 35 14.12 0.72 5.19
C GLU A 35 14.33 1.51 6.48
N SER A 36 13.50 1.24 7.48
CA SER A 36 13.59 1.92 8.76
C SER A 36 13.66 3.44 8.56
N LYS A 37 12.68 3.97 7.85
CA LYS A 37 12.63 5.41 7.60
C LYS A 37 11.21 5.84 7.19
N GLU A 38 10.61 6.71 7.98
CA GLU A 38 9.26 7.20 7.71
C GLU A 38 9.02 7.29 6.20
N GLY A 39 7.85 6.84 5.77
CA GLY A 39 7.51 6.88 4.35
C GLY A 39 7.41 5.50 3.75
N ALA A 40 8.34 4.63 4.10
CA ALA A 40 8.34 3.26 3.58
C ALA A 40 6.94 2.66 3.61
N PHE A 41 6.28 2.67 2.45
CA PHE A 41 4.93 2.13 2.35
C PHE A 41 4.85 1.10 1.23
N ILE A 42 3.79 0.29 1.24
CA ILE A 42 3.59 -0.74 0.22
C ILE A 42 2.12 -1.13 0.13
N VAL A 43 1.78 -1.88 -0.93
CA VAL A 43 0.42 -2.33 -1.14
C VAL A 43 0.38 -3.80 -1.56
N ARG A 44 -0.57 -4.54 -1.00
CA ARG A 44 -0.71 -5.95 -1.32
C ARG A 44 -2.18 -6.37 -1.35
N ASP A 45 -2.44 -7.61 -1.72
CA ASP A 45 -3.80 -8.12 -1.80
C ASP A 45 -4.16 -8.87 -0.52
N SER A 46 -5.36 -8.59 0.01
CA SER A 46 -5.82 -9.23 1.23
C SER A 46 -6.01 -10.74 1.02
N ARG A 47 -5.84 -11.50 2.09
CA ARG A 47 -5.98 -12.95 2.03
C ARG A 47 -7.38 -13.38 2.45
N HIS A 48 -7.91 -12.74 3.49
CA HIS A 48 -9.24 -13.04 3.99
C HIS A 48 -10.28 -12.89 2.89
N LEU A 49 -10.16 -11.82 2.11
CA LEU A 49 -11.09 -11.56 1.02
C LEU A 49 -10.40 -10.80 -0.11
N GLY A 50 -11.18 -10.41 -1.12
CA GLY A 50 -10.63 -9.68 -2.25
C GLY A 50 -10.41 -8.22 -1.94
N SER A 51 -9.92 -7.93 -0.73
CA SER A 51 -9.67 -6.57 -0.31
C SER A 51 -8.19 -6.21 -0.46
N TYR A 52 -7.83 -5.00 -0.04
CA TYR A 52 -6.45 -4.55 -0.13
C TYR A 52 -5.99 -3.94 1.19
N THR A 53 -4.68 -3.90 1.39
CA THR A 53 -4.11 -3.35 2.61
C THR A 53 -2.77 -2.67 2.34
N ILE A 54 -2.55 -1.53 2.98
CA ILE A 54 -1.30 -0.79 2.81
C ILE A 54 -0.54 -0.68 4.12
N SER A 55 0.74 -1.04 4.09
CA SER A 55 1.58 -0.98 5.29
C SER A 55 2.57 0.18 5.19
N VAL A 56 2.41 1.15 6.09
CA VAL A 56 3.29 2.32 6.10
C VAL A 56 4.22 2.28 7.31
N PHE A 57 5.49 2.60 7.09
CA PHE A 57 6.48 2.60 8.15
C PHE A 57 6.51 3.95 8.86
N MET A 58 6.16 3.95 10.15
CA MET A 58 6.15 5.17 10.94
C MET A 58 7.57 5.63 11.26
N GLY A 59 8.32 4.77 11.93
CA GLY A 59 9.69 5.11 12.28
C GLY A 59 9.92 5.14 13.78
N ALA A 60 11.03 4.54 14.21
CA ALA A 60 11.35 4.50 15.64
C ALA A 60 12.15 5.73 16.05
N ARG A 61 11.44 6.81 16.37
CA ARG A 61 12.09 8.05 16.79
C ARG A 61 12.41 8.03 18.28
N ARG A 62 13.46 7.29 18.64
CA ARG A 62 13.88 7.19 20.03
C ARG A 62 12.66 7.11 20.96
N SER A 63 11.55 6.61 20.42
CA SER A 63 10.32 6.48 21.20
C SER A 63 9.85 5.03 21.23
N THR A 64 9.58 4.47 20.06
CA THR A 64 9.12 3.09 19.96
C THR A 64 9.77 2.38 18.77
N GLU A 65 10.22 1.16 18.99
CA GLU A 65 10.87 0.38 17.94
C GLU A 65 10.12 0.53 16.62
N ALA A 66 10.77 0.13 15.53
CA ALA A 66 10.17 0.22 14.21
C ALA A 66 8.66 0.09 14.28
N ALA A 67 7.95 1.15 13.87
CA ALA A 67 6.49 1.15 13.90
C ALA A 67 5.92 0.98 12.49
N ILE A 68 4.92 0.12 12.37
CA ILE A 68 4.30 -0.15 11.08
C ILE A 68 2.77 -0.22 11.21
N LYS A 69 2.08 0.58 10.41
CA LYS A 69 0.63 0.60 10.43
C LYS A 69 0.04 -0.21 9.27
N HIS A 70 -1.24 -0.54 9.38
CA HIS A 70 -1.92 -1.31 8.34
C HIS A 70 -3.27 -0.70 7.99
N TYR A 71 -3.33 -0.03 6.85
CA TYR A 71 -4.57 0.61 6.41
C TYR A 71 -5.32 -0.27 5.41
N GLN A 72 -6.49 -0.74 5.81
CA GLN A 72 -7.31 -1.59 4.95
C GLN A 72 -8.13 -0.76 3.98
N ILE A 73 -8.14 -1.17 2.71
CA ILE A 73 -8.89 -0.47 1.68
C ILE A 73 -10.27 -1.09 1.48
N LYS A 74 -11.31 -0.35 1.84
CA LYS A 74 -12.67 -0.83 1.69
C LYS A 74 -13.37 -0.13 0.52
N LYS A 75 -14.56 -0.64 0.16
CA LYS A 75 -15.32 -0.06 -0.93
C LYS A 75 -16.64 0.52 -0.42
N ASN A 76 -17.01 1.69 -0.94
CA ASN A 76 -18.25 2.34 -0.55
C ASN A 76 -19.44 1.80 -1.34
N ASP A 77 -20.61 2.37 -1.10
CA ASP A 77 -21.82 1.94 -1.79
C ASP A 77 -21.70 2.19 -3.30
N SER A 78 -21.02 3.28 -3.67
CA SER A 78 -20.83 3.62 -5.07
C SER A 78 -19.64 2.88 -5.66
N GLY A 79 -19.21 1.82 -4.98
CA GLY A 79 -18.08 1.04 -5.44
C GLY A 79 -16.83 1.89 -5.61
N GLN A 80 -16.46 2.60 -4.56
CA GLN A 80 -15.27 3.45 -4.60
C GLN A 80 -14.28 3.05 -3.51
N TRP A 81 -13.01 2.97 -3.89
CA TRP A 81 -11.95 2.60 -2.94
C TRP A 81 -11.56 3.79 -2.07
N TYR A 82 -11.48 3.56 -0.76
CA TYR A 82 -11.12 4.61 0.17
C TYR A 82 -10.44 4.03 1.40
N VAL A 83 -9.52 4.80 2.00
CA VAL A 83 -8.81 4.36 3.19
C VAL A 83 -9.14 5.24 4.39
N ALA A 84 -9.02 6.55 4.20
CA ALA A 84 -9.31 7.51 5.26
C ALA A 84 -10.81 7.68 5.47
N GLU A 85 -11.59 6.98 4.64
CA GLU A 85 -13.05 7.05 4.73
C GLU A 85 -13.54 8.48 4.52
N ARG A 86 -12.73 9.26 3.81
CA ARG A 86 -13.08 10.66 3.53
C ARG A 86 -12.91 10.98 2.05
N HIS A 87 -11.95 10.31 1.41
CA HIS A 87 -11.69 10.53 -0.01
C HIS A 87 -11.81 9.21 -0.78
N ALA A 88 -12.92 9.04 -1.48
CA ALA A 88 -13.15 7.83 -2.28
C ALA A 88 -12.65 8.01 -3.70
N PHE A 89 -12.10 6.93 -4.26
CA PHE A 89 -11.58 6.96 -5.62
C PHE A 89 -12.31 5.95 -6.51
N GLN A 90 -11.88 5.84 -7.76
CA GLN A 90 -12.48 4.91 -8.70
C GLN A 90 -11.56 3.74 -8.99
N SER A 91 -10.26 3.94 -8.77
CA SER A 91 -9.27 2.91 -9.02
C SER A 91 -8.25 2.85 -7.88
N ILE A 92 -7.71 1.67 -7.64
CA ILE A 92 -6.71 1.48 -6.59
C ILE A 92 -5.50 2.38 -6.80
N PRO A 93 -4.97 2.37 -8.03
CA PRO A 93 -3.79 3.18 -8.40
C PRO A 93 -4.13 4.66 -8.45
N GLU A 94 -5.37 5.01 -8.14
CA GLU A 94 -5.80 6.40 -8.14
C GLU A 94 -5.82 6.97 -6.73
N LEU A 95 -6.22 6.15 -5.77
CA LEU A 95 -6.29 6.57 -4.38
C LEU A 95 -4.92 6.99 -3.87
N ILE A 96 -3.88 6.30 -4.33
CA ILE A 96 -2.52 6.60 -3.91
C ILE A 96 -1.89 7.65 -4.83
N TRP A 97 -2.54 7.89 -5.97
CA TRP A 97 -2.05 8.86 -6.94
C TRP A 97 -1.94 10.25 -6.30
N TYR A 98 -2.94 10.60 -5.50
CA TYR A 98 -2.97 11.91 -4.84
C TYR A 98 -2.30 11.82 -3.47
N HIS A 99 -2.72 10.85 -2.67
CA HIS A 99 -2.16 10.67 -1.33
C HIS A 99 -0.66 10.95 -1.32
N GLN A 100 0.04 10.37 -2.30
CA GLN A 100 1.49 10.56 -2.40
C GLN A 100 1.85 12.04 -2.32
N HIS A 101 1.18 12.86 -3.12
CA HIS A 101 1.43 14.30 -3.13
C HIS A 101 1.01 14.94 -1.81
N ASN A 102 -0.21 14.63 -1.38
CA ASN A 102 -0.74 15.18 -0.13
C ASN A 102 -1.56 14.13 0.61
N ALA A 103 -1.10 13.78 1.82
CA ALA A 103 -1.78 12.80 2.65
C ALA A 103 -3.13 13.32 3.14
N ALA A 104 -4.18 13.04 2.37
CA ALA A 104 -5.52 13.49 2.73
C ALA A 104 -6.05 12.72 3.94
N GLY A 105 -6.11 13.39 5.09
CA GLY A 105 -6.60 12.75 6.29
C GLY A 105 -5.48 12.15 7.12
N LEU A 106 -4.56 11.47 6.46
CA LEU A 106 -3.43 10.84 7.15
C LEU A 106 -2.33 11.86 7.44
N MET A 107 -1.60 11.64 8.52
CA MET A 107 -0.52 12.54 8.92
C MET A 107 0.69 12.35 8.01
N THR A 108 1.28 11.17 8.05
CA THR A 108 2.44 10.85 7.23
C THR A 108 2.06 10.61 5.78
N ARG A 109 2.79 11.24 4.87
CA ARG A 109 2.51 11.08 3.44
C ARG A 109 3.54 10.16 2.78
N LEU A 110 3.06 9.29 1.90
CA LEU A 110 3.94 8.36 1.20
C LEU A 110 5.08 9.09 0.51
N ARG A 111 6.30 8.83 0.97
CA ARG A 111 7.48 9.47 0.39
C ARG A 111 8.45 8.42 -0.17
N TYR A 112 8.63 7.34 0.57
CA TYR A 112 9.53 6.27 0.16
C TYR A 112 8.74 5.04 -0.27
N PRO A 113 8.28 5.03 -1.53
CA PRO A 113 7.50 3.92 -2.09
C PRO A 113 8.35 2.66 -2.29
N VAL A 114 8.57 1.92 -1.20
CA VAL A 114 9.36 0.70 -1.27
C VAL A 114 8.96 -0.16 -2.47
N GLY A 115 9.82 -0.19 -3.48
CA GLY A 115 9.54 -0.97 -4.67
C GLY A 115 10.16 -2.36 -4.60
N LEU A 116 9.81 -3.21 -5.57
CA LEU A 116 10.33 -4.56 -5.63
C LEU A 116 11.86 -4.56 -5.60
N MET A 117 12.46 -3.96 -6.63
CA MET A 117 13.91 -3.88 -6.73
C MET A 117 14.51 -3.35 -5.44
N GLY A 118 14.02 -2.20 -4.98
CA GLY A 118 14.52 -1.60 -3.77
C GLY A 118 16.01 -1.27 -3.84
N SER A 119 16.82 -2.06 -3.16
CA SER A 119 18.27 -1.85 -3.15
C SER A 119 18.98 -2.95 -3.91
N SER A 120 19.58 -2.59 -5.04
CA SER A 120 20.30 -3.54 -5.87
C SER A 120 21.79 -3.52 -5.56
N GLY A 121 22.35 -2.32 -5.48
CA GLY A 121 23.77 -2.18 -5.19
C GLY A 121 24.50 -1.43 -6.27
N PRO A 122 25.83 -1.33 -6.14
CA PRO A 122 26.69 -0.64 -7.10
C PRO A 122 26.78 -1.38 -8.44
N SER A 123 26.26 -0.75 -9.49
CA SER A 123 26.28 -1.35 -10.82
C SER A 123 27.46 -0.83 -11.64
N SER A 124 27.63 -1.38 -12.83
CA SER A 124 28.73 -0.98 -13.71
C SER A 124 28.58 -1.61 -15.09
N GLY A 125 28.99 -0.86 -16.12
CA GLY A 125 28.88 -1.37 -17.47
C GLY A 125 27.46 -1.43 -17.97
N GLY A 1 -12.55 -22.96 -10.39
CA GLY A 1 -12.17 -23.11 -8.99
C GLY A 1 -11.83 -21.80 -8.34
N SER A 2 -10.62 -21.29 -8.61
CA SER A 2 -10.16 -20.04 -8.04
C SER A 2 -10.72 -18.85 -8.82
N SER A 3 -10.65 -18.94 -10.15
CA SER A 3 -11.12 -17.87 -11.02
C SER A 3 -12.49 -18.23 -11.61
N GLY A 4 -13.55 -17.70 -11.01
CA GLY A 4 -14.89 -17.99 -11.49
C GLY A 4 -15.61 -16.73 -11.94
N SER A 5 -15.81 -15.80 -11.01
CA SER A 5 -16.50 -14.55 -11.32
C SER A 5 -15.87 -13.38 -10.56
N SER A 6 -15.37 -12.41 -11.31
CA SER A 6 -14.73 -11.23 -10.72
C SER A 6 -15.27 -9.95 -11.35
N GLY A 7 -15.38 -9.95 -12.67
CA GLY A 7 -15.87 -8.77 -13.37
C GLY A 7 -15.39 -8.71 -14.82
N ASN A 8 -15.48 -7.53 -15.41
CA ASN A 8 -15.05 -7.34 -16.79
C ASN A 8 -13.83 -6.43 -16.86
N LYS A 9 -13.95 -5.24 -16.29
CA LYS A 9 -12.86 -4.27 -16.28
C LYS A 9 -11.78 -4.67 -15.27
N ILE A 10 -10.88 -5.55 -15.69
CA ILE A 10 -9.80 -6.01 -14.83
C ILE A 10 -8.93 -4.85 -14.37
N THR A 11 -8.31 -4.99 -13.20
CA THR A 11 -7.45 -3.95 -12.66
C THR A 11 -5.98 -4.37 -12.72
N ASN A 12 -5.14 -3.49 -13.24
CA ASN A 12 -3.71 -3.77 -13.36
C ASN A 12 -2.92 -3.02 -12.29
N LEU A 13 -2.21 -3.77 -11.46
CA LEU A 13 -1.41 -3.18 -10.39
C LEU A 13 0.04 -3.64 -10.48
N GLU A 14 0.24 -4.88 -10.90
CA GLU A 14 1.57 -5.45 -11.03
C GLU A 14 2.52 -4.45 -11.71
N ILE A 15 2.01 -3.75 -12.72
CA ILE A 15 2.81 -2.77 -13.45
C ILE A 15 3.58 -1.87 -12.49
N TYR A 16 2.97 -1.56 -11.35
CA TYR A 16 3.60 -0.71 -10.35
C TYR A 16 4.60 -1.50 -9.51
N GLU A 17 5.31 -0.80 -8.63
CA GLU A 17 6.30 -1.43 -7.77
C GLU A 17 5.81 -1.50 -6.34
N TRP A 18 5.25 -0.39 -5.86
CA TRP A 18 4.73 -0.32 -4.50
C TRP A 18 3.70 -1.43 -4.23
N TYR A 19 3.15 -1.96 -5.31
CA TYR A 19 2.15 -3.02 -5.20
C TYR A 19 2.83 -4.39 -5.01
N HIS A 20 3.30 -4.63 -3.79
CA HIS A 20 3.96 -5.89 -3.47
C HIS A 20 2.95 -7.03 -3.38
N ARG A 21 2.97 -7.92 -4.37
CA ARG A 21 2.05 -9.05 -4.41
C ARG A 21 2.79 -10.34 -4.09
N ASN A 22 2.05 -11.33 -3.58
CA ASN A 22 2.63 -12.62 -3.24
C ASN A 22 3.45 -12.53 -1.95
N ILE A 23 2.92 -11.84 -0.95
CA ILE A 23 3.60 -11.67 0.32
C ILE A 23 2.64 -11.86 1.49
N THR A 24 3.17 -11.75 2.70
CA THR A 24 2.36 -11.91 3.90
C THR A 24 2.72 -10.86 4.94
N ARG A 25 1.88 -10.73 5.97
CA ARG A 25 2.11 -9.76 7.03
C ARG A 25 3.60 -9.64 7.34
N ASN A 26 4.22 -10.76 7.68
CA ASN A 26 5.65 -10.78 8.00
C ASN A 26 6.45 -10.04 6.93
N GLN A 27 6.25 -10.42 5.68
CA GLN A 27 6.96 -9.80 4.57
C GLN A 27 6.73 -8.30 4.55
N ALA A 28 5.46 -7.91 4.50
CA ALA A 28 5.11 -6.49 4.48
C ALA A 28 5.89 -5.71 5.52
N GLU A 29 5.64 -6.02 6.79
CA GLU A 29 6.33 -5.34 7.89
C GLU A 29 7.84 -5.43 7.72
N HIS A 30 8.33 -6.61 7.36
CA HIS A 30 9.75 -6.84 7.18
C HIS A 30 10.33 -5.83 6.18
N LEU A 31 9.89 -5.95 4.92
CA LEU A 31 10.37 -5.05 3.87
C LEU A 31 10.59 -3.64 4.42
N LEU A 32 9.64 -3.16 5.21
CA LEU A 32 9.73 -1.83 5.80
C LEU A 32 10.85 -1.77 6.83
N ARG A 33 10.80 -2.68 7.80
CA ARG A 33 11.82 -2.73 8.85
C ARG A 33 13.21 -2.47 8.28
N GLN A 34 13.51 -3.11 7.16
CA GLN A 34 14.81 -2.95 6.51
C GLN A 34 15.08 -1.49 6.20
N GLU A 35 14.08 -0.82 5.64
CA GLU A 35 14.22 0.60 5.29
C GLU A 35 14.32 1.47 6.54
N SER A 36 13.48 1.18 7.52
CA SER A 36 13.48 1.93 8.77
C SER A 36 13.46 3.44 8.50
N LYS A 37 12.63 3.84 7.54
CA LYS A 37 12.52 5.24 7.18
C LYS A 37 11.05 5.64 7.02
N GLU A 38 10.64 6.67 7.76
CA GLU A 38 9.26 7.15 7.70
C GLU A 38 8.83 7.38 6.25
N GLY A 39 7.64 6.91 5.92
CA GLY A 39 7.11 7.06 4.57
C GLY A 39 6.96 5.74 3.86
N ALA A 40 7.98 4.89 3.97
CA ALA A 40 7.95 3.58 3.32
C ALA A 40 6.56 2.95 3.40
N PHE A 41 5.99 2.66 2.23
CA PHE A 41 4.65 2.06 2.17
C PHE A 41 4.59 1.00 1.07
N ILE A 42 3.66 0.07 1.22
CA ILE A 42 3.48 -1.00 0.24
C ILE A 42 2.02 -1.41 0.12
N VAL A 43 1.70 -2.11 -0.96
CA VAL A 43 0.33 -2.56 -1.20
C VAL A 43 0.31 -4.02 -1.63
N ARG A 44 -0.38 -4.85 -0.86
CA ARG A 44 -0.48 -6.28 -1.17
C ARG A 44 -1.94 -6.68 -1.36
N ASP A 45 -2.15 -7.94 -1.75
CA ASP A 45 -3.50 -8.46 -1.97
C ASP A 45 -3.98 -9.24 -0.76
N SER A 46 -5.18 -8.88 -0.28
CA SER A 46 -5.76 -9.54 0.89
C SER A 46 -6.49 -10.82 0.48
N ARG A 47 -5.71 -11.85 0.12
CA ARG A 47 -6.29 -13.12 -0.29
C ARG A 47 -7.55 -13.44 0.50
N HIS A 48 -7.55 -13.08 1.78
CA HIS A 48 -8.69 -13.31 2.65
C HIS A 48 -9.98 -12.89 1.98
N LEU A 49 -10.04 -11.63 1.56
CA LEU A 49 -11.22 -11.08 0.91
C LEU A 49 -10.84 -10.23 -0.30
N GLY A 50 -11.84 -9.83 -1.07
CA GLY A 50 -11.58 -9.01 -2.25
C GLY A 50 -11.24 -7.58 -1.88
N SER A 51 -10.32 -7.41 -0.94
CA SER A 51 -9.91 -6.08 -0.50
C SER A 51 -8.39 -5.94 -0.58
N TYR A 52 -7.89 -4.78 -0.14
CA TYR A 52 -6.46 -4.51 -0.16
C TYR A 52 -5.99 -3.93 1.17
N THR A 53 -4.68 -3.81 1.32
CA THR A 53 -4.11 -3.27 2.56
C THR A 53 -2.78 -2.57 2.28
N ILE A 54 -2.54 -1.49 3.02
CA ILE A 54 -1.31 -0.72 2.85
C ILE A 54 -0.57 -0.58 4.18
N SER A 55 0.69 -1.02 4.20
CA SER A 55 1.50 -0.95 5.41
C SER A 55 2.50 0.19 5.32
N VAL A 56 2.30 1.22 6.14
CA VAL A 56 3.18 2.38 6.15
C VAL A 56 4.11 2.34 7.36
N PHE A 57 5.37 2.71 7.15
CA PHE A 57 6.36 2.73 8.23
C PHE A 57 6.34 4.06 8.97
N MET A 58 5.91 4.02 10.22
CA MET A 58 5.84 5.23 11.04
C MET A 58 7.21 5.57 11.62
N GLY A 59 7.86 4.57 12.22
CA GLY A 59 9.17 4.80 12.80
C GLY A 59 9.18 4.54 14.29
N ALA A 60 9.99 3.56 14.71
CA ALA A 60 10.10 3.21 16.12
C ALA A 60 9.93 4.44 17.01
N ARG A 61 8.92 4.40 17.87
CA ARG A 61 8.64 5.51 18.77
C ARG A 61 9.56 5.46 20.00
N ARG A 62 10.83 5.19 19.76
CA ARG A 62 11.81 5.11 20.84
C ARG A 62 11.21 4.48 22.08
N SER A 63 10.32 3.51 21.87
CA SER A 63 9.66 2.82 22.98
C SER A 63 9.99 1.33 22.96
N THR A 64 9.61 0.66 21.88
CA THR A 64 9.86 -0.77 21.75
C THR A 64 10.64 -1.07 20.48
N GLU A 65 10.00 -0.84 19.33
CA GLU A 65 10.65 -1.08 18.04
C GLU A 65 9.94 -0.33 16.92
N ALA A 66 10.43 -0.50 15.70
CA ALA A 66 9.84 0.17 14.54
C ALA A 66 8.32 0.18 14.64
N ALA A 67 7.69 1.17 14.00
CA ALA A 67 6.24 1.30 14.01
C ALA A 67 5.67 1.12 12.60
N ILE A 68 4.71 0.21 12.47
CA ILE A 68 4.07 -0.04 11.18
C ILE A 68 2.56 -0.16 11.32
N LYS A 69 1.84 0.61 10.52
CA LYS A 69 0.39 0.60 10.55
C LYS A 69 -0.18 -0.23 9.39
N HIS A 70 -1.44 -0.63 9.52
CA HIS A 70 -2.10 -1.43 8.49
C HIS A 70 -3.40 -0.78 8.06
N TYR A 71 -3.39 -0.15 6.88
CA TYR A 71 -4.58 0.50 6.36
C TYR A 71 -5.26 -0.36 5.30
N GLN A 72 -6.40 -0.94 5.65
CA GLN A 72 -7.15 -1.78 4.73
C GLN A 72 -8.04 -0.94 3.82
N ILE A 73 -7.89 -1.12 2.51
CA ILE A 73 -8.68 -0.38 1.54
C ILE A 73 -10.01 -1.08 1.28
N LYS A 74 -11.09 -0.49 1.78
CA LYS A 74 -12.42 -1.06 1.60
C LYS A 74 -13.18 -0.31 0.51
N LYS A 75 -14.44 -0.68 0.30
CA LYS A 75 -15.27 -0.05 -0.72
C LYS A 75 -16.59 0.43 -0.11
N ASN A 76 -17.10 1.54 -0.63
CA ASN A 76 -18.36 2.10 -0.14
C ASN A 76 -19.50 1.77 -1.09
N ASP A 77 -20.68 2.32 -0.81
CA ASP A 77 -21.85 2.08 -1.64
C ASP A 77 -21.59 2.50 -3.08
N SER A 78 -20.77 3.53 -3.26
CA SER A 78 -20.43 4.02 -4.59
C SER A 78 -19.34 3.16 -5.23
N GLY A 79 -19.13 1.98 -4.67
CA GLY A 79 -18.11 1.09 -5.19
C GLY A 79 -16.77 1.78 -5.41
N GLN A 80 -16.40 2.63 -4.46
CA GLN A 80 -15.14 3.38 -4.55
C GLN A 80 -14.19 2.96 -3.43
N TRP A 81 -12.90 2.90 -3.75
CA TRP A 81 -11.89 2.52 -2.77
C TRP A 81 -11.53 3.69 -1.87
N TYR A 82 -11.37 3.42 -0.58
CA TYR A 82 -11.04 4.47 0.37
C TYR A 82 -10.33 3.87 1.59
N VAL A 83 -9.63 4.71 2.33
CA VAL A 83 -8.91 4.28 3.53
C VAL A 83 -9.31 5.11 4.75
N ALA A 84 -9.29 6.43 4.59
CA ALA A 84 -9.64 7.34 5.66
C ALA A 84 -11.15 7.42 5.84
N GLU A 85 -11.89 6.77 4.94
CA GLU A 85 -13.34 6.77 5.00
C GLU A 85 -13.89 8.15 4.73
N ARG A 86 -13.12 8.97 4.02
CA ARG A 86 -13.53 10.33 3.68
C ARG A 86 -13.26 10.64 2.22
N HIS A 87 -12.19 10.07 1.69
CA HIS A 87 -11.81 10.29 0.29
C HIS A 87 -11.90 8.99 -0.50
N ALA A 88 -12.86 8.93 -1.42
CA ALA A 88 -13.04 7.74 -2.25
C ALA A 88 -12.56 7.99 -3.68
N PHE A 89 -11.93 6.98 -4.26
CA PHE A 89 -11.42 7.08 -5.63
C PHE A 89 -12.15 6.11 -6.56
N GLN A 90 -11.69 6.05 -7.80
CA GLN A 90 -12.29 5.17 -8.79
C GLN A 90 -11.44 3.92 -9.01
N SER A 91 -10.13 4.07 -8.81
CA SER A 91 -9.20 2.96 -9.00
C SER A 91 -8.21 2.88 -7.84
N ILE A 92 -7.70 1.68 -7.58
CA ILE A 92 -6.74 1.49 -6.50
C ILE A 92 -5.48 2.32 -6.72
N PRO A 93 -4.94 2.26 -7.95
CA PRO A 93 -3.73 3.01 -8.31
C PRO A 93 -3.99 4.51 -8.39
N GLU A 94 -5.24 4.91 -8.25
CA GLU A 94 -5.62 6.32 -8.31
C GLU A 94 -5.63 6.93 -6.91
N LEU A 95 -6.02 6.13 -5.93
CA LEU A 95 -6.08 6.60 -4.54
C LEU A 95 -4.70 7.01 -4.05
N ILE A 96 -3.69 6.23 -4.41
CA ILE A 96 -2.32 6.51 -4.01
C ILE A 96 -1.66 7.51 -4.96
N TRP A 97 -2.29 7.72 -6.11
CA TRP A 97 -1.76 8.66 -7.10
C TRP A 97 -1.61 10.05 -6.51
N TYR A 98 -2.63 10.50 -5.78
CA TYR A 98 -2.61 11.82 -5.17
C TYR A 98 -2.01 11.75 -3.77
N HIS A 99 -2.51 10.82 -2.96
CA HIS A 99 -2.01 10.66 -1.59
C HIS A 99 -0.50 10.85 -1.53
N GLN A 100 0.21 10.26 -2.48
CA GLN A 100 1.66 10.38 -2.54
C GLN A 100 2.09 11.83 -2.47
N HIS A 101 1.48 12.67 -3.30
CA HIS A 101 1.81 14.09 -3.34
C HIS A 101 1.39 14.78 -2.04
N ASN A 102 0.18 14.48 -1.58
CA ASN A 102 -0.34 15.06 -0.35
C ASN A 102 -1.15 14.04 0.45
N ALA A 103 -0.81 13.89 1.72
CA ALA A 103 -1.50 12.95 2.60
C ALA A 103 -2.97 13.32 2.74
N ALA A 104 -3.85 12.44 2.28
CA ALA A 104 -5.28 12.67 2.35
C ALA A 104 -5.96 11.63 3.24
N GLY A 105 -5.81 11.79 4.55
CA GLY A 105 -6.41 10.85 5.48
C GLY A 105 -5.55 10.62 6.71
N LEU A 106 -4.27 10.34 6.48
CA LEU A 106 -3.32 10.10 7.57
C LEU A 106 -2.32 11.23 7.70
N MET A 107 -1.75 11.38 8.88
CA MET A 107 -0.77 12.43 9.13
C MET A 107 0.42 12.31 8.17
N THR A 108 1.21 11.26 8.37
CA THR A 108 2.38 11.03 7.52
C THR A 108 1.97 10.73 6.08
N ARG A 109 2.77 11.20 5.14
CA ARG A 109 2.48 10.99 3.72
C ARG A 109 3.54 10.08 3.09
N LEU A 110 3.13 9.33 2.07
CA LEU A 110 4.04 8.42 1.38
C LEU A 110 5.19 9.19 0.74
N ARG A 111 6.42 8.77 1.04
CA ARG A 111 7.60 9.42 0.49
C ARG A 111 8.49 8.40 -0.23
N TYR A 112 8.74 7.28 0.43
CA TYR A 112 9.59 6.24 -0.14
C TYR A 112 8.74 5.05 -0.61
N PRO A 113 8.34 5.09 -1.89
CA PRO A 113 7.53 4.03 -2.49
C PRO A 113 8.30 2.73 -2.67
N VAL A 114 8.44 1.98 -1.57
CA VAL A 114 9.16 0.71 -1.61
C VAL A 114 8.83 -0.07 -2.87
N GLY A 115 9.85 -0.33 -3.69
CA GLY A 115 9.65 -1.06 -4.92
C GLY A 115 9.83 -2.55 -4.74
N LEU A 116 9.34 -3.34 -5.70
CA LEU A 116 9.45 -4.79 -5.64
C LEU A 116 10.91 -5.23 -5.64
N MET A 117 11.64 -4.86 -6.70
CA MET A 117 13.05 -5.21 -6.80
C MET A 117 13.71 -5.22 -5.44
N GLY A 118 13.49 -4.15 -4.67
CA GLY A 118 14.08 -4.04 -3.35
C GLY A 118 15.56 -4.38 -3.36
N SER A 119 16.03 -4.96 -2.25
CA SER A 119 17.44 -5.32 -2.13
C SER A 119 17.61 -6.84 -2.17
N SER A 120 16.77 -7.55 -1.42
CA SER A 120 16.83 -9.01 -1.37
C SER A 120 16.89 -9.60 -2.77
N GLY A 121 17.31 -10.85 -2.86
CA GLY A 121 17.40 -11.51 -4.15
C GLY A 121 17.42 -13.02 -4.02
N PRO A 122 16.25 -13.65 -4.13
CA PRO A 122 16.11 -15.11 -4.04
C PRO A 122 16.73 -15.84 -5.24
N SER A 123 16.73 -15.18 -6.39
CA SER A 123 17.28 -15.76 -7.60
C SER A 123 18.50 -16.61 -7.28
N SER A 124 18.47 -17.86 -7.71
CA SER A 124 19.57 -18.80 -7.46
C SER A 124 20.83 -18.33 -8.19
N GLY A 125 21.94 -18.30 -7.46
CA GLY A 125 23.20 -17.89 -8.04
C GLY A 125 24.27 -17.63 -7.00
N GLY A 1 -22.01 -9.50 3.55
CA GLY A 1 -20.76 -9.91 2.92
C GLY A 1 -20.78 -9.72 1.42
N SER A 2 -20.33 -10.74 0.69
CA SER A 2 -20.29 -10.68 -0.76
C SER A 2 -20.49 -12.06 -1.38
N SER A 3 -20.93 -12.10 -2.63
CA SER A 3 -21.16 -13.36 -3.32
C SER A 3 -20.18 -13.54 -4.47
N GLY A 4 -20.23 -12.62 -5.43
CA GLY A 4 -19.34 -12.69 -6.58
C GLY A 4 -20.07 -12.54 -7.90
N SER A 5 -19.45 -13.01 -8.97
CA SER A 5 -20.06 -12.92 -10.30
C SER A 5 -20.45 -11.49 -10.62
N SER A 6 -19.58 -10.54 -10.27
CA SER A 6 -19.84 -9.13 -10.52
C SER A 6 -18.91 -8.59 -11.59
N GLY A 7 -19.42 -7.66 -12.39
CA GLY A 7 -18.61 -7.06 -13.44
C GLY A 7 -17.52 -6.16 -12.90
N ASN A 8 -16.34 -6.73 -12.67
CA ASN A 8 -15.21 -5.96 -12.15
C ASN A 8 -14.25 -5.57 -13.27
N LYS A 9 -13.92 -4.29 -13.32
CA LYS A 9 -13.01 -3.78 -14.35
C LYS A 9 -11.58 -4.22 -14.06
N ILE A 10 -10.78 -4.36 -15.12
CA ILE A 10 -9.39 -4.77 -14.99
C ILE A 10 -8.60 -3.80 -14.11
N THR A 11 -7.81 -4.34 -13.21
CA THR A 11 -7.00 -3.52 -12.31
C THR A 11 -5.56 -3.99 -12.27
N ASN A 12 -4.77 -3.55 -13.24
CA ASN A 12 -3.36 -3.94 -13.32
C ASN A 12 -2.53 -3.15 -12.32
N LEU A 13 -2.05 -3.82 -11.28
CA LEU A 13 -1.24 -3.18 -10.25
C LEU A 13 0.21 -3.64 -10.34
N GLU A 14 0.40 -4.88 -10.79
CA GLU A 14 1.74 -5.44 -10.92
C GLU A 14 2.67 -4.48 -11.63
N ILE A 15 2.16 -3.83 -12.68
CA ILE A 15 2.96 -2.88 -13.45
C ILE A 15 3.68 -1.90 -12.53
N TYR A 16 3.10 -1.66 -11.36
CA TYR A 16 3.68 -0.73 -10.38
C TYR A 16 4.72 -1.44 -9.53
N GLU A 17 5.35 -0.69 -8.62
CA GLU A 17 6.36 -1.24 -7.74
C GLU A 17 5.89 -1.22 -6.29
N TRP A 18 5.14 -0.18 -5.93
CA TRP A 18 4.62 -0.04 -4.58
C TRP A 18 3.53 -1.08 -4.31
N TYR A 19 3.23 -1.89 -5.30
CA TYR A 19 2.21 -2.92 -5.16
C TYR A 19 2.83 -4.29 -4.91
N HIS A 20 3.21 -4.54 -3.66
CA HIS A 20 3.81 -5.80 -3.28
C HIS A 20 2.77 -6.91 -3.22
N ARG A 21 2.69 -7.70 -4.30
CA ARG A 21 1.73 -8.80 -4.36
C ARG A 21 2.41 -10.13 -4.08
N ASN A 22 1.63 -11.09 -3.62
CA ASN A 22 2.16 -12.42 -3.31
C ASN A 22 3.01 -12.38 -2.04
N ILE A 23 2.53 -11.67 -1.03
CA ILE A 23 3.25 -11.56 0.23
C ILE A 23 2.34 -11.84 1.42
N THR A 24 2.90 -11.84 2.62
CA THR A 24 2.15 -12.10 3.83
C THR A 24 2.42 -11.04 4.89
N ARG A 25 1.56 -10.97 5.90
CA ARG A 25 1.70 -10.01 6.98
C ARG A 25 3.18 -9.76 7.28
N ASN A 26 3.88 -10.82 7.66
CA ASN A 26 5.31 -10.72 7.98
C ASN A 26 6.05 -9.93 6.91
N GLN A 27 5.86 -10.33 5.65
CA GLN A 27 6.52 -9.65 4.54
C GLN A 27 6.23 -8.15 4.57
N ALA A 28 4.95 -7.80 4.54
CA ALA A 28 4.55 -6.40 4.56
C ALA A 28 5.38 -5.60 5.56
N GLU A 29 5.30 -5.99 6.83
CA GLU A 29 6.04 -5.31 7.89
C GLU A 29 7.54 -5.39 7.64
N HIS A 30 8.06 -6.62 7.56
CA HIS A 30 9.49 -6.83 7.33
C HIS A 30 10.00 -5.89 6.24
N LEU A 31 9.50 -6.07 5.03
CA LEU A 31 9.91 -5.24 3.90
C LEU A 31 10.16 -3.80 4.34
N LEU A 32 9.29 -3.29 5.22
CA LEU A 32 9.41 -1.93 5.72
C LEU A 32 10.52 -1.84 6.77
N ARG A 33 10.57 -2.82 7.67
CA ARG A 33 11.59 -2.85 8.72
C ARG A 33 12.98 -2.73 8.12
N GLN A 34 13.20 -3.39 6.99
CA GLN A 34 14.50 -3.36 6.32
C GLN A 34 14.92 -1.92 6.03
N GLU A 35 14.00 -1.13 5.50
CA GLU A 35 14.28 0.26 5.17
C GLU A 35 14.54 1.07 6.44
N SER A 36 13.63 0.97 7.40
CA SER A 36 13.75 1.70 8.66
C SER A 36 13.76 3.20 8.42
N LYS A 37 12.77 3.68 7.67
CA LYS A 37 12.65 5.10 7.37
C LYS A 37 11.18 5.52 7.27
N GLU A 38 10.90 6.76 7.63
CA GLU A 38 9.54 7.29 7.59
C GLU A 38 9.09 7.50 6.15
N GLY A 39 8.06 6.77 5.75
CA GLY A 39 7.55 6.90 4.39
C GLY A 39 7.34 5.56 3.72
N ALA A 40 8.26 4.63 3.98
CA ALA A 40 8.18 3.29 3.40
C ALA A 40 6.74 2.77 3.41
N PHE A 41 6.16 2.62 2.23
CA PHE A 41 4.79 2.14 2.11
C PHE A 41 4.69 1.05 1.05
N ILE A 42 3.63 0.25 1.13
CA ILE A 42 3.43 -0.84 0.17
C ILE A 42 1.95 -1.23 0.11
N VAL A 43 1.58 -1.92 -0.97
CA VAL A 43 0.20 -2.36 -1.15
C VAL A 43 0.13 -3.86 -1.38
N ARG A 44 -0.37 -4.58 -0.38
CA ARG A 44 -0.49 -6.03 -0.48
C ARG A 44 -1.94 -6.45 -0.73
N ASP A 45 -2.14 -7.71 -1.05
CA ASP A 45 -3.48 -8.24 -1.31
C ASP A 45 -4.04 -8.96 -0.09
N SER A 46 -5.30 -8.69 0.22
CA SER A 46 -5.95 -9.30 1.38
C SER A 46 -6.26 -10.77 1.11
N ARG A 47 -6.05 -11.61 2.11
CA ARG A 47 -6.30 -13.04 1.98
C ARG A 47 -7.79 -13.35 2.22
N HIS A 48 -8.33 -12.78 3.29
CA HIS A 48 -9.73 -13.00 3.64
C HIS A 48 -10.64 -12.70 2.44
N LEU A 49 -10.20 -11.79 1.58
CA LEU A 49 -10.97 -11.43 0.40
C LEU A 49 -10.11 -10.66 -0.60
N GLY A 50 -10.65 -10.43 -1.79
CA GLY A 50 -9.91 -9.70 -2.81
C GLY A 50 -9.80 -8.22 -2.51
N SER A 51 -9.43 -7.90 -1.26
CA SER A 51 -9.30 -6.51 -0.84
C SER A 51 -7.83 -6.07 -0.89
N TYR A 52 -7.58 -4.84 -0.47
CA TYR A 52 -6.23 -4.29 -0.46
C TYR A 52 -5.93 -3.60 0.86
N THR A 53 -4.65 -3.48 1.19
CA THR A 53 -4.23 -2.83 2.43
C THR A 53 -2.84 -2.22 2.27
N ILE A 54 -2.69 -0.98 2.75
CA ILE A 54 -1.41 -0.29 2.67
C ILE A 54 -0.63 -0.41 3.98
N SER A 55 0.67 -0.63 3.87
CA SER A 55 1.53 -0.77 5.05
C SER A 55 2.63 0.28 5.03
N VAL A 56 2.44 1.33 5.84
CA VAL A 56 3.42 2.41 5.92
C VAL A 56 4.28 2.27 7.18
N PHE A 57 5.51 2.75 7.10
CA PHE A 57 6.44 2.67 8.23
C PHE A 57 6.45 3.99 9.01
N MET A 58 5.88 3.96 10.21
CA MET A 58 5.81 5.15 11.05
C MET A 58 7.15 5.40 11.74
N GLY A 59 7.52 4.51 12.66
CA GLY A 59 8.77 4.65 13.37
C GLY A 59 8.58 4.85 14.86
N ALA A 60 9.20 3.99 15.66
CA ALA A 60 9.08 4.08 17.12
C ALA A 60 9.43 5.47 17.60
N ARG A 61 9.28 5.69 18.91
CA ARG A 61 9.58 6.99 19.51
C ARG A 61 11.08 7.19 19.65
N ARG A 62 11.73 7.59 18.55
CA ARG A 62 13.17 7.82 18.56
C ARG A 62 13.87 6.82 19.46
N SER A 63 13.56 5.54 19.27
CA SER A 63 14.16 4.47 20.07
C SER A 63 14.63 3.32 19.19
N THR A 64 15.17 2.28 19.82
CA THR A 64 15.65 1.11 19.08
C THR A 64 14.50 0.20 18.68
N GLU A 65 13.41 0.80 18.21
CA GLU A 65 12.24 0.03 17.80
C GLU A 65 11.70 0.55 16.47
N ALA A 66 10.64 -0.09 15.97
CA ALA A 66 10.02 0.30 14.72
C ALA A 66 8.50 0.30 14.82
N ALA A 67 7.85 1.12 14.01
CA ALA A 67 6.40 1.21 14.01
C ALA A 67 5.85 1.12 12.59
N ILE A 68 4.87 0.24 12.40
CA ILE A 68 4.26 0.05 11.09
C ILE A 68 2.72 0.08 11.20
N LYS A 69 2.10 0.84 10.31
CA LYS A 69 0.63 0.95 10.30
C LYS A 69 0.04 0.09 9.19
N HIS A 70 -1.23 -0.26 9.34
CA HIS A 70 -1.92 -1.09 8.35
C HIS A 70 -3.27 -0.46 7.97
N TYR A 71 -3.31 0.13 6.78
CA TYR A 71 -4.54 0.78 6.30
C TYR A 71 -5.27 -0.13 5.31
N GLN A 72 -6.28 -0.85 5.81
CA GLN A 72 -7.06 -1.75 4.98
C GLN A 72 -7.96 -0.96 4.02
N ILE A 73 -7.66 -1.05 2.74
CA ILE A 73 -8.44 -0.36 1.72
C ILE A 73 -9.82 -0.98 1.57
N LYS A 74 -10.85 -0.24 1.99
CA LYS A 74 -12.22 -0.72 1.90
C LYS A 74 -12.94 -0.08 0.71
N LYS A 75 -14.15 -0.55 0.43
CA LYS A 75 -14.95 -0.03 -0.66
C LYS A 75 -16.33 0.40 -0.18
N ASN A 76 -16.79 1.54 -0.68
CA ASN A 76 -18.10 2.07 -0.29
C ASN A 76 -19.21 1.36 -1.07
N ASP A 77 -20.44 1.79 -0.83
CA ASP A 77 -21.60 1.20 -1.51
C ASP A 77 -21.54 1.45 -3.01
N SER A 78 -20.99 2.61 -3.39
CA SER A 78 -20.87 2.97 -4.79
C SER A 78 -19.82 2.12 -5.49
N GLY A 79 -18.96 1.49 -4.71
CA GLY A 79 -17.92 0.65 -5.27
C GLY A 79 -16.61 1.40 -5.46
N GLN A 80 -16.36 2.39 -4.60
CA GLN A 80 -15.14 3.18 -4.70
C GLN A 80 -14.16 2.81 -3.59
N TRP A 81 -12.88 2.80 -3.92
CA TRP A 81 -11.84 2.46 -2.95
C TRP A 81 -11.53 3.65 -2.04
N TYR A 82 -11.45 3.39 -0.74
CA TYR A 82 -11.16 4.43 0.23
C TYR A 82 -10.47 3.86 1.46
N VAL A 83 -9.77 4.72 2.20
CA VAL A 83 -9.06 4.30 3.40
C VAL A 83 -9.55 5.06 4.62
N ALA A 84 -9.60 6.39 4.50
CA ALA A 84 -10.06 7.24 5.60
C ALA A 84 -11.58 7.29 5.66
N GLU A 85 -12.23 6.48 4.82
CA GLU A 85 -13.69 6.44 4.78
C GLU A 85 -14.26 7.83 4.57
N ARG A 86 -13.47 8.71 3.95
CA ARG A 86 -13.90 10.07 3.68
C ARG A 86 -13.62 10.46 2.24
N HIS A 87 -12.53 9.91 1.70
CA HIS A 87 -12.14 10.21 0.32
C HIS A 87 -12.17 8.93 -0.53
N ALA A 88 -13.18 8.81 -1.38
CA ALA A 88 -13.32 7.65 -2.25
C ALA A 88 -12.74 7.93 -3.64
N PHE A 89 -12.17 6.90 -4.25
CA PHE A 89 -11.58 7.04 -5.58
C PHE A 89 -12.29 6.12 -6.58
N GLN A 90 -11.78 6.09 -7.81
CA GLN A 90 -12.35 5.27 -8.85
C GLN A 90 -11.47 4.05 -9.15
N SER A 91 -10.19 4.19 -8.84
CA SER A 91 -9.23 3.10 -9.08
C SER A 91 -8.25 2.99 -7.92
N ILE A 92 -7.73 1.78 -7.71
CA ILE A 92 -6.77 1.54 -6.63
C ILE A 92 -5.52 2.39 -6.80
N PRO A 93 -4.96 2.38 -8.01
CA PRO A 93 -3.75 3.15 -8.34
C PRO A 93 -4.02 4.65 -8.38
N GLU A 94 -5.29 5.02 -8.21
CA GLU A 94 -5.66 6.43 -8.22
C GLU A 94 -5.72 7.00 -6.81
N LEU A 95 -6.14 6.15 -5.87
CA LEU A 95 -6.25 6.57 -4.47
C LEU A 95 -4.88 6.99 -3.92
N ILE A 96 -3.84 6.30 -4.37
CA ILE A 96 -2.48 6.61 -3.93
C ILE A 96 -1.86 7.70 -4.78
N TRP A 97 -2.50 7.99 -5.91
CA TRP A 97 -2.00 9.02 -6.83
C TRP A 97 -1.96 10.38 -6.14
N TYR A 98 -2.96 10.64 -5.30
CA TYR A 98 -3.04 11.91 -4.59
C TYR A 98 -2.35 11.82 -3.23
N HIS A 99 -2.65 10.75 -2.49
CA HIS A 99 -2.07 10.54 -1.18
C HIS A 99 -0.58 10.91 -1.18
N GLN A 100 0.09 10.65 -2.30
CA GLN A 100 1.51 10.96 -2.43
C GLN A 100 1.78 12.42 -2.07
N HIS A 101 1.12 13.33 -2.78
CA HIS A 101 1.29 14.76 -2.53
C HIS A 101 0.69 15.16 -1.19
N ASN A 102 -0.59 14.85 -1.01
CA ASN A 102 -1.30 15.18 0.23
C ASN A 102 -1.92 13.94 0.85
N ALA A 103 -1.53 13.64 2.08
CA ALA A 103 -2.05 12.48 2.79
C ALA A 103 -3.43 12.76 3.36
N ALA A 104 -4.44 12.78 2.49
CA ALA A 104 -5.82 13.04 2.91
C ALA A 104 -6.39 11.86 3.67
N GLY A 105 -6.04 11.75 4.95
CA GLY A 105 -6.53 10.65 5.77
C GLY A 105 -5.42 9.98 6.56
N LEU A 106 -4.37 9.56 5.87
CA LEU A 106 -3.25 8.90 6.51
C LEU A 106 -2.60 9.81 7.55
N MET A 107 -1.48 9.36 8.11
CA MET A 107 -0.76 10.14 9.11
C MET A 107 0.51 10.74 8.52
N THR A 108 1.22 9.96 7.73
CA THR A 108 2.45 10.41 7.10
C THR A 108 2.33 10.45 5.59
N ARG A 109 3.23 11.18 4.94
CA ARG A 109 3.22 11.29 3.48
C ARG A 109 4.18 10.30 2.84
N LEU A 110 3.70 9.55 1.86
CA LEU A 110 4.51 8.57 1.17
C LEU A 110 5.76 9.22 0.57
N ARG A 111 6.93 8.79 1.03
CA ARG A 111 8.19 9.33 0.54
C ARG A 111 8.99 8.26 -0.20
N TYR A 112 9.25 7.15 0.47
CA TYR A 112 10.00 6.05 -0.12
C TYR A 112 9.08 4.90 -0.51
N PRO A 113 8.64 4.91 -1.78
CA PRO A 113 7.75 3.87 -2.31
C PRO A 113 8.44 2.52 -2.45
N VAL A 114 8.57 1.81 -1.33
CA VAL A 114 9.21 0.49 -1.32
C VAL A 114 8.97 -0.24 -2.64
N GLY A 115 10.02 -0.40 -3.43
CA GLY A 115 9.88 -1.08 -4.70
C GLY A 115 9.59 -2.56 -4.53
N LEU A 116 9.02 -3.17 -5.57
CA LEU A 116 8.68 -4.59 -5.53
C LEU A 116 9.88 -5.42 -5.08
N MET A 117 10.95 -5.40 -5.88
CA MET A 117 12.16 -6.15 -5.57
C MET A 117 12.69 -5.76 -4.19
N GLY A 118 12.23 -6.49 -3.17
CA GLY A 118 12.67 -6.22 -1.81
C GLY A 118 13.32 -7.42 -1.16
N SER A 119 12.60 -8.54 -1.11
CA SER A 119 13.12 -9.75 -0.51
C SER A 119 13.41 -10.81 -1.57
N SER A 120 13.96 -11.94 -1.15
CA SER A 120 14.29 -13.02 -2.07
C SER A 120 14.59 -14.30 -1.30
N GLY A 121 14.81 -15.39 -2.04
CA GLY A 121 15.11 -16.66 -1.42
C GLY A 121 16.59 -16.95 -1.36
N PRO A 122 17.13 -17.05 -0.13
CA PRO A 122 18.56 -17.32 0.09
C PRO A 122 18.94 -18.74 -0.30
N SER A 123 18.15 -19.71 0.15
CA SER A 123 18.41 -21.11 -0.15
C SER A 123 17.11 -21.90 -0.27
N SER A 124 17.23 -23.17 -0.61
CA SER A 124 16.06 -24.04 -0.76
C SER A 124 16.42 -25.49 -0.48
N GLY A 125 15.44 -26.25 0.01
CA GLY A 125 15.67 -27.66 0.30
C GLY A 125 14.49 -28.53 -0.05
N GLY A 1 -26.01 15.32 -16.43
CA GLY A 1 -25.58 15.86 -17.72
C GLY A 1 -24.71 14.87 -18.49
N SER A 2 -23.54 14.57 -17.94
CA SER A 2 -22.61 13.65 -18.60
C SER A 2 -22.28 12.48 -17.67
N SER A 3 -23.31 11.95 -17.00
CA SER A 3 -23.14 10.83 -16.09
C SER A 3 -24.11 9.71 -16.40
N GLY A 4 -23.65 8.47 -16.26
CA GLY A 4 -24.51 7.33 -16.53
C GLY A 4 -23.73 6.14 -17.07
N SER A 5 -22.79 6.42 -17.96
CA SER A 5 -21.97 5.36 -18.56
C SER A 5 -20.87 4.92 -17.61
N SER A 6 -20.93 3.65 -17.20
CA SER A 6 -19.93 3.10 -16.27
C SER A 6 -20.02 1.58 -16.23
N GLY A 7 -18.87 0.92 -16.22
CA GLY A 7 -18.84 -0.52 -16.17
C GLY A 7 -17.59 -1.06 -15.51
N ASN A 8 -17.11 -2.21 -15.98
CA ASN A 8 -15.91 -2.83 -15.43
C ASN A 8 -14.68 -2.45 -16.24
N LYS A 9 -13.78 -1.68 -15.62
CA LYS A 9 -12.55 -1.25 -16.28
C LYS A 9 -11.35 -1.97 -15.69
N ILE A 10 -10.69 -2.79 -16.51
CA ILE A 10 -9.52 -3.53 -16.07
C ILE A 10 -8.70 -2.72 -15.08
N THR A 11 -8.01 -3.42 -14.17
CA THR A 11 -7.19 -2.75 -13.17
C THR A 11 -5.92 -3.56 -12.88
N ASN A 12 -4.79 -3.08 -13.38
CA ASN A 12 -3.51 -3.75 -13.18
C ASN A 12 -2.61 -2.94 -12.27
N LEU A 13 -1.95 -3.61 -11.33
CA LEU A 13 -1.06 -2.95 -10.39
C LEU A 13 0.36 -3.51 -10.51
N GLU A 14 0.48 -4.71 -11.08
CA GLU A 14 1.78 -5.35 -11.25
C GLU A 14 2.76 -4.40 -11.90
N ILE A 15 2.32 -3.70 -12.94
CA ILE A 15 3.17 -2.76 -13.66
C ILE A 15 3.93 -1.86 -12.68
N TYR A 16 3.27 -1.49 -11.58
CA TYR A 16 3.88 -0.63 -10.58
C TYR A 16 4.91 -1.41 -9.76
N GLU A 17 5.47 -0.74 -8.75
CA GLU A 17 6.46 -1.37 -7.88
C GLU A 17 5.98 -1.41 -6.44
N TRP A 18 5.27 -0.36 -6.02
CA TRP A 18 4.76 -0.27 -4.66
C TRP A 18 3.69 -1.32 -4.41
N TYR A 19 3.35 -2.07 -5.46
CA TYR A 19 2.34 -3.12 -5.36
C TYR A 19 2.98 -4.48 -5.08
N HIS A 20 3.39 -4.69 -3.83
CA HIS A 20 4.02 -5.94 -3.43
C HIS A 20 2.98 -7.06 -3.31
N ARG A 21 2.80 -7.81 -4.39
CA ARG A 21 1.84 -8.91 -4.41
C ARG A 21 2.53 -10.24 -4.13
N ASN A 22 1.73 -11.27 -3.86
CA ASN A 22 2.27 -12.60 -3.57
C ASN A 22 3.07 -12.58 -2.28
N ILE A 23 2.60 -11.83 -1.30
CA ILE A 23 3.27 -11.73 -0.01
C ILE A 23 2.30 -11.93 1.14
N THR A 24 2.81 -11.96 2.37
CA THR A 24 1.99 -12.14 3.54
C THR A 24 2.08 -10.93 4.46
N ARG A 25 1.29 -10.96 5.54
CA ARG A 25 1.28 -9.85 6.50
C ARG A 25 2.66 -9.62 7.08
N ASN A 26 3.43 -10.70 7.21
CA ASN A 26 4.78 -10.63 7.75
C ASN A 26 5.75 -10.02 6.74
N GLN A 27 5.60 -10.42 5.48
CA GLN A 27 6.46 -9.92 4.41
C GLN A 27 6.39 -8.40 4.33
N ALA A 28 5.17 -7.87 4.23
CA ALA A 28 4.97 -6.43 4.15
C ALA A 28 5.81 -5.69 5.18
N GLU A 29 5.56 -5.97 6.45
CA GLU A 29 6.30 -5.33 7.54
C GLU A 29 7.80 -5.50 7.34
N HIS A 30 8.25 -6.74 7.29
CA HIS A 30 9.67 -7.04 7.12
C HIS A 30 10.30 -6.06 6.12
N LEU A 31 9.70 -5.94 4.95
CA LEU A 31 10.21 -5.03 3.92
C LEU A 31 10.40 -3.62 4.47
N LEU A 32 9.34 -3.09 5.09
CA LEU A 32 9.39 -1.75 5.66
C LEU A 32 10.51 -1.64 6.69
N ARG A 33 10.61 -2.63 7.57
CA ARG A 33 11.64 -2.65 8.60
C ARG A 33 13.00 -2.32 8.02
N GLN A 34 13.36 -3.00 6.93
CA GLN A 34 14.64 -2.79 6.27
C GLN A 34 14.89 -1.29 6.04
N GLU A 35 13.84 -0.59 5.61
CA GLU A 35 13.94 0.85 5.36
C GLU A 35 14.25 1.61 6.65
N SER A 36 13.31 1.57 7.58
CA SER A 36 13.48 2.27 8.85
C SER A 36 13.41 3.78 8.66
N LYS A 37 12.44 4.22 7.87
CA LYS A 37 12.27 5.65 7.61
C LYS A 37 10.81 5.97 7.30
N GLU A 38 10.25 6.93 8.04
CA GLU A 38 8.86 7.33 7.85
C GLU A 38 8.54 7.48 6.37
N GLY A 39 7.36 7.00 5.97
CA GLY A 39 6.95 7.10 4.58
C GLY A 39 6.84 5.73 3.92
N ALA A 40 7.84 4.89 4.13
CA ALA A 40 7.86 3.56 3.54
C ALA A 40 6.46 2.94 3.57
N PHE A 41 5.96 2.61 2.38
CA PHE A 41 4.64 2.01 2.25
C PHE A 41 4.63 0.92 1.18
N ILE A 42 3.54 0.16 1.14
CA ILE A 42 3.40 -0.92 0.16
C ILE A 42 1.96 -1.38 0.06
N VAL A 43 1.67 -2.18 -0.97
CA VAL A 43 0.33 -2.71 -1.17
C VAL A 43 0.37 -4.19 -1.53
N ARG A 44 -0.55 -4.95 -0.94
CA ARG A 44 -0.63 -6.38 -1.18
C ARG A 44 -2.07 -6.82 -1.45
N ASP A 45 -2.24 -8.09 -1.79
CA ASP A 45 -3.57 -8.63 -2.08
C ASP A 45 -4.12 -9.35 -0.85
N SER A 46 -5.38 -9.05 -0.51
CA SER A 46 -6.04 -9.66 0.63
C SER A 46 -6.78 -10.92 0.22
N ARG A 47 -6.05 -11.98 -0.06
CA ARG A 47 -6.64 -13.25 -0.46
C ARG A 47 -7.93 -13.51 0.31
N HIS A 48 -8.00 -12.97 1.52
CA HIS A 48 -9.18 -13.15 2.37
C HIS A 48 -10.44 -12.67 1.66
N LEU A 49 -10.48 -11.39 1.31
CA LEU A 49 -11.62 -10.81 0.62
C LEU A 49 -11.18 -9.97 -0.57
N GLY A 50 -10.26 -10.51 -1.36
CA GLY A 50 -9.76 -9.78 -2.52
C GLY A 50 -9.62 -8.30 -2.27
N SER A 51 -9.31 -7.95 -1.02
CA SER A 51 -9.15 -6.54 -0.65
C SER A 51 -7.69 -6.11 -0.78
N TYR A 52 -7.41 -4.86 -0.41
CA TYR A 52 -6.06 -4.32 -0.48
C TYR A 52 -5.67 -3.65 0.83
N THR A 53 -4.48 -3.98 1.33
CA THR A 53 -4.00 -3.40 2.57
C THR A 53 -2.71 -2.61 2.34
N ILE A 54 -2.58 -1.48 3.02
CA ILE A 54 -1.40 -0.63 2.89
C ILE A 54 -0.65 -0.53 4.21
N SER A 55 0.60 -0.96 4.21
CA SER A 55 1.42 -0.92 5.42
C SER A 55 2.43 0.22 5.34
N VAL A 56 2.17 1.29 6.10
CA VAL A 56 3.06 2.45 6.12
C VAL A 56 3.98 2.41 7.32
N PHE A 57 5.19 2.93 7.16
CA PHE A 57 6.17 2.96 8.23
C PHE A 57 6.08 4.27 9.02
N MET A 58 5.64 4.19 10.26
CA MET A 58 5.51 5.35 11.12
C MET A 58 6.84 5.71 11.77
N GLY A 59 7.49 4.70 12.38
CA GLY A 59 8.76 4.93 13.03
C GLY A 59 8.61 5.31 14.49
N ALA A 60 9.26 4.54 15.36
CA ALA A 60 9.18 4.81 16.79
C ALA A 60 9.64 6.22 17.11
N ARG A 61 9.49 6.63 18.38
CA ARG A 61 9.89 7.95 18.81
C ARG A 61 11.35 8.22 18.46
N ARG A 62 12.20 7.24 18.73
CA ARG A 62 13.63 7.37 18.46
C ARG A 62 14.10 6.27 17.52
N SER A 63 15.38 6.32 17.15
CA SER A 63 15.96 5.32 16.25
C SER A 63 16.34 4.06 17.02
N THR A 64 15.48 3.64 17.93
CA THR A 64 15.73 2.45 18.73
C THR A 64 14.69 1.37 18.45
N GLU A 65 13.55 1.77 17.89
CA GLU A 65 12.48 0.84 17.57
C GLU A 65 11.83 1.20 16.24
N ALA A 66 10.94 0.33 15.77
CA ALA A 66 10.25 0.55 14.51
C ALA A 66 8.73 0.60 14.72
N ALA A 67 8.04 1.28 13.80
CA ALA A 67 6.59 1.39 13.89
C ALA A 67 5.95 1.26 12.51
N ILE A 68 5.03 0.31 12.37
CA ILE A 68 4.35 0.09 11.10
C ILE A 68 2.84 -0.05 11.31
N LYS A 69 2.08 0.73 10.56
CA LYS A 69 0.62 0.70 10.66
C LYS A 69 0.01 -0.06 9.49
N HIS A 70 -1.20 -0.57 9.67
CA HIS A 70 -1.89 -1.32 8.63
C HIS A 70 -3.24 -0.68 8.30
N TYR A 71 -3.35 -0.12 7.10
CA TYR A 71 -4.57 0.52 6.66
C TYR A 71 -5.30 -0.32 5.61
N GLN A 72 -6.41 -0.93 6.01
CA GLN A 72 -7.19 -1.77 5.11
C GLN A 72 -8.06 -0.91 4.19
N ILE A 73 -8.00 -1.21 2.90
CA ILE A 73 -8.78 -0.46 1.91
C ILE A 73 -10.19 -1.04 1.78
N LYS A 74 -11.18 -0.26 2.21
CA LYS A 74 -12.57 -0.69 2.15
C LYS A 74 -13.29 -0.02 0.98
N LYS A 75 -14.54 -0.40 0.77
CA LYS A 75 -15.34 0.17 -0.31
C LYS A 75 -16.67 0.70 0.21
N ASN A 76 -17.10 1.84 -0.33
CA ASN A 76 -18.35 2.45 0.09
C ASN A 76 -19.49 2.04 -0.85
N ASP A 77 -20.69 2.54 -0.57
CA ASP A 77 -21.86 2.23 -1.38
C ASP A 77 -21.59 2.53 -2.85
N SER A 78 -20.75 3.53 -3.10
CA SER A 78 -20.42 3.91 -4.47
C SER A 78 -19.34 3.00 -5.04
N GLY A 79 -19.14 1.84 -4.41
CA GLY A 79 -18.15 0.90 -4.87
C GLY A 79 -16.81 1.56 -5.13
N GLN A 80 -16.45 2.52 -4.29
CA GLN A 80 -15.19 3.24 -4.44
C GLN A 80 -14.21 2.88 -3.32
N TRP A 81 -12.94 2.78 -3.67
CA TRP A 81 -11.91 2.44 -2.69
C TRP A 81 -11.53 3.66 -1.84
N TYR A 82 -11.23 3.43 -0.57
CA TYR A 82 -10.85 4.51 0.33
C TYR A 82 -10.08 3.96 1.54
N VAL A 83 -9.09 4.74 1.99
CA VAL A 83 -8.28 4.34 3.13
C VAL A 83 -8.62 5.16 4.36
N ALA A 84 -8.72 6.48 4.17
CA ALA A 84 -9.04 7.39 5.26
C ALA A 84 -10.55 7.49 5.48
N GLU A 85 -11.30 6.65 4.77
CA GLU A 85 -12.75 6.64 4.88
C GLU A 85 -13.31 8.05 4.68
N ARG A 86 -12.56 8.88 3.94
CA ARG A 86 -12.99 10.25 3.67
C ARG A 86 -12.84 10.58 2.20
N HIS A 87 -11.83 10.00 1.56
CA HIS A 87 -11.59 10.23 0.14
C HIS A 87 -11.67 8.93 -0.65
N ALA A 88 -12.71 8.80 -1.47
CA ALA A 88 -12.91 7.61 -2.27
C ALA A 88 -12.45 7.84 -3.71
N PHE A 89 -11.89 6.80 -4.33
CA PHE A 89 -11.41 6.89 -5.70
C PHE A 89 -12.15 5.90 -6.60
N GLN A 90 -11.74 5.83 -7.86
CA GLN A 90 -12.36 4.94 -8.82
C GLN A 90 -11.47 3.72 -9.08
N SER A 91 -10.18 3.87 -8.80
CA SER A 91 -9.23 2.78 -9.02
C SER A 91 -8.24 2.71 -7.86
N ILE A 92 -7.75 1.50 -7.59
CA ILE A 92 -6.79 1.30 -6.51
C ILE A 92 -5.54 2.15 -6.72
N PRO A 93 -4.97 2.09 -7.93
CA PRO A 93 -3.77 2.85 -8.28
C PRO A 93 -4.04 4.35 -8.37
N GLU A 94 -5.32 4.72 -8.26
CA GLU A 94 -5.70 6.13 -8.33
C GLU A 94 -5.71 6.76 -6.94
N LEU A 95 -6.07 5.97 -5.93
CA LEU A 95 -6.11 6.45 -4.56
C LEU A 95 -4.73 6.86 -4.08
N ILE A 96 -3.71 6.10 -4.48
CA ILE A 96 -2.34 6.39 -4.09
C ILE A 96 -1.70 7.40 -5.04
N TRP A 97 -2.34 7.60 -6.20
CA TRP A 97 -1.84 8.53 -7.19
C TRP A 97 -1.67 9.93 -6.59
N TYR A 98 -2.61 10.31 -5.74
CA TYR A 98 -2.56 11.63 -5.09
C TYR A 98 -1.85 11.55 -3.75
N HIS A 99 -2.27 10.62 -2.90
CA HIS A 99 -1.66 10.44 -1.59
C HIS A 99 -0.16 10.69 -1.66
N GLN A 100 0.49 10.13 -2.67
CA GLN A 100 1.92 10.27 -2.85
C GLN A 100 2.33 11.74 -2.77
N HIS A 101 1.63 12.59 -3.51
CA HIS A 101 1.92 14.02 -3.53
C HIS A 101 1.47 14.67 -2.22
N ASN A 102 0.24 14.38 -1.81
CA ASN A 102 -0.31 14.94 -0.58
C ASN A 102 -1.18 13.92 0.14
N ALA A 103 -0.91 13.71 1.42
CA ALA A 103 -1.68 12.77 2.22
C ALA A 103 -3.12 13.25 2.41
N ALA A 104 -4.03 12.74 1.59
CA ALA A 104 -5.43 13.13 1.68
C ALA A 104 -6.16 12.32 2.75
N GLY A 105 -6.05 12.78 3.99
CA GLY A 105 -6.71 12.09 5.09
C GLY A 105 -5.71 11.56 6.11
N LEU A 106 -4.73 10.81 5.63
CA LEU A 106 -3.71 10.24 6.51
C LEU A 106 -2.74 11.32 7.00
N MET A 107 -2.27 11.15 8.24
CA MET A 107 -1.34 12.11 8.82
C MET A 107 0.02 12.03 8.15
N THR A 108 0.47 10.80 7.87
CA THR A 108 1.76 10.58 7.24
C THR A 108 1.61 10.46 5.72
N ARG A 109 2.59 10.96 4.99
CA ARG A 109 2.57 10.91 3.53
C ARG A 109 3.62 9.94 3.01
N LEU A 110 3.31 9.29 1.90
CA LEU A 110 4.22 8.33 1.28
C LEU A 110 5.47 9.03 0.74
N ARG A 111 6.62 8.69 1.30
CA ARG A 111 7.89 9.28 0.87
C ARG A 111 8.73 8.27 0.11
N TYR A 112 8.96 7.11 0.71
CA TYR A 112 9.75 6.07 0.09
C TYR A 112 8.87 4.91 -0.36
N PRO A 113 8.43 4.97 -1.62
CA PRO A 113 7.57 3.93 -2.21
C PRO A 113 8.31 2.62 -2.43
N VAL A 114 8.47 1.84 -1.37
CA VAL A 114 9.16 0.57 -1.45
C VAL A 114 8.61 -0.28 -2.60
N GLY A 115 9.47 -0.58 -3.57
CA GLY A 115 9.05 -1.38 -4.71
C GLY A 115 9.54 -2.81 -4.61
N LEU A 116 9.06 -3.66 -5.51
CA LEU A 116 9.45 -5.07 -5.53
C LEU A 116 10.92 -5.23 -5.12
N MET A 117 11.81 -4.61 -5.88
CA MET A 117 13.24 -4.69 -5.58
C MET A 117 13.54 -4.03 -4.24
N GLY A 118 13.50 -4.83 -3.18
CA GLY A 118 13.78 -4.32 -1.84
C GLY A 118 13.91 -5.42 -0.82
N SER A 119 14.71 -6.43 -1.12
CA SER A 119 14.91 -7.55 -0.21
C SER A 119 16.36 -7.65 0.23
N SER A 120 16.61 -8.40 1.29
CA SER A 120 17.96 -8.56 1.82
C SER A 120 18.80 -9.44 0.90
N GLY A 121 20.11 -9.29 0.99
CA GLY A 121 21.01 -10.08 0.15
C GLY A 121 22.29 -9.32 -0.20
N PRO A 122 23.41 -10.05 -0.24
CA PRO A 122 24.71 -9.45 -0.57
C PRO A 122 24.81 -9.03 -2.03
N SER A 123 23.88 -9.53 -2.84
CA SER A 123 23.86 -9.21 -4.27
C SER A 123 22.56 -8.52 -4.65
N SER A 124 21.51 -8.76 -3.86
CA SER A 124 20.20 -8.17 -4.12
C SER A 124 19.73 -7.34 -2.93
N GLY A 125 19.86 -6.03 -3.04
CA GLY A 125 19.44 -5.14 -1.97
C GLY A 125 18.44 -4.10 -2.43
N GLY A 1 -11.33 0.16 -26.03
CA GLY A 1 -10.23 -0.37 -25.25
C GLY A 1 -9.10 0.62 -25.07
N SER A 2 -8.23 0.71 -26.06
CA SER A 2 -7.10 1.63 -26.02
C SER A 2 -7.50 3.00 -26.55
N SER A 3 -6.72 4.02 -26.18
CA SER A 3 -6.98 5.38 -26.62
C SER A 3 -8.35 5.85 -26.13
N GLY A 4 -8.61 5.65 -24.85
CA GLY A 4 -9.89 6.06 -24.28
C GLY A 4 -10.09 5.54 -22.87
N SER A 5 -10.65 6.37 -22.00
CA SER A 5 -10.89 5.99 -20.62
C SER A 5 -12.33 6.28 -20.22
N SER A 6 -13.21 5.31 -20.47
CA SER A 6 -14.63 5.47 -20.14
C SER A 6 -15.17 4.19 -19.51
N GLY A 7 -15.91 4.36 -18.40
CA GLY A 7 -16.49 3.22 -17.71
C GLY A 7 -15.43 2.40 -16.99
N ASN A 8 -15.73 1.13 -16.76
CA ASN A 8 -14.81 0.24 -16.07
C ASN A 8 -13.70 -0.23 -17.01
N LYS A 9 -12.45 -0.10 -16.55
CA LYS A 9 -11.30 -0.51 -17.34
C LYS A 9 -10.33 -1.33 -16.51
N ILE A 10 -9.68 -2.30 -17.14
CA ILE A 10 -8.72 -3.16 -16.45
C ILE A 10 -7.91 -2.35 -15.43
N THR A 11 -7.47 -3.03 -14.37
CA THR A 11 -6.69 -2.39 -13.32
C THR A 11 -5.30 -3.01 -13.21
N ASN A 12 -4.32 -2.36 -13.82
CA ASN A 12 -2.94 -2.84 -13.80
C ASN A 12 -2.18 -2.26 -12.61
N LEU A 13 -1.83 -3.12 -11.66
CA LEU A 13 -1.10 -2.70 -10.48
C LEU A 13 0.32 -3.25 -10.48
N GLU A 14 0.47 -4.48 -10.94
CA GLU A 14 1.78 -5.13 -11.01
C GLU A 14 2.82 -4.18 -11.58
N ILE A 15 2.42 -3.42 -12.59
CA ILE A 15 3.33 -2.47 -13.23
C ILE A 15 4.11 -1.67 -12.19
N TYR A 16 3.44 -1.32 -11.10
CA TYR A 16 4.06 -0.54 -10.04
C TYR A 16 4.87 -1.45 -9.12
N GLU A 17 5.66 -0.84 -8.24
CA GLU A 17 6.49 -1.58 -7.30
C GLU A 17 5.86 -1.59 -5.90
N TRP A 18 5.34 -0.44 -5.50
CA TRP A 18 4.72 -0.31 -4.18
C TRP A 18 3.59 -1.32 -4.02
N TYR A 19 3.18 -1.94 -5.12
CA TYR A 19 2.11 -2.92 -5.09
C TYR A 19 2.66 -4.33 -4.85
N HIS A 20 2.88 -4.66 -3.58
CA HIS A 20 3.40 -5.98 -3.22
C HIS A 20 2.28 -7.01 -3.17
N ARG A 21 2.25 -7.89 -4.16
CA ARG A 21 1.24 -8.93 -4.24
C ARG A 21 1.85 -10.31 -3.97
N ASN A 22 1.04 -11.21 -3.41
CA ASN A 22 1.51 -12.56 -3.10
C ASN A 22 2.46 -12.54 -1.92
N ILE A 23 2.12 -11.77 -0.89
CA ILE A 23 2.96 -11.67 0.30
C ILE A 23 2.13 -11.89 1.56
N THR A 24 2.78 -11.76 2.72
CA THR A 24 2.10 -11.94 4.00
C THR A 24 2.52 -10.86 4.99
N ARG A 25 1.67 -10.63 5.99
CA ARG A 25 1.95 -9.62 7.00
C ARG A 25 3.44 -9.54 7.31
N ASN A 26 4.06 -10.70 7.50
CA ASN A 26 5.48 -10.77 7.79
C ASN A 26 6.30 -10.08 6.70
N GLN A 27 6.03 -10.44 5.45
CA GLN A 27 6.74 -9.85 4.32
C GLN A 27 6.54 -8.34 4.28
N ALA A 28 5.29 -7.92 4.37
CA ALA A 28 4.95 -6.49 4.34
C ALA A 28 5.74 -5.73 5.40
N GLU A 29 5.56 -6.13 6.66
CA GLU A 29 6.24 -5.48 7.77
C GLU A 29 7.76 -5.58 7.61
N HIS A 30 8.26 -6.80 7.47
CA HIS A 30 9.68 -7.04 7.31
C HIS A 30 10.26 -6.13 6.24
N LEU A 31 9.65 -6.13 5.06
CA LEU A 31 10.10 -5.30 3.95
C LEU A 31 10.32 -3.87 4.40
N LEU A 32 9.28 -3.25 4.97
CA LEU A 32 9.37 -1.88 5.44
C LEU A 32 10.56 -1.69 6.36
N ARG A 33 10.75 -2.62 7.30
CA ARG A 33 11.85 -2.57 8.24
C ARG A 33 13.18 -2.44 7.51
N GLN A 34 13.20 -2.89 6.26
CA GLN A 34 14.41 -2.84 5.45
C GLN A 34 14.84 -1.39 5.21
N GLU A 35 13.87 -0.51 5.03
CA GLU A 35 14.15 0.90 4.80
C GLU A 35 14.37 1.64 6.12
N SER A 36 13.68 1.19 7.16
CA SER A 36 13.80 1.80 8.48
C SER A 36 13.82 3.33 8.36
N LYS A 37 12.80 3.88 7.70
CA LYS A 37 12.70 5.32 7.53
C LYS A 37 11.25 5.74 7.29
N GLU A 38 10.89 6.91 7.81
CA GLU A 38 9.54 7.43 7.66
C GLU A 38 9.21 7.70 6.19
N GLY A 39 8.21 7.00 5.68
CA GLY A 39 7.81 7.18 4.30
C GLY A 39 7.58 5.86 3.58
N ALA A 40 8.29 4.83 4.02
CA ALA A 40 8.16 3.50 3.42
C ALA A 40 6.73 3.01 3.48
N PHE A 41 6.17 2.69 2.31
CA PHE A 41 4.80 2.21 2.23
C PHE A 41 4.68 1.05 1.24
N ILE A 42 3.61 0.27 1.37
CA ILE A 42 3.39 -0.87 0.50
C ILE A 42 1.91 -1.24 0.43
N VAL A 43 1.52 -1.90 -0.64
CA VAL A 43 0.13 -2.32 -0.82
C VAL A 43 0.02 -3.83 -1.05
N ARG A 44 -0.71 -4.51 -0.18
CA ARG A 44 -0.88 -5.95 -0.29
C ARG A 44 -2.34 -6.30 -0.62
N ASP A 45 -2.55 -7.50 -1.15
CA ASP A 45 -3.88 -7.95 -1.51
C ASP A 45 -4.53 -8.72 -0.36
N SER A 46 -5.83 -8.53 -0.18
CA SER A 46 -6.56 -9.20 0.89
C SER A 46 -6.99 -10.60 0.45
N ARG A 47 -6.85 -11.57 1.37
CA ARG A 47 -7.21 -12.95 1.08
C ARG A 47 -8.71 -13.15 1.23
N HIS A 48 -9.28 -12.62 2.31
CA HIS A 48 -10.71 -12.74 2.57
C HIS A 48 -11.52 -12.30 1.35
N LEU A 49 -11.04 -11.27 0.67
CA LEU A 49 -11.72 -10.75 -0.51
C LEU A 49 -10.75 -9.98 -1.40
N GLY A 50 -11.25 -9.49 -2.53
CA GLY A 50 -10.42 -8.74 -3.44
C GLY A 50 -10.12 -7.33 -2.95
N SER A 51 -9.74 -7.23 -1.69
CA SER A 51 -9.43 -5.94 -1.09
C SER A 51 -7.93 -5.70 -1.06
N TYR A 52 -7.52 -4.58 -0.49
CA TYR A 52 -6.11 -4.23 -0.40
C TYR A 52 -5.79 -3.53 0.92
N THR A 53 -4.57 -3.72 1.41
CA THR A 53 -4.15 -3.11 2.66
C THR A 53 -2.81 -2.40 2.51
N ILE A 54 -2.74 -1.16 2.96
CA ILE A 54 -1.51 -0.39 2.88
C ILE A 54 -0.69 -0.49 4.17
N SER A 55 0.62 -0.59 4.03
CA SER A 55 1.50 -0.70 5.18
C SER A 55 2.61 0.36 5.11
N VAL A 56 2.48 1.38 5.96
CA VAL A 56 3.47 2.46 6.00
C VAL A 56 4.38 2.32 7.22
N PHE A 57 5.58 2.86 7.10
CA PHE A 57 6.54 2.80 8.20
C PHE A 57 6.59 4.12 8.97
N MET A 58 6.06 4.10 10.19
CA MET A 58 6.04 5.29 11.02
C MET A 58 7.39 5.51 11.70
N GLY A 59 7.89 4.48 12.37
CA GLY A 59 9.17 4.58 13.04
C GLY A 59 9.03 5.06 14.47
N ALA A 60 9.50 4.25 15.42
CA ALA A 60 9.42 4.61 16.83
C ALA A 60 9.98 6.01 17.07
N ARG A 61 9.93 6.45 18.34
CA ARG A 61 10.44 7.77 18.70
C ARG A 61 11.48 7.67 19.80
N ARG A 62 11.11 7.02 20.90
CA ARG A 62 12.03 6.85 22.04
C ARG A 62 12.96 5.67 21.81
N SER A 63 12.39 4.47 21.79
CA SER A 63 13.18 3.25 21.59
C SER A 63 13.57 3.10 20.12
N THR A 64 14.78 2.62 19.89
CA THR A 64 15.28 2.42 18.53
C THR A 64 14.31 1.59 17.70
N GLU A 65 13.38 0.93 18.39
CA GLU A 65 12.38 0.10 17.71
C GLU A 65 11.77 0.84 16.52
N ALA A 66 10.93 0.14 15.76
CA ALA A 66 10.28 0.74 14.61
C ALA A 66 8.77 0.76 14.78
N ALA A 67 8.06 1.28 13.78
CA ALA A 67 6.60 1.35 13.81
C ALA A 67 6.01 1.17 12.43
N ILE A 68 5.01 0.30 12.33
CA ILE A 68 4.36 0.04 11.05
C ILE A 68 2.84 0.00 11.22
N LYS A 69 2.14 0.74 10.35
CA LYS A 69 0.68 0.79 10.40
C LYS A 69 0.07 -0.07 9.29
N HIS A 70 -1.24 -0.27 9.36
CA HIS A 70 -1.94 -1.07 8.36
C HIS A 70 -3.31 -0.47 8.05
N TYR A 71 -3.44 0.11 6.87
CA TYR A 71 -4.70 0.73 6.46
C TYR A 71 -5.46 -0.19 5.51
N GLN A 72 -6.68 -0.56 5.91
CA GLN A 72 -7.51 -1.44 5.10
C GLN A 72 -8.26 -0.63 4.04
N ILE A 73 -8.35 -1.21 2.83
CA ILE A 73 -9.03 -0.54 1.72
C ILE A 73 -10.40 -1.18 1.47
N LYS A 74 -11.45 -0.54 1.97
CA LYS A 74 -12.80 -1.04 1.80
C LYS A 74 -13.50 -0.33 0.64
N LYS A 75 -14.68 -0.83 0.26
CA LYS A 75 -15.45 -0.25 -0.83
C LYS A 75 -16.84 0.15 -0.36
N ASN A 76 -17.29 1.32 -0.80
CA ASN A 76 -18.61 1.81 -0.43
C ASN A 76 -19.66 1.39 -1.45
N ASP A 77 -20.90 1.83 -1.24
CA ASP A 77 -21.99 1.50 -2.15
C ASP A 77 -21.66 1.91 -3.58
N SER A 78 -20.89 3.00 -3.71
CA SER A 78 -20.51 3.50 -5.02
C SER A 78 -19.34 2.71 -5.58
N GLY A 79 -19.09 1.54 -5.00
CA GLY A 79 -17.99 0.70 -5.46
C GLY A 79 -16.70 1.46 -5.60
N GLN A 80 -16.43 2.35 -4.65
CA GLN A 80 -15.21 3.14 -4.67
C GLN A 80 -14.28 2.76 -3.51
N TRP A 81 -12.99 2.76 -3.78
CA TRP A 81 -12.00 2.42 -2.76
C TRP A 81 -11.72 3.61 -1.85
N TYR A 82 -11.60 3.34 -0.56
CA TYR A 82 -11.33 4.39 0.42
C TYR A 82 -10.60 3.83 1.63
N VAL A 83 -9.79 4.67 2.27
CA VAL A 83 -9.03 4.26 3.45
C VAL A 83 -9.45 5.07 4.68
N ALA A 84 -9.45 6.39 4.54
CA ALA A 84 -9.83 7.27 5.63
C ALA A 84 -11.35 7.30 5.82
N GLU A 85 -12.05 6.59 4.93
CA GLU A 85 -13.51 6.54 5.00
C GLU A 85 -14.12 7.91 4.74
N ARG A 86 -13.39 8.74 4.01
CA ARG A 86 -13.86 10.09 3.69
C ARG A 86 -13.63 10.40 2.21
N HIS A 87 -12.57 9.84 1.64
CA HIS A 87 -12.25 10.06 0.24
C HIS A 87 -12.29 8.74 -0.53
N ALA A 88 -13.20 8.66 -1.51
CA ALA A 88 -13.35 7.46 -2.32
C ALA A 88 -12.84 7.68 -3.73
N PHE A 89 -12.11 6.71 -4.26
CA PHE A 89 -11.56 6.80 -5.62
C PHE A 89 -12.23 5.80 -6.54
N GLN A 90 -11.73 5.74 -7.77
CA GLN A 90 -12.28 4.81 -8.77
C GLN A 90 -11.27 3.71 -9.10
N SER A 91 -10.01 3.94 -8.75
CA SER A 91 -8.95 2.98 -9.01
C SER A 91 -8.00 2.87 -7.82
N ILE A 92 -7.48 1.66 -7.59
CA ILE A 92 -6.56 1.43 -6.49
C ILE A 92 -5.31 2.31 -6.63
N PRO A 93 -4.73 2.32 -7.84
CA PRO A 93 -3.53 3.12 -8.13
C PRO A 93 -3.80 4.61 -8.13
N GLU A 94 -5.06 4.98 -7.89
CA GLU A 94 -5.46 6.38 -7.86
C GLU A 94 -5.48 6.92 -6.43
N LEU A 95 -6.10 6.16 -5.53
CA LEU A 95 -6.20 6.56 -4.13
C LEU A 95 -4.81 6.88 -3.57
N ILE A 96 -3.80 6.17 -4.06
CA ILE A 96 -2.43 6.39 -3.60
C ILE A 96 -1.72 7.44 -4.46
N TRP A 97 -2.24 7.64 -5.67
CA TRP A 97 -1.65 8.61 -6.58
C TRP A 97 -1.52 9.98 -5.92
N TYR A 98 -2.59 10.43 -5.28
CA TYR A 98 -2.59 11.73 -4.61
C TYR A 98 -1.86 11.65 -3.27
N HIS A 99 -2.14 10.59 -2.51
CA HIS A 99 -1.52 10.40 -1.21
C HIS A 99 -0.03 10.73 -1.28
N GLN A 100 0.68 10.11 -2.23
CA GLN A 100 2.11 10.35 -2.39
C GLN A 100 2.42 11.84 -2.34
N HIS A 101 1.53 12.65 -2.88
CA HIS A 101 1.71 14.10 -2.90
C HIS A 101 1.34 14.71 -1.55
N ASN A 102 0.16 14.35 -1.05
CA ASN A 102 -0.31 14.86 0.23
C ASN A 102 -0.72 13.72 1.16
N ALA A 103 -0.28 13.79 2.41
CA ALA A 103 -0.60 12.78 3.40
C ALA A 103 -1.91 13.09 4.11
N ALA A 104 -3.03 12.72 3.49
CA ALA A 104 -4.34 12.96 4.07
C ALA A 104 -4.60 12.05 5.26
N GLY A 105 -4.27 10.76 5.09
CA GLY A 105 -4.48 9.80 6.15
C GLY A 105 -3.83 10.24 7.46
N LEU A 106 -2.54 9.96 7.60
CA LEU A 106 -1.81 10.32 8.81
C LEU A 106 -0.66 11.27 8.49
N MET A 107 0.04 11.71 9.52
CA MET A 107 1.17 12.62 9.34
C MET A 107 2.11 12.11 8.25
N THR A 108 2.73 10.97 8.49
CA THR A 108 3.66 10.38 7.53
C THR A 108 3.01 10.28 6.15
N ARG A 109 3.79 10.61 5.12
CA ARG A 109 3.30 10.56 3.75
C ARG A 109 4.14 9.61 2.90
N LEU A 110 3.51 8.97 1.92
CA LEU A 110 4.21 8.04 1.04
C LEU A 110 5.30 8.75 0.26
N ARG A 111 6.55 8.55 0.66
CA ARG A 111 7.69 9.17 -0.02
C ARG A 111 8.68 8.11 -0.48
N TYR A 112 8.74 7.00 0.24
CA TYR A 112 9.65 5.92 -0.09
C TYR A 112 8.89 4.68 -0.57
N PRO A 113 8.67 4.60 -1.89
CA PRO A 113 7.95 3.48 -2.51
C PRO A 113 8.76 2.19 -2.46
N VAL A 114 8.74 1.53 -1.31
CA VAL A 114 9.47 0.27 -1.14
C VAL A 114 9.40 -0.59 -2.40
N GLY A 115 10.56 -0.99 -2.89
CA GLY A 115 10.61 -1.81 -4.10
C GLY A 115 10.07 -3.21 -3.86
N LEU A 116 9.37 -3.74 -4.85
CA LEU A 116 8.80 -5.08 -4.75
C LEU A 116 9.79 -6.05 -4.12
N MET A 117 10.92 -6.25 -4.79
CA MET A 117 11.95 -7.15 -4.29
C MET A 117 13.00 -6.39 -3.49
N GLY A 118 12.55 -5.42 -2.70
CA GLY A 118 13.46 -4.63 -1.90
C GLY A 118 14.80 -4.40 -2.59
N SER A 119 15.87 -4.89 -1.96
CA SER A 119 17.21 -4.74 -2.52
C SER A 119 17.98 -6.05 -2.45
N SER A 120 17.29 -7.15 -2.75
CA SER A 120 17.90 -8.47 -2.73
C SER A 120 18.84 -8.66 -3.92
N GLY A 121 18.31 -8.44 -5.12
CA GLY A 121 19.12 -8.58 -6.33
C GLY A 121 20.19 -7.52 -6.43
N PRO A 122 21.45 -7.96 -6.51
CA PRO A 122 22.60 -7.05 -6.62
C PRO A 122 22.66 -6.36 -7.98
N SER A 123 22.47 -7.13 -9.05
CA SER A 123 22.50 -6.59 -10.40
C SER A 123 21.09 -6.38 -10.94
N SER A 124 20.48 -5.26 -10.55
CA SER A 124 19.13 -4.94 -10.99
C SER A 124 19.05 -4.91 -12.51
N GLY A 125 18.33 -5.88 -13.08
CA GLY A 125 18.19 -5.94 -14.52
C GLY A 125 17.23 -7.03 -14.96
N GLY A 1 -8.34 17.78 -26.58
CA GLY A 1 -8.78 18.17 -25.25
C GLY A 1 -10.23 17.77 -24.98
N SER A 2 -10.53 17.44 -23.74
CA SER A 2 -11.88 17.04 -23.36
C SER A 2 -11.97 16.84 -21.85
N SER A 3 -13.21 16.69 -21.36
CA SER A 3 -13.43 16.49 -19.93
C SER A 3 -14.79 15.85 -19.69
N GLY A 4 -14.85 14.95 -18.71
CA GLY A 4 -16.10 14.28 -18.40
C GLY A 4 -16.23 12.93 -19.08
N SER A 5 -16.37 11.87 -18.30
CA SER A 5 -16.50 10.53 -18.85
C SER A 5 -17.16 9.59 -17.83
N SER A 6 -17.38 8.35 -18.24
CA SER A 6 -18.01 7.36 -17.38
C SER A 6 -17.68 5.94 -17.84
N GLY A 7 -17.15 5.13 -16.92
CA GLY A 7 -16.80 3.77 -17.25
C GLY A 7 -15.68 3.23 -16.38
N ASN A 8 -15.57 1.91 -16.31
CA ASN A 8 -14.53 1.28 -15.50
C ASN A 8 -13.21 1.24 -16.25
N LYS A 9 -12.11 1.16 -15.51
CA LYS A 9 -10.78 1.11 -16.10
C LYS A 9 -9.93 0.02 -15.45
N ILE A 10 -9.20 -0.72 -16.28
CA ILE A 10 -8.35 -1.79 -15.77
C ILE A 10 -7.61 -1.36 -14.51
N THR A 11 -7.41 -2.32 -13.61
CA THR A 11 -6.72 -2.05 -12.34
C THR A 11 -5.35 -2.71 -12.32
N ASN A 12 -4.56 -2.45 -13.36
CA ASN A 12 -3.21 -3.01 -13.45
C ASN A 12 -2.31 -2.45 -12.35
N LEU A 13 -1.99 -3.30 -11.38
CA LEU A 13 -1.13 -2.90 -10.27
C LEU A 13 0.25 -3.53 -10.39
N GLU A 14 0.29 -4.79 -10.83
CA GLU A 14 1.55 -5.50 -10.99
C GLU A 14 2.58 -4.63 -11.69
N ILE A 15 2.12 -3.83 -12.64
CA ILE A 15 3.00 -2.95 -13.40
C ILE A 15 3.82 -2.07 -12.47
N TYR A 16 3.22 -1.66 -11.36
CA TYR A 16 3.89 -0.81 -10.39
C TYR A 16 4.83 -1.63 -9.51
N GLU A 17 5.47 -0.96 -8.56
CA GLU A 17 6.40 -1.63 -7.65
C GLU A 17 5.90 -1.57 -6.20
N TRP A 18 5.18 -0.50 -5.88
CA TRP A 18 4.65 -0.32 -4.54
C TRP A 18 3.51 -1.31 -4.27
N TYR A 19 3.19 -2.12 -5.26
CA TYR A 19 2.13 -3.10 -5.14
C TYR A 19 2.71 -4.50 -4.89
N HIS A 20 2.93 -4.82 -3.62
CA HIS A 20 3.47 -6.13 -3.25
C HIS A 20 2.37 -7.17 -3.13
N ARG A 21 2.08 -7.86 -4.23
CA ARG A 21 1.04 -8.88 -4.25
C ARG A 21 1.60 -10.23 -3.83
N ASN A 22 2.85 -10.49 -4.22
CA ASN A 22 3.50 -11.76 -3.88
C ASN A 22 4.23 -11.65 -2.55
N ILE A 23 3.47 -11.38 -1.49
CA ILE A 23 4.05 -11.25 -0.16
C ILE A 23 3.06 -11.70 0.92
N THR A 24 3.51 -11.72 2.16
CA THR A 24 2.66 -12.13 3.27
C THR A 24 2.75 -11.13 4.43
N ARG A 25 1.71 -11.11 5.26
CA ARG A 25 1.67 -10.20 6.40
C ARG A 25 3.07 -9.94 6.95
N ASN A 26 3.80 -11.02 7.20
CA ASN A 26 5.15 -10.91 7.72
C ASN A 26 6.02 -10.04 6.83
N GLN A 27 5.99 -10.31 5.53
CA GLN A 27 6.76 -9.54 4.56
C GLN A 27 6.43 -8.06 4.64
N ALA A 28 5.15 -7.73 4.48
CA ALA A 28 4.70 -6.34 4.53
C ALA A 28 5.44 -5.57 5.62
N GLU A 29 5.52 -6.18 6.80
CA GLU A 29 6.19 -5.54 7.94
C GLU A 29 7.71 -5.59 7.76
N HIS A 30 8.22 -6.78 7.47
CA HIS A 30 9.66 -6.96 7.27
C HIS A 30 10.20 -5.98 6.24
N LEU A 31 9.72 -6.11 5.00
CA LEU A 31 10.14 -5.24 3.92
C LEU A 31 10.41 -3.82 4.42
N LEU A 32 9.46 -3.29 5.19
CA LEU A 32 9.58 -1.95 5.74
C LEU A 32 10.72 -1.88 6.77
N ARG A 33 10.74 -2.86 7.67
CA ARG A 33 11.78 -2.92 8.70
C ARG A 33 13.16 -2.62 8.11
N GLN A 34 13.43 -3.20 6.94
CA GLN A 34 14.71 -3.01 6.27
C GLN A 34 14.95 -1.53 5.99
N GLU A 35 13.89 -0.82 5.61
CA GLU A 35 14.00 0.61 5.31
C GLU A 35 14.25 1.41 6.58
N SER A 36 13.43 1.18 7.60
CA SER A 36 13.57 1.89 8.86
C SER A 36 13.65 3.40 8.63
N LYS A 37 12.66 3.93 7.93
CA LYS A 37 12.62 5.36 7.65
C LYS A 37 11.22 5.80 7.26
N GLU A 38 10.59 6.60 8.12
CA GLU A 38 9.24 7.10 7.86
C GLU A 38 9.02 7.32 6.37
N GLY A 39 7.86 6.88 5.88
CA GLY A 39 7.53 7.03 4.47
C GLY A 39 7.32 5.70 3.78
N ALA A 40 8.21 4.76 4.01
CA ALA A 40 8.11 3.43 3.41
C ALA A 40 6.68 2.92 3.44
N PHE A 41 6.11 2.67 2.27
CA PHE A 41 4.75 2.19 2.16
C PHE A 41 4.62 1.11 1.09
N ILE A 42 3.53 0.38 1.11
CA ILE A 42 3.29 -0.68 0.14
C ILE A 42 1.83 -1.11 0.12
N VAL A 43 1.45 -1.88 -0.90
CA VAL A 43 0.08 -2.35 -1.03
C VAL A 43 0.03 -3.86 -1.18
N ARG A 44 -0.38 -4.55 -0.11
CA ARG A 44 -0.46 -6.00 -0.14
C ARG A 44 -1.89 -6.45 -0.43
N ASP A 45 -2.03 -7.69 -0.88
CA ASP A 45 -3.34 -8.25 -1.19
C ASP A 45 -3.91 -9.02 -0.01
N SER A 46 -5.09 -8.60 0.46
CA SER A 46 -5.73 -9.25 1.59
C SER A 46 -6.25 -10.63 1.20
N ARG A 47 -5.35 -11.58 1.05
CA ARG A 47 -5.72 -12.95 0.68
C ARG A 47 -7.07 -13.33 1.30
N HIS A 48 -7.30 -12.86 2.52
CA HIS A 48 -8.55 -13.16 3.22
C HIS A 48 -9.75 -12.88 2.32
N LEU A 49 -9.84 -11.66 1.80
CA LEU A 49 -10.94 -11.28 0.92
C LEU A 49 -10.42 -10.57 -0.32
N GLY A 50 -11.34 -10.27 -1.25
CA GLY A 50 -10.95 -9.59 -2.47
C GLY A 50 -10.67 -8.10 -2.24
N SER A 51 -9.92 -7.80 -1.18
CA SER A 51 -9.60 -6.42 -0.86
C SER A 51 -8.08 -6.22 -0.79
N TYR A 52 -7.67 -5.01 -0.43
CA TYR A 52 -6.25 -4.69 -0.32
C TYR A 52 -5.95 -3.98 0.98
N THR A 53 -4.67 -3.94 1.35
CA THR A 53 -4.25 -3.29 2.59
C THR A 53 -2.89 -2.61 2.41
N ILE A 54 -2.79 -1.39 2.93
CA ILE A 54 -1.54 -0.63 2.83
C ILE A 54 -0.72 -0.75 4.10
N SER A 55 0.59 -0.88 3.95
CA SER A 55 1.49 -1.01 5.09
C SER A 55 2.57 0.06 5.06
N VAL A 56 2.40 1.10 5.88
CA VAL A 56 3.37 2.19 5.93
C VAL A 56 4.26 2.07 7.17
N PHE A 57 5.46 2.63 7.07
CA PHE A 57 6.41 2.59 8.18
C PHE A 57 6.44 3.92 8.93
N MET A 58 6.01 3.90 10.18
CA MET A 58 5.99 5.10 11.01
C MET A 58 7.38 5.42 11.54
N GLY A 59 8.11 4.39 11.93
CA GLY A 59 9.45 4.58 12.45
C GLY A 59 9.45 5.07 13.88
N ALA A 60 10.13 4.34 14.76
CA ALA A 60 10.21 4.72 16.18
C ALA A 60 11.39 5.64 16.43
N ARG A 61 11.36 6.32 17.57
CA ARG A 61 12.43 7.25 17.93
C ARG A 61 13.50 6.54 18.77
N ARG A 62 13.06 5.67 19.68
CA ARG A 62 13.97 4.93 20.53
C ARG A 62 15.20 4.47 19.75
N SER A 63 16.29 4.22 20.47
CA SER A 63 17.54 3.79 19.84
C SER A 63 17.27 2.75 18.75
N THR A 64 16.88 1.55 19.17
CA THR A 64 16.59 0.47 18.25
C THR A 64 15.12 0.05 18.33
N GLU A 65 14.29 0.67 17.50
CA GLU A 65 12.86 0.36 17.48
C GLU A 65 12.28 0.59 16.08
N ALA A 66 11.00 0.27 15.93
CA ALA A 66 10.32 0.43 14.65
C ALA A 66 8.81 0.51 14.84
N ALA A 67 8.11 0.95 13.80
CA ALA A 67 6.66 1.07 13.84
C ALA A 67 6.04 0.90 12.46
N ILE A 68 5.01 0.08 12.36
CA ILE A 68 4.33 -0.16 11.10
C ILE A 68 2.82 -0.19 11.27
N LYS A 69 2.11 0.55 10.44
CA LYS A 69 0.66 0.61 10.50
C LYS A 69 0.04 -0.25 9.41
N HIS A 70 -1.27 -0.47 9.50
CA HIS A 70 -1.99 -1.27 8.51
C HIS A 70 -3.34 -0.65 8.18
N TYR A 71 -3.45 -0.09 6.98
CA TYR A 71 -4.69 0.54 6.54
C TYR A 71 -5.43 -0.35 5.55
N GLN A 72 -6.61 -0.81 5.96
CA GLN A 72 -7.42 -1.67 5.12
C GLN A 72 -8.24 -0.84 4.12
N ILE A 73 -8.15 -1.20 2.85
CA ILE A 73 -8.88 -0.49 1.80
C ILE A 73 -10.26 -1.09 1.59
N LYS A 74 -11.29 -0.42 2.11
CA LYS A 74 -12.66 -0.89 1.97
C LYS A 74 -13.36 -0.18 0.81
N LYS A 75 -14.61 -0.59 0.55
CA LYS A 75 -15.39 0.01 -0.52
C LYS A 75 -16.72 0.54 0.00
N ASN A 76 -17.13 1.70 -0.50
CA ASN A 76 -18.38 2.31 -0.07
C ASN A 76 -19.52 1.93 -1.02
N ASP A 77 -20.70 2.48 -0.78
CA ASP A 77 -21.87 2.19 -1.60
C ASP A 77 -21.59 2.52 -3.07
N SER A 78 -20.76 3.53 -3.29
CA SER A 78 -20.42 3.95 -4.65
C SER A 78 -19.36 3.03 -5.24
N GLY A 79 -19.13 1.90 -4.59
CA GLY A 79 -18.15 0.95 -5.08
C GLY A 79 -16.80 1.60 -5.32
N GLN A 80 -16.40 2.50 -4.42
CA GLN A 80 -15.12 3.19 -4.54
C GLN A 80 -14.17 2.78 -3.42
N TRP A 81 -12.89 2.66 -3.75
CA TRP A 81 -11.89 2.27 -2.78
C TRP A 81 -11.47 3.46 -1.93
N TYR A 82 -11.59 3.32 -0.61
CA TYR A 82 -11.21 4.39 0.31
C TYR A 82 -10.59 3.82 1.59
N VAL A 83 -9.77 4.63 2.24
CA VAL A 83 -9.10 4.21 3.48
C VAL A 83 -9.42 5.17 4.61
N ALA A 84 -9.30 6.46 4.34
CA ALA A 84 -9.57 7.48 5.35
C ALA A 84 -11.05 7.85 5.38
N GLU A 85 -11.88 6.96 4.84
CA GLU A 85 -13.32 7.20 4.80
C GLU A 85 -13.63 8.69 4.61
N ARG A 86 -12.75 9.37 3.90
CA ARG A 86 -12.92 10.80 3.64
C ARG A 86 -12.68 11.12 2.16
N HIS A 87 -11.90 10.28 1.50
CA HIS A 87 -11.61 10.47 0.08
C HIS A 87 -11.69 9.16 -0.68
N ALA A 88 -12.69 9.04 -1.55
CA ALA A 88 -12.88 7.83 -2.35
C ALA A 88 -12.41 8.04 -3.78
N PHE A 89 -11.95 6.96 -4.41
CA PHE A 89 -11.47 7.02 -5.78
C PHE A 89 -12.19 6.00 -6.66
N GLN A 90 -11.78 5.91 -7.91
CA GLN A 90 -12.38 4.98 -8.85
C GLN A 90 -11.47 3.79 -9.12
N SER A 91 -10.17 4.00 -8.91
CA SER A 91 -9.18 2.96 -9.14
C SER A 91 -8.19 2.89 -7.97
N ILE A 92 -7.72 1.68 -7.69
CA ILE A 92 -6.77 1.47 -6.60
C ILE A 92 -5.51 2.30 -6.81
N PRO A 93 -4.96 2.24 -8.03
CA PRO A 93 -3.75 2.99 -8.39
C PRO A 93 -3.99 4.49 -8.46
N GLU A 94 -5.23 4.90 -8.21
CA GLU A 94 -5.60 6.31 -8.24
C GLU A 94 -5.61 6.91 -6.85
N LEU A 95 -6.13 6.16 -5.89
CA LEU A 95 -6.20 6.60 -4.51
C LEU A 95 -4.82 6.98 -3.98
N ILE A 96 -3.81 6.25 -4.44
CA ILE A 96 -2.43 6.52 -4.01
C ILE A 96 -1.76 7.51 -4.95
N TRP A 97 -2.34 7.72 -6.12
CA TRP A 97 -1.80 8.65 -7.10
C TRP A 97 -1.67 10.06 -6.51
N TYR A 98 -2.71 10.49 -5.81
CA TYR A 98 -2.73 11.81 -5.19
C TYR A 98 -2.14 11.76 -3.79
N HIS A 99 -2.63 10.82 -2.98
CA HIS A 99 -2.15 10.67 -1.61
C HIS A 99 -0.65 10.90 -1.53
N GLN A 100 0.07 10.43 -2.54
CA GLN A 100 1.52 10.58 -2.59
C GLN A 100 1.92 12.04 -2.52
N HIS A 101 1.33 12.85 -3.39
CA HIS A 101 1.62 14.28 -3.43
C HIS A 101 1.13 14.97 -2.18
N ASN A 102 -0.11 14.66 -1.78
CA ASN A 102 -0.71 15.26 -0.58
C ASN A 102 -1.40 14.20 0.26
N ALA A 103 -1.06 14.16 1.55
CA ALA A 103 -1.65 13.19 2.46
C ALA A 103 -3.06 13.61 2.87
N ALA A 104 -4.06 12.98 2.26
CA ALA A 104 -5.46 13.29 2.55
C ALA A 104 -6.08 12.22 3.43
N GLY A 105 -5.83 12.31 4.74
CA GLY A 105 -6.38 11.34 5.67
C GLY A 105 -5.32 10.39 6.20
N LEU A 106 -4.45 9.91 5.31
CA LEU A 106 -3.39 8.99 5.70
C LEU A 106 -2.52 9.58 6.80
N MET A 107 -2.14 8.76 7.76
CA MET A 107 -1.31 9.20 8.87
C MET A 107 -0.10 9.98 8.36
N THR A 108 0.60 9.42 7.38
CA THR A 108 1.77 10.07 6.82
C THR A 108 1.77 9.97 5.30
N ARG A 109 2.32 10.98 4.65
CA ARG A 109 2.38 11.02 3.19
C ARG A 109 3.43 10.03 2.66
N LEU A 110 3.11 9.38 1.55
CA LEU A 110 4.03 8.41 0.95
C LEU A 110 5.21 9.12 0.29
N ARG A 111 6.41 8.83 0.78
CA ARG A 111 7.62 9.43 0.23
C ARG A 111 8.56 8.37 -0.32
N TYR A 112 8.66 7.25 0.40
CA TYR A 112 9.53 6.16 -0.02
C TYR A 112 8.72 4.97 -0.50
N PRO A 113 8.40 4.97 -1.80
CA PRO A 113 7.61 3.90 -2.42
C PRO A 113 8.39 2.58 -2.51
N VAL A 114 8.48 1.87 -1.40
CA VAL A 114 9.18 0.60 -1.35
C VAL A 114 8.99 -0.19 -2.64
N GLY A 115 10.10 -0.64 -3.23
CA GLY A 115 10.02 -1.40 -4.46
C GLY A 115 9.67 -2.86 -4.23
N LEU A 116 9.14 -3.52 -5.25
CA LEU A 116 8.77 -4.92 -5.15
C LEU A 116 9.93 -5.76 -4.62
N MET A 117 11.01 -5.81 -5.38
CA MET A 117 12.19 -6.57 -5.00
C MET A 117 12.44 -6.45 -3.49
N GLY A 118 12.83 -5.25 -3.06
CA GLY A 118 13.09 -5.02 -1.65
C GLY A 118 13.74 -6.22 -0.99
N SER A 119 14.66 -6.86 -1.71
CA SER A 119 15.36 -8.03 -1.19
C SER A 119 16.82 -8.02 -1.61
N SER A 120 17.69 -8.49 -0.72
CA SER A 120 19.13 -8.53 -0.99
C SER A 120 19.81 -9.58 -0.12
N GLY A 121 20.70 -10.34 -0.73
CA GLY A 121 21.43 -11.38 0.00
C GLY A 121 22.19 -12.31 -0.91
N PRO A 122 23.52 -12.11 -1.01
CA PRO A 122 24.39 -12.94 -1.85
C PRO A 122 24.53 -14.36 -1.31
N SER A 123 23.99 -14.60 -0.13
CA SER A 123 24.07 -15.91 0.50
C SER A 123 23.69 -17.00 -0.48
N SER A 124 24.22 -18.21 -0.25
CA SER A 124 23.94 -19.34 -1.13
C SER A 124 24.09 -20.65 -0.36
N GLY A 125 23.05 -21.49 -0.42
CA GLY A 125 23.08 -22.77 0.27
C GLY A 125 23.84 -22.70 1.57
N GLY A 1 -5.16 -23.50 -9.72
CA GLY A 1 -6.53 -23.21 -10.05
C GLY A 1 -7.12 -24.21 -11.03
N SER A 2 -7.60 -25.34 -10.50
CA SER A 2 -8.19 -26.38 -11.33
C SER A 2 -7.31 -26.64 -12.56
N SER A 3 -6.00 -26.68 -12.35
CA SER A 3 -5.06 -26.93 -13.44
C SER A 3 -5.26 -25.91 -14.56
N GLY A 4 -5.46 -24.65 -14.19
CA GLY A 4 -5.66 -23.61 -15.17
C GLY A 4 -5.47 -22.22 -14.59
N SER A 5 -4.39 -21.56 -14.98
CA SER A 5 -4.09 -20.22 -14.49
C SER A 5 -4.96 -19.18 -15.19
N SER A 6 -6.18 -19.01 -14.70
CA SER A 6 -7.11 -18.04 -15.28
C SER A 6 -6.90 -16.66 -14.69
N GLY A 7 -7.06 -15.63 -15.53
CA GLY A 7 -6.87 -14.27 -15.07
C GLY A 7 -8.04 -13.38 -15.43
N ASN A 8 -7.87 -12.56 -16.47
CA ASN A 8 -8.92 -11.66 -16.91
C ASN A 8 -9.16 -10.56 -15.88
N LYS A 9 -8.07 -10.03 -15.32
CA LYS A 9 -8.16 -8.97 -14.32
C LYS A 9 -8.00 -7.59 -14.97
N ILE A 10 -9.12 -6.93 -15.24
CA ILE A 10 -9.09 -5.61 -15.85
C ILE A 10 -8.09 -4.70 -15.15
N THR A 11 -8.04 -4.79 -13.82
CA THR A 11 -7.12 -3.97 -13.03
C THR A 11 -5.72 -4.56 -13.05
N ASN A 12 -4.73 -3.70 -13.32
CA ASN A 12 -3.34 -4.14 -13.36
C ASN A 12 -2.49 -3.31 -12.43
N LEU A 13 -1.97 -3.95 -11.38
CA LEU A 13 -1.13 -3.27 -10.40
C LEU A 13 0.33 -3.70 -10.53
N GLU A 14 0.53 -4.93 -11.00
CA GLU A 14 1.88 -5.47 -11.18
C GLU A 14 2.77 -4.46 -11.90
N ILE A 15 2.20 -3.77 -12.88
CA ILE A 15 2.94 -2.79 -13.65
C ILE A 15 3.70 -1.82 -12.74
N TYR A 16 3.14 -1.58 -11.55
CA TYR A 16 3.76 -0.68 -10.60
C TYR A 16 4.79 -1.42 -9.75
N GLU A 17 5.41 -0.71 -8.82
CA GLU A 17 6.42 -1.30 -7.94
C GLU A 17 5.95 -1.29 -6.48
N TRP A 18 5.18 -0.28 -6.12
CA TRP A 18 4.67 -0.16 -4.76
C TRP A 18 3.59 -1.21 -4.50
N TYR A 19 3.32 -2.04 -5.49
CA TYR A 19 2.31 -3.08 -5.36
C TYR A 19 2.96 -4.44 -5.12
N HIS A 20 3.33 -4.71 -3.88
CA HIS A 20 3.96 -5.97 -3.51
C HIS A 20 2.93 -7.10 -3.46
N ARG A 21 2.80 -7.83 -4.56
CA ARG A 21 1.84 -8.93 -4.63
C ARG A 21 2.52 -10.25 -4.26
N ASN A 22 1.70 -11.27 -3.98
CA ASN A 22 2.22 -12.58 -3.61
C ASN A 22 3.04 -12.51 -2.32
N ILE A 23 2.55 -11.71 -1.37
CA ILE A 23 3.24 -11.56 -0.10
C ILE A 23 2.26 -11.72 1.07
N THR A 24 2.79 -11.68 2.29
CA THR A 24 1.97 -11.82 3.48
C THR A 24 2.31 -10.74 4.51
N ARG A 25 1.46 -10.61 5.53
CA ARG A 25 1.67 -9.63 6.58
C ARG A 25 3.14 -9.52 6.95
N ASN A 26 3.76 -10.67 7.23
CA ASN A 26 5.16 -10.70 7.60
C ASN A 26 6.02 -10.00 6.55
N GLN A 27 5.85 -10.40 5.29
CA GLN A 27 6.61 -9.81 4.20
C GLN A 27 6.47 -8.28 4.20
N ALA A 28 5.22 -7.82 4.07
CA ALA A 28 4.95 -6.39 4.05
C ALA A 28 5.72 -5.67 5.16
N GLU A 29 5.40 -5.99 6.41
CA GLU A 29 6.06 -5.38 7.55
C GLU A 29 7.57 -5.51 7.43
N HIS A 30 8.06 -6.74 7.34
CA HIS A 30 9.49 -7.00 7.23
C HIS A 30 10.14 -5.99 6.29
N LEU A 31 9.70 -5.98 5.03
CA LEU A 31 10.25 -5.06 4.03
C LEU A 31 10.47 -3.68 4.62
N LEU A 32 9.49 -3.21 5.40
CA LEU A 32 9.58 -1.89 6.02
C LEU A 32 10.67 -1.87 7.08
N ARG A 33 10.64 -2.83 7.99
CA ARG A 33 11.64 -2.91 9.05
C ARG A 33 13.03 -2.62 8.51
N GLN A 34 13.37 -3.23 7.38
CA GLN A 34 14.67 -3.03 6.76
C GLN A 34 14.91 -1.56 6.45
N GLU A 35 13.89 -0.89 5.91
CA GLU A 35 13.99 0.52 5.57
C GLU A 35 14.24 1.36 6.82
N SER A 36 13.58 1.01 7.91
CA SER A 36 13.72 1.73 9.16
C SER A 36 13.69 3.24 8.93
N LYS A 37 12.74 3.68 8.12
CA LYS A 37 12.61 5.11 7.82
C LYS A 37 11.16 5.45 7.49
N GLU A 38 10.70 6.60 7.98
CA GLU A 38 9.34 7.05 7.74
C GLU A 38 9.09 7.26 6.25
N GLY A 39 7.99 6.70 5.75
CA GLY A 39 7.66 6.84 4.35
C GLY A 39 7.50 5.50 3.66
N ALA A 40 8.39 4.56 3.98
CA ALA A 40 8.34 3.23 3.38
C ALA A 40 6.93 2.65 3.44
N PHE A 41 6.26 2.62 2.29
CA PHE A 41 4.91 2.09 2.22
C PHE A 41 4.81 1.03 1.12
N ILE A 42 3.72 0.26 1.16
CA ILE A 42 3.49 -0.79 0.17
C ILE A 42 2.02 -1.19 0.11
N VAL A 43 1.64 -1.86 -0.97
CA VAL A 43 0.26 -2.30 -1.15
C VAL A 43 0.19 -3.81 -1.38
N ARG A 44 -0.22 -4.54 -0.35
CA ARG A 44 -0.33 -5.98 -0.44
C ARG A 44 -1.76 -6.40 -0.81
N ASP A 45 -1.94 -7.68 -1.12
CA ASP A 45 -3.25 -8.20 -1.49
C ASP A 45 -3.84 -9.01 -0.35
N SER A 46 -4.87 -8.46 0.30
CA SER A 46 -5.53 -9.13 1.41
C SER A 46 -5.67 -10.62 1.13
N ARG A 47 -5.44 -11.43 2.16
CA ARG A 47 -5.55 -12.88 2.03
C ARG A 47 -6.97 -13.35 2.32
N HIS A 48 -7.59 -12.76 3.34
CA HIS A 48 -8.95 -13.12 3.73
C HIS A 48 -9.91 -12.93 2.56
N LEU A 49 -9.66 -11.90 1.75
CA LEU A 49 -10.50 -11.60 0.59
C LEU A 49 -9.74 -10.79 -0.44
N GLY A 50 -10.43 -10.39 -1.50
CA GLY A 50 -9.81 -9.61 -2.56
C GLY A 50 -9.63 -8.16 -2.16
N SER A 51 -9.21 -7.91 -0.94
CA SER A 51 -9.02 -6.55 -0.44
C SER A 51 -7.55 -6.16 -0.51
N TYR A 52 -7.27 -4.90 -0.18
CA TYR A 52 -5.90 -4.39 -0.20
C TYR A 52 -5.57 -3.65 1.08
N THR A 53 -4.35 -3.82 1.57
CA THR A 53 -3.91 -3.16 2.80
C THR A 53 -2.59 -2.44 2.59
N ILE A 54 -2.46 -1.26 3.18
CA ILE A 54 -1.24 -0.47 3.06
C ILE A 54 -0.42 -0.52 4.35
N SER A 55 0.84 -0.90 4.22
CA SER A 55 1.73 -1.00 5.38
C SER A 55 2.80 0.10 5.34
N VAL A 56 2.56 1.18 6.08
CA VAL A 56 3.49 2.29 6.13
C VAL A 56 4.37 2.22 7.36
N PHE A 57 5.59 2.74 7.25
CA PHE A 57 6.53 2.73 8.36
C PHE A 57 6.54 4.08 9.08
N MET A 58 6.68 4.04 10.40
CA MET A 58 6.71 5.26 11.21
C MET A 58 8.14 5.61 11.61
N GLY A 59 8.77 4.69 12.35
CA GLY A 59 10.13 4.93 12.79
C GLY A 59 10.31 4.68 14.28
N ALA A 60 9.38 3.93 14.87
CA ALA A 60 9.42 3.63 16.29
C ALA A 60 9.51 4.90 17.13
N ARG A 61 8.89 5.97 16.63
CA ARG A 61 8.91 7.25 17.33
C ARG A 61 8.28 7.13 18.72
N ARG A 62 7.09 6.52 18.77
CA ARG A 62 6.39 6.34 20.03
C ARG A 62 6.56 4.92 20.55
N SER A 63 6.08 3.94 19.78
CA SER A 63 6.19 2.54 20.15
C SER A 63 7.59 2.22 20.65
N THR A 64 7.73 1.04 21.26
CA THR A 64 9.03 0.60 21.77
C THR A 64 9.95 0.17 20.64
N GLU A 65 9.36 -0.18 19.50
CA GLU A 65 10.14 -0.62 18.35
C GLU A 65 9.50 -0.14 17.05
N ALA A 66 10.11 -0.51 15.92
CA ALA A 66 9.59 -0.12 14.62
C ALA A 66 8.07 -0.03 14.63
N ALA A 67 7.55 1.15 14.31
CA ALA A 67 6.11 1.36 14.28
C ALA A 67 5.57 1.26 12.85
N ILE A 68 4.75 0.24 12.61
CA ILE A 68 4.17 0.03 11.29
C ILE A 68 2.65 0.11 11.34
N LYS A 69 2.06 0.85 10.41
CA LYS A 69 0.62 1.01 10.35
C LYS A 69 0.02 0.13 9.26
N HIS A 70 -1.29 -0.12 9.36
CA HIS A 70 -1.98 -0.95 8.39
C HIS A 70 -3.32 -0.33 7.99
N TYR A 71 -3.35 0.24 6.79
CA TYR A 71 -4.57 0.87 6.28
C TYR A 71 -5.30 -0.05 5.32
N GLN A 72 -6.48 -0.52 5.73
CA GLN A 72 -7.29 -1.41 4.90
C GLN A 72 -8.17 -0.60 3.94
N ILE A 73 -8.07 -0.92 2.65
CA ILE A 73 -8.85 -0.25 1.63
C ILE A 73 -10.22 -0.88 1.47
N LYS A 74 -11.24 -0.22 2.02
CA LYS A 74 -12.61 -0.72 1.94
C LYS A 74 -13.37 -0.06 0.79
N LYS A 75 -14.55 -0.58 0.48
CA LYS A 75 -15.36 -0.03 -0.59
C LYS A 75 -16.70 0.47 -0.06
N ASN A 76 -17.11 1.64 -0.52
CA ASN A 76 -18.37 2.24 -0.09
C ASN A 76 -19.52 1.81 -1.00
N ASP A 77 -20.71 2.36 -0.75
CA ASP A 77 -21.88 2.04 -1.56
C ASP A 77 -21.65 2.40 -3.01
N SER A 78 -20.85 3.42 -3.25
CA SER A 78 -20.56 3.87 -4.61
C SER A 78 -19.49 2.99 -5.25
N GLY A 79 -19.31 1.79 -4.70
CA GLY A 79 -18.31 0.88 -5.24
C GLY A 79 -16.98 1.56 -5.49
N GLN A 80 -16.53 2.37 -4.55
CA GLN A 80 -15.27 3.08 -4.68
C GLN A 80 -14.31 2.71 -3.56
N TRP A 81 -13.03 2.61 -3.90
CA TRP A 81 -12.01 2.25 -2.91
C TRP A 81 -11.61 3.46 -2.08
N TYR A 82 -11.56 3.28 -0.76
CA TYR A 82 -11.21 4.36 0.15
C TYR A 82 -10.47 3.82 1.38
N VAL A 83 -9.72 4.69 2.04
CA VAL A 83 -8.98 4.30 3.23
C VAL A 83 -9.42 5.11 4.44
N ALA A 84 -9.55 6.42 4.27
CA ALA A 84 -9.97 7.30 5.34
C ALA A 84 -11.48 7.56 5.29
N GLU A 85 -12.21 6.64 4.65
CA GLU A 85 -13.65 6.76 4.54
C GLU A 85 -14.07 8.22 4.36
N ARG A 86 -13.17 9.01 3.78
CA ARG A 86 -13.44 10.42 3.55
C ARG A 86 -13.15 10.81 2.11
N HIS A 87 -12.26 10.05 1.46
CA HIS A 87 -11.90 10.32 0.08
C HIS A 87 -11.91 9.03 -0.74
N ALA A 88 -12.99 8.84 -1.49
CA ALA A 88 -13.14 7.64 -2.32
C ALA A 88 -12.61 7.89 -3.73
N PHE A 89 -12.12 6.82 -4.37
CA PHE A 89 -11.58 6.93 -5.71
C PHE A 89 -12.30 5.97 -6.66
N GLN A 90 -11.81 5.90 -7.90
CA GLN A 90 -12.40 5.03 -8.90
C GLN A 90 -11.54 3.79 -9.13
N SER A 91 -10.24 3.92 -8.86
CA SER A 91 -9.31 2.82 -9.03
C SER A 91 -8.30 2.76 -7.88
N ILE A 92 -7.76 1.58 -7.63
CA ILE A 92 -6.79 1.40 -6.56
C ILE A 92 -5.57 2.27 -6.77
N PRO A 93 -5.03 2.27 -8.01
CA PRO A 93 -3.86 3.07 -8.37
C PRO A 93 -4.16 4.57 -8.40
N GLU A 94 -5.43 4.91 -8.18
CA GLU A 94 -5.84 6.31 -8.17
C GLU A 94 -5.85 6.87 -6.76
N LEU A 95 -6.26 6.05 -5.81
CA LEU A 95 -6.32 6.47 -4.40
C LEU A 95 -4.94 6.88 -3.91
N ILE A 96 -3.91 6.17 -4.37
CA ILE A 96 -2.55 6.47 -3.98
C ILE A 96 -1.92 7.52 -4.88
N TRP A 97 -2.55 7.75 -6.03
CA TRP A 97 -2.05 8.74 -6.98
C TRP A 97 -1.94 10.12 -6.33
N TYR A 98 -2.93 10.48 -5.52
CA TYR A 98 -2.93 11.76 -4.85
C TYR A 98 -2.35 11.65 -3.44
N HIS A 99 -2.83 10.66 -2.69
CA HIS A 99 -2.36 10.43 -1.33
C HIS A 99 -0.85 10.57 -1.25
N GLN A 100 -0.16 10.13 -2.29
CA GLN A 100 1.29 10.20 -2.35
C GLN A 100 1.78 11.62 -2.06
N HIS A 101 1.30 12.56 -2.87
CA HIS A 101 1.69 13.97 -2.71
C HIS A 101 0.98 14.59 -1.50
N ASN A 102 -0.32 14.39 -1.42
CA ASN A 102 -1.10 14.93 -0.31
C ASN A 102 -1.74 13.80 0.50
N ALA A 103 -1.15 13.52 1.66
CA ALA A 103 -1.67 12.46 2.54
C ALA A 103 -3.10 12.76 2.97
N ALA A 104 -4.06 12.17 2.26
CA ALA A 104 -5.47 12.36 2.58
C ALA A 104 -5.94 11.38 3.64
N GLY A 105 -5.91 11.82 4.90
CA GLY A 105 -6.34 10.95 5.98
C GLY A 105 -5.27 9.96 6.39
N LEU A 106 -4.01 10.38 6.32
CA LEU A 106 -2.89 9.53 6.68
C LEU A 106 -1.87 10.29 7.51
N MET A 107 -1.42 9.67 8.60
CA MET A 107 -0.43 10.30 9.47
C MET A 107 0.72 10.90 8.66
N THR A 108 1.31 10.08 7.80
CA THR A 108 2.42 10.52 6.96
C THR A 108 2.09 10.39 5.49
N ARG A 109 2.87 11.04 4.63
CA ARG A 109 2.67 10.99 3.19
C ARG A 109 3.69 10.08 2.52
N LEU A 110 3.20 9.19 1.66
CA LEU A 110 4.08 8.26 0.95
C LEU A 110 5.22 9.00 0.27
N ARG A 111 6.42 8.84 0.81
CA ARG A 111 7.60 9.50 0.24
C ARG A 111 8.54 8.48 -0.37
N TYR A 112 8.81 7.39 0.37
CA TYR A 112 9.70 6.35 -0.10
C TYR A 112 8.92 5.09 -0.48
N PRO A 113 8.45 5.04 -1.73
CA PRO A 113 7.68 3.90 -2.24
C PRO A 113 8.53 2.65 -2.40
N VAL A 114 8.68 1.90 -1.31
CA VAL A 114 9.48 0.68 -1.34
C VAL A 114 9.36 -0.03 -2.69
N GLY A 115 10.50 -0.36 -3.28
CA GLY A 115 10.50 -1.03 -4.56
C GLY A 115 10.20 -2.52 -4.44
N LEU A 116 9.81 -3.13 -5.54
CA LEU A 116 9.48 -4.56 -5.56
C LEU A 116 10.70 -5.39 -5.15
N MET A 117 11.76 -5.31 -5.95
CA MET A 117 12.98 -6.05 -5.69
C MET A 117 13.22 -6.17 -4.18
N GLY A 118 13.43 -5.04 -3.52
CA GLY A 118 13.67 -5.04 -2.09
C GLY A 118 14.71 -6.07 -1.68
N SER A 119 15.77 -6.17 -2.46
CA SER A 119 16.84 -7.13 -2.18
C SER A 119 18.13 -6.40 -1.81
N SER A 120 18.41 -6.33 -0.51
CA SER A 120 19.60 -5.67 -0.02
C SER A 120 20.80 -6.61 -0.05
N GLY A 121 21.94 -6.10 -0.54
CA GLY A 121 23.13 -6.92 -0.61
C GLY A 121 24.40 -6.09 -0.54
N PRO A 122 25.56 -6.76 -0.49
CA PRO A 122 26.86 -6.11 -0.42
C PRO A 122 27.22 -5.39 -1.72
N SER A 123 26.55 -5.75 -2.80
CA SER A 123 26.79 -5.14 -4.10
C SER A 123 25.48 -4.67 -4.74
N SER A 124 24.62 -4.07 -3.93
CA SER A 124 23.34 -3.58 -4.40
C SER A 124 23.29 -2.05 -4.35
N GLY A 125 22.65 -1.44 -5.34
CA GLY A 125 22.54 0.01 -5.39
C GLY A 125 23.65 0.65 -6.19
N GLY A 1 -15.42 11.48 -30.08
CA GLY A 1 -16.02 10.94 -31.28
C GLY A 1 -16.07 9.42 -31.28
N SER A 2 -14.93 8.80 -31.01
CA SER A 2 -14.85 7.35 -30.99
C SER A 2 -15.99 6.75 -30.18
N SER A 3 -16.16 5.43 -30.29
CA SER A 3 -17.21 4.74 -29.56
C SER A 3 -16.77 4.40 -28.14
N GLY A 4 -17.73 4.09 -27.29
CA GLY A 4 -17.42 3.75 -25.91
C GLY A 4 -16.98 2.31 -25.75
N SER A 5 -17.70 1.56 -24.92
CA SER A 5 -17.37 0.15 -24.67
C SER A 5 -18.56 -0.59 -24.08
N SER A 6 -18.40 -1.88 -23.86
CA SER A 6 -19.46 -2.71 -23.29
C SER A 6 -19.55 -2.52 -21.78
N GLY A 7 -18.44 -2.80 -21.09
CA GLY A 7 -18.40 -2.66 -19.65
C GLY A 7 -17.42 -3.62 -18.99
N ASN A 8 -16.14 -3.47 -19.33
CA ASN A 8 -15.11 -4.32 -18.78
C ASN A 8 -14.25 -3.56 -17.78
N LYS A 9 -14.46 -3.81 -16.49
CA LYS A 9 -13.71 -3.15 -15.44
C LYS A 9 -12.35 -3.80 -15.25
N ILE A 10 -11.38 -3.40 -16.08
CA ILE A 10 -10.03 -3.94 -15.99
C ILE A 10 -9.22 -3.23 -14.92
N THR A 11 -8.39 -3.99 -14.21
CA THR A 11 -7.56 -3.45 -13.15
C THR A 11 -6.21 -4.14 -13.10
N ASN A 12 -5.14 -3.37 -13.32
CA ASN A 12 -3.79 -3.90 -13.31
C ASN A 12 -2.91 -3.14 -12.32
N LEU A 13 -2.57 -3.80 -11.21
CA LEU A 13 -1.73 -3.18 -10.19
C LEU A 13 -0.33 -3.78 -10.20
N GLU A 14 -0.24 -5.06 -10.54
CA GLU A 14 1.04 -5.74 -10.59
C GLU A 14 2.07 -4.91 -11.35
N ILE A 15 1.64 -4.27 -12.43
CA ILE A 15 2.51 -3.44 -13.24
C ILE A 15 3.32 -2.48 -12.37
N TYR A 16 2.72 -2.04 -11.27
CA TYR A 16 3.39 -1.12 -10.35
C TYR A 16 4.41 -1.86 -9.50
N GLU A 17 5.10 -1.11 -8.64
CA GLU A 17 6.12 -1.69 -7.77
C GLU A 17 5.70 -1.58 -6.30
N TRP A 18 4.99 -0.52 -5.97
CA TRP A 18 4.51 -0.31 -4.61
C TRP A 18 3.37 -1.25 -4.27
N TYR A 19 3.04 -2.13 -5.21
CA TYR A 19 1.95 -3.08 -5.02
C TYR A 19 2.49 -4.48 -4.76
N HIS A 20 2.88 -4.74 -3.50
CA HIS A 20 3.42 -6.04 -3.13
C HIS A 20 2.30 -7.06 -2.96
N ARG A 21 1.95 -7.73 -4.05
CA ARG A 21 0.89 -8.73 -4.03
C ARG A 21 1.44 -10.09 -3.59
N ASN A 22 2.62 -10.43 -4.09
CA ASN A 22 3.25 -11.71 -3.76
C ASN A 22 4.01 -11.60 -2.43
N ILE A 23 3.29 -11.27 -1.37
CA ILE A 23 3.89 -11.14 -0.05
C ILE A 23 2.91 -11.56 1.03
N THR A 24 3.40 -11.60 2.27
CA THR A 24 2.57 -11.99 3.41
C THR A 24 2.69 -10.99 4.55
N ARG A 25 1.77 -11.07 5.50
CA ARG A 25 1.79 -10.17 6.66
C ARG A 25 3.21 -9.88 7.11
N ASN A 26 3.99 -10.94 7.29
CA ASN A 26 5.38 -10.81 7.72
C ASN A 26 6.16 -9.89 6.78
N GLN A 27 6.17 -10.27 5.50
CA GLN A 27 6.89 -9.48 4.49
C GLN A 27 6.53 -8.00 4.61
N ALA A 28 5.24 -7.69 4.50
CA ALA A 28 4.78 -6.31 4.59
C ALA A 28 5.56 -5.54 5.66
N GLU A 29 5.63 -6.11 6.85
CA GLU A 29 6.34 -5.48 7.95
C GLU A 29 7.85 -5.48 7.70
N HIS A 30 8.41 -6.67 7.48
CA HIS A 30 9.83 -6.81 7.23
C HIS A 30 10.30 -5.81 6.17
N LEU A 31 9.78 -5.96 4.95
CA LEU A 31 10.14 -5.08 3.85
C LEU A 31 10.38 -3.66 4.35
N LEU A 32 9.42 -3.12 5.08
CA LEU A 32 9.53 -1.77 5.61
C LEU A 32 10.66 -1.68 6.63
N ARG A 33 10.64 -2.58 7.61
CA ARG A 33 11.67 -2.61 8.65
C ARG A 33 13.05 -2.42 8.04
N GLN A 34 13.37 -3.24 7.04
CA GLN A 34 14.67 -3.17 6.37
C GLN A 34 15.04 -1.73 6.06
N GLU A 35 14.10 -0.99 5.48
CA GLU A 35 14.33 0.41 5.13
C GLU A 35 14.53 1.27 6.38
N SER A 36 13.72 1.02 7.40
CA SER A 36 13.81 1.76 8.64
C SER A 36 13.89 3.25 8.38
N LYS A 37 12.93 3.76 7.60
CA LYS A 37 12.89 5.18 7.27
C LYS A 37 11.45 5.65 7.06
N GLU A 38 11.04 6.64 7.85
CA GLU A 38 9.69 7.19 7.76
C GLU A 38 9.30 7.42 6.30
N GLY A 39 8.19 6.82 5.89
CA GLY A 39 7.72 6.96 4.53
C GLY A 39 7.49 5.63 3.84
N ALA A 40 8.38 4.68 4.09
CA ALA A 40 8.27 3.36 3.49
C ALA A 40 6.83 2.87 3.50
N PHE A 41 6.22 2.83 2.32
CA PHE A 41 4.83 2.39 2.20
C PHE A 41 4.72 1.27 1.16
N ILE A 42 3.67 0.46 1.29
CA ILE A 42 3.45 -0.64 0.35
C ILE A 42 1.97 -1.04 0.32
N VAL A 43 1.56 -1.67 -0.77
CA VAL A 43 0.18 -2.10 -0.92
C VAL A 43 0.09 -3.62 -1.06
N ARG A 44 -0.31 -4.29 0.01
CA ARG A 44 -0.43 -5.74 0.02
C ARG A 44 -1.88 -6.16 -0.22
N ASP A 45 -2.06 -7.42 -0.60
CA ASP A 45 -3.39 -7.95 -0.87
C ASP A 45 -3.93 -8.72 0.34
N SER A 46 -5.18 -8.47 0.70
CA SER A 46 -5.80 -9.14 1.83
C SER A 46 -6.31 -10.52 1.43
N ARG A 47 -5.39 -11.46 1.27
CA ARG A 47 -5.74 -12.83 0.89
C ARG A 47 -7.06 -13.24 1.53
N HIS A 48 -7.30 -12.76 2.75
CA HIS A 48 -8.53 -13.08 3.47
C HIS A 48 -9.76 -12.84 2.59
N LEU A 49 -9.86 -11.63 2.05
CA LEU A 49 -10.99 -11.26 1.20
C LEU A 49 -10.50 -10.52 -0.05
N GLY A 50 -11.43 -10.22 -0.95
CA GLY A 50 -11.08 -9.50 -2.17
C GLY A 50 -10.82 -8.02 -1.92
N SER A 51 -10.04 -7.73 -0.88
CA SER A 51 -9.71 -6.35 -0.53
C SER A 51 -8.21 -6.11 -0.58
N TYR A 52 -7.79 -4.91 -0.24
CA TYR A 52 -6.38 -4.55 -0.24
C TYR A 52 -5.98 -3.92 1.09
N THR A 53 -4.67 -3.78 1.30
CA THR A 53 -4.14 -3.20 2.52
C THR A 53 -2.84 -2.46 2.27
N ILE A 54 -2.58 -1.42 3.05
CA ILE A 54 -1.36 -0.64 2.91
C ILE A 54 -0.50 -0.72 4.17
N SER A 55 0.81 -0.84 3.98
CA SER A 55 1.73 -0.93 5.10
C SER A 55 2.73 0.22 5.07
N VAL A 56 2.61 1.13 6.03
CA VAL A 56 3.51 2.28 6.10
C VAL A 56 4.40 2.19 7.34
N PHE A 57 5.62 2.69 7.21
CA PHE A 57 6.58 2.67 8.31
C PHE A 57 6.54 3.98 9.09
N MET A 58 5.91 3.94 10.26
CA MET A 58 5.79 5.12 11.11
C MET A 58 7.16 5.53 11.65
N GLY A 59 7.88 4.57 12.23
CA GLY A 59 9.19 4.85 12.78
C GLY A 59 9.23 4.71 14.29
N ALA A 60 10.30 4.11 14.79
CA ALA A 60 10.45 3.91 16.23
C ALA A 60 10.51 5.24 16.96
N ARG A 61 9.34 5.85 17.16
CA ARG A 61 9.25 7.13 17.85
C ARG A 61 8.47 6.99 19.15
N ARG A 62 7.32 6.35 19.07
CA ARG A 62 6.47 6.16 20.25
C ARG A 62 6.74 4.80 20.90
N SER A 63 6.80 3.76 20.07
CA SER A 63 7.06 2.41 20.56
C SER A 63 8.54 2.20 20.84
N THR A 64 8.87 1.06 21.44
CA THR A 64 10.25 0.74 21.76
C THR A 64 11.06 0.41 20.50
N GLU A 65 10.36 0.02 19.44
CA GLU A 65 10.99 -0.32 18.19
C GLU A 65 10.21 0.25 17.00
N ALA A 66 10.70 -0.04 15.79
CA ALA A 66 10.04 0.44 14.59
C ALA A 66 8.52 0.37 14.72
N ALA A 67 7.83 1.13 13.88
CA ALA A 67 6.37 1.15 13.91
C ALA A 67 5.80 0.99 12.50
N ILE A 68 4.85 0.07 12.37
CA ILE A 68 4.22 -0.19 11.08
C ILE A 68 2.70 -0.28 11.21
N LYS A 69 1.98 0.48 10.39
CA LYS A 69 0.53 0.48 10.42
C LYS A 69 -0.04 -0.28 9.22
N HIS A 70 -1.31 -0.65 9.31
CA HIS A 70 -1.97 -1.39 8.24
C HIS A 70 -3.34 -0.79 7.94
N TYR A 71 -3.43 -0.06 6.83
CA TYR A 71 -4.68 0.57 6.42
C TYR A 71 -5.42 -0.28 5.40
N GLN A 72 -6.57 -0.81 5.79
CA GLN A 72 -7.37 -1.65 4.91
C GLN A 72 -8.14 -0.79 3.90
N ILE A 73 -8.13 -1.23 2.64
CA ILE A 73 -8.82 -0.51 1.58
C ILE A 73 -10.20 -1.10 1.32
N LYS A 74 -11.23 -0.39 1.77
CA LYS A 74 -12.61 -0.84 1.59
C LYS A 74 -13.27 -0.11 0.42
N LYS A 75 -14.45 -0.57 0.04
CA LYS A 75 -15.19 0.04 -1.06
C LYS A 75 -16.62 0.39 -0.63
N ASN A 76 -16.97 1.66 -0.75
CA ASN A 76 -18.30 2.12 -0.37
C ASN A 76 -19.36 1.53 -1.30
N ASP A 77 -20.59 1.99 -1.15
CA ASP A 77 -21.70 1.51 -1.97
C ASP A 77 -21.66 2.16 -3.35
N SER A 78 -20.55 2.82 -3.66
CA SER A 78 -20.40 3.49 -4.95
C SER A 78 -19.27 2.86 -5.75
N GLY A 79 -18.87 1.65 -5.37
CA GLY A 79 -17.80 0.96 -6.07
C GLY A 79 -16.51 1.76 -6.08
N GLN A 80 -16.28 2.53 -5.01
CA GLN A 80 -15.07 3.34 -4.91
C GLN A 80 -14.25 2.94 -3.69
N TRP A 81 -12.94 2.79 -3.90
CA TRP A 81 -12.05 2.41 -2.81
C TRP A 81 -11.71 3.60 -1.93
N TYR A 82 -11.45 3.33 -0.65
CA TYR A 82 -11.12 4.39 0.31
C TYR A 82 -10.43 3.81 1.53
N VAL A 83 -9.47 4.57 2.07
CA VAL A 83 -8.72 4.14 3.24
C VAL A 83 -9.17 4.89 4.49
N ALA A 84 -9.14 6.22 4.41
CA ALA A 84 -9.55 7.05 5.54
C ALA A 84 -11.06 7.17 5.61
N GLU A 85 -11.76 6.34 4.83
CA GLU A 85 -13.22 6.35 4.81
C GLU A 85 -13.74 7.77 4.65
N ARG A 86 -12.94 8.64 4.04
CA ARG A 86 -13.33 10.03 3.83
C ARG A 86 -13.09 10.45 2.38
N HIS A 87 -12.06 9.87 1.77
CA HIS A 87 -11.73 10.18 0.38
C HIS A 87 -11.78 8.92 -0.49
N ALA A 88 -12.85 8.79 -1.26
CA ALA A 88 -13.01 7.62 -2.14
C ALA A 88 -12.52 7.93 -3.55
N PHE A 89 -11.95 6.93 -4.20
CA PHE A 89 -11.44 7.10 -5.56
C PHE A 89 -12.15 6.16 -6.53
N GLN A 90 -11.70 6.16 -7.78
CA GLN A 90 -12.31 5.31 -8.80
C GLN A 90 -11.43 4.09 -9.09
N SER A 91 -10.15 4.21 -8.75
CA SER A 91 -9.20 3.13 -8.97
C SER A 91 -8.18 3.05 -7.84
N ILE A 92 -7.65 1.85 -7.61
CA ILE A 92 -6.67 1.64 -6.56
C ILE A 92 -5.43 2.50 -6.77
N PRO A 93 -4.90 2.48 -8.01
CA PRO A 93 -3.72 3.26 -8.38
C PRO A 93 -4.00 4.76 -8.42
N GLU A 94 -5.22 5.14 -8.07
CA GLU A 94 -5.62 6.55 -8.06
C GLU A 94 -5.61 7.11 -6.64
N LEU A 95 -6.12 6.33 -5.69
CA LEU A 95 -6.18 6.76 -4.30
C LEU A 95 -4.78 7.14 -3.79
N ILE A 96 -3.76 6.43 -4.29
CA ILE A 96 -2.39 6.70 -3.89
C ILE A 96 -1.76 7.77 -4.78
N TRP A 97 -2.33 7.95 -5.96
CA TRP A 97 -1.82 8.95 -6.90
C TRP A 97 -1.71 10.32 -6.24
N TYR A 98 -2.75 10.70 -5.52
CA TYR A 98 -2.77 11.99 -4.83
C TYR A 98 -2.21 11.87 -3.42
N HIS A 99 -2.77 10.94 -2.65
CA HIS A 99 -2.35 10.71 -1.28
C HIS A 99 -0.83 10.88 -1.15
N GLN A 100 -0.10 10.34 -2.12
CA GLN A 100 1.35 10.43 -2.11
C GLN A 100 1.82 11.81 -1.65
N HIS A 101 1.29 12.85 -2.30
CA HIS A 101 1.65 14.22 -1.95
C HIS A 101 0.72 14.76 -0.86
N ASN A 102 -0.56 14.44 -0.96
CA ASN A 102 -1.54 14.89 0.02
C ASN A 102 -1.69 13.86 1.15
N ALA A 103 -1.00 14.09 2.26
CA ALA A 103 -1.07 13.20 3.40
C ALA A 103 -2.47 13.19 4.01
N ALA A 104 -3.39 12.50 3.33
CA ALA A 104 -4.77 12.40 3.80
C ALA A 104 -4.96 11.19 4.71
N GLY A 105 -5.33 11.44 5.96
CA GLY A 105 -5.54 10.36 6.90
C GLY A 105 -4.59 10.42 8.06
N LEU A 106 -3.37 9.92 7.86
CA LEU A 106 -2.35 9.91 8.91
C LEU A 106 -1.25 10.90 8.59
N MET A 107 -0.80 11.63 9.61
CA MET A 107 0.27 12.61 9.44
C MET A 107 1.28 12.15 8.40
N THR A 108 1.82 10.94 8.59
CA THR A 108 2.80 10.38 7.68
C THR A 108 2.20 10.18 6.29
N ARG A 109 3.01 10.45 5.26
CA ARG A 109 2.56 10.31 3.88
C ARG A 109 3.43 9.33 3.12
N LEU A 110 3.02 8.99 1.91
CA LEU A 110 3.78 8.05 1.07
C LEU A 110 4.91 8.77 0.34
N ARG A 111 6.13 8.59 0.83
CA ARG A 111 7.30 9.22 0.22
C ARG A 111 8.32 8.17 -0.22
N TYR A 112 8.37 7.07 0.52
CA TYR A 112 9.30 5.99 0.21
C TYR A 112 8.57 4.78 -0.37
N PRO A 113 8.29 4.82 -1.67
CA PRO A 113 7.59 3.74 -2.36
C PRO A 113 8.44 2.48 -2.50
N VAL A 114 8.51 1.71 -1.42
CA VAL A 114 9.30 0.47 -1.42
C VAL A 114 9.01 -0.36 -2.66
N GLY A 115 10.03 -0.53 -3.50
CA GLY A 115 9.88 -1.30 -4.71
C GLY A 115 10.18 -2.78 -4.50
N LEU A 116 9.54 -3.63 -5.31
CA LEU A 116 9.75 -5.06 -5.20
C LEU A 116 11.19 -5.39 -4.79
N MET A 117 12.13 -5.00 -5.65
CA MET A 117 13.55 -5.25 -5.37
C MET A 117 13.84 -5.12 -3.89
N GLY A 118 13.70 -3.91 -3.36
CA GLY A 118 13.97 -3.66 -1.95
C GLY A 118 15.25 -4.32 -1.48
N SER A 119 15.49 -4.27 -0.18
CA SER A 119 16.69 -4.86 0.39
C SER A 119 17.93 -4.40 -0.37
N SER A 120 17.99 -3.11 -0.69
CA SER A 120 19.12 -2.55 -1.42
C SER A 120 19.53 -3.46 -2.56
N GLY A 121 18.58 -4.26 -3.04
CA GLY A 121 18.87 -5.18 -4.13
C GLY A 121 19.66 -4.52 -5.25
N PRO A 122 20.83 -5.08 -5.56
CA PRO A 122 21.70 -4.55 -6.61
C PRO A 122 21.12 -4.77 -8.01
N SER A 123 19.89 -5.28 -8.06
CA SER A 123 19.23 -5.53 -9.34
C SER A 123 20.11 -6.38 -10.24
N SER A 124 20.73 -7.41 -9.66
CA SER A 124 21.60 -8.30 -10.42
C SER A 124 20.90 -9.61 -10.74
N GLY A 125 21.28 -10.22 -11.86
CA GLY A 125 20.68 -11.49 -12.25
C GLY A 125 20.30 -11.50 -13.72
N GLY A 1 -1.86 -4.60 -22.55
CA GLY A 1 -2.90 -4.09 -23.43
C GLY A 1 -4.30 -4.33 -22.88
N SER A 2 -5.04 -3.25 -22.67
CA SER A 2 -6.40 -3.35 -22.15
C SER A 2 -7.43 -3.11 -23.25
N SER A 3 -8.31 -4.08 -23.44
CA SER A 3 -9.35 -3.98 -24.46
C SER A 3 -10.36 -2.89 -24.11
N GLY A 4 -10.93 -2.98 -22.91
CA GLY A 4 -11.90 -2.00 -22.47
C GLY A 4 -13.33 -2.43 -22.77
N SER A 5 -14.15 -2.47 -21.73
CA SER A 5 -15.54 -2.87 -21.88
C SER A 5 -16.30 -2.73 -20.57
N SER A 6 -17.62 -2.72 -20.65
CA SER A 6 -18.47 -2.59 -19.47
C SER A 6 -18.29 -3.77 -18.53
N GLY A 7 -18.45 -3.53 -17.24
CA GLY A 7 -18.30 -4.59 -16.25
C GLY A 7 -16.97 -4.52 -15.53
N ASN A 8 -15.98 -5.24 -16.06
CA ASN A 8 -14.65 -5.26 -15.46
C ASN A 8 -13.99 -3.89 -15.55
N LYS A 9 -13.08 -3.61 -14.61
CA LYS A 9 -12.38 -2.34 -14.59
C LYS A 9 -10.87 -2.56 -14.44
N ILE A 10 -10.12 -2.16 -15.46
CA ILE A 10 -8.67 -2.31 -15.44
C ILE A 10 -8.11 -2.09 -14.03
N THR A 11 -7.40 -3.08 -13.52
CA THR A 11 -6.82 -3.00 -12.18
C THR A 11 -5.35 -3.41 -12.20
N ASN A 12 -4.65 -3.08 -13.28
CA ASN A 12 -3.24 -3.42 -13.42
C ASN A 12 -2.41 -2.76 -12.32
N LEU A 13 -1.84 -3.57 -11.44
CA LEU A 13 -1.03 -3.08 -10.35
C LEU A 13 0.42 -3.54 -10.49
N GLU A 14 0.60 -4.77 -10.96
CA GLU A 14 1.93 -5.32 -11.15
C GLU A 14 2.85 -4.32 -11.82
N ILE A 15 2.31 -3.56 -12.77
CA ILE A 15 3.09 -2.56 -13.49
C ILE A 15 3.87 -1.67 -12.52
N TYR A 16 3.26 -1.38 -11.38
CA TYR A 16 3.90 -0.55 -10.37
C TYR A 16 4.83 -1.37 -9.48
N GLU A 17 5.57 -0.68 -8.62
CA GLU A 17 6.51 -1.34 -7.71
C GLU A 17 5.97 -1.33 -6.28
N TRP A 18 5.25 -0.27 -5.94
CA TRP A 18 4.69 -0.13 -4.60
C TRP A 18 3.61 -1.18 -4.36
N TYR A 19 3.30 -1.97 -5.38
CA TYR A 19 2.29 -3.01 -5.27
C TYR A 19 2.92 -4.37 -5.03
N HIS A 20 3.34 -4.61 -3.80
CA HIS A 20 3.97 -5.88 -3.43
C HIS A 20 2.96 -7.02 -3.50
N ARG A 21 3.20 -7.97 -4.40
CA ARG A 21 2.30 -9.11 -4.56
C ARG A 21 3.04 -10.42 -4.26
N ASN A 22 2.30 -11.41 -3.78
CA ASN A 22 2.88 -12.70 -3.44
C ASN A 22 3.69 -12.63 -2.16
N ILE A 23 3.14 -11.97 -1.15
CA ILE A 23 3.83 -11.83 0.14
C ILE A 23 2.88 -12.12 1.29
N THR A 24 3.38 -12.00 2.51
CA THR A 24 2.59 -12.24 3.70
C THR A 24 2.83 -11.18 4.77
N ARG A 25 1.98 -11.15 5.78
CA ARG A 25 2.09 -10.17 6.86
C ARG A 25 3.56 -9.91 7.20
N ASN A 26 4.28 -10.99 7.50
CA ASN A 26 5.70 -10.88 7.85
C ASN A 26 6.45 -10.05 6.81
N GLN A 27 6.30 -10.42 5.55
CA GLN A 27 6.98 -9.72 4.46
C GLN A 27 6.65 -8.23 4.50
N ALA A 28 5.36 -7.91 4.46
CA ALA A 28 4.91 -6.53 4.49
C ALA A 28 5.69 -5.72 5.53
N GLU A 29 5.57 -6.12 6.80
CA GLU A 29 6.26 -5.44 7.89
C GLU A 29 7.78 -5.48 7.67
N HIS A 30 8.33 -6.67 7.62
CA HIS A 30 9.77 -6.84 7.43
C HIS A 30 10.29 -5.88 6.36
N LEU A 31 9.83 -6.06 5.13
CA LEU A 31 10.24 -5.21 4.02
C LEU A 31 10.45 -3.77 4.50
N LEU A 32 9.44 -3.22 5.15
CA LEU A 32 9.50 -1.85 5.65
C LEU A 32 10.69 -1.68 6.60
N ARG A 33 10.76 -2.53 7.62
CA ARG A 33 11.84 -2.47 8.59
C ARG A 33 13.17 -2.20 7.91
N GLN A 34 13.49 -3.02 6.92
CA GLN A 34 14.75 -2.88 6.18
C GLN A 34 15.06 -1.40 5.94
N GLU A 35 14.05 -0.66 5.51
CA GLU A 35 14.22 0.77 5.23
C GLU A 35 14.25 1.58 6.53
N SER A 36 13.38 1.22 7.46
CA SER A 36 13.31 1.92 8.74
C SER A 36 13.39 3.42 8.55
N LYS A 37 12.62 3.93 7.59
CA LYS A 37 12.60 5.37 7.30
C LYS A 37 11.18 5.84 7.00
N GLU A 38 10.67 6.73 7.83
CA GLU A 38 9.32 7.26 7.66
C GLU A 38 9.02 7.46 6.17
N GLY A 39 8.03 6.71 5.68
CA GLY A 39 7.65 6.80 4.28
C GLY A 39 7.47 5.45 3.63
N ALA A 40 8.30 4.49 4.01
CA ALA A 40 8.22 3.14 3.47
C ALA A 40 6.80 2.63 3.49
N PHE A 41 6.21 2.47 2.31
CA PHE A 41 4.84 1.98 2.19
C PHE A 41 4.73 0.93 1.09
N ILE A 42 3.71 0.09 1.19
CA ILE A 42 3.48 -0.96 0.20
C ILE A 42 2.02 -1.39 0.17
N VAL A 43 1.61 -1.99 -0.95
CA VAL A 43 0.24 -2.45 -1.11
C VAL A 43 0.19 -3.95 -1.41
N ARG A 44 -0.30 -4.72 -0.45
CA ARG A 44 -0.41 -6.17 -0.61
C ARG A 44 -1.85 -6.59 -0.86
N ASP A 45 -2.02 -7.77 -1.45
CA ASP A 45 -3.35 -8.29 -1.74
C ASP A 45 -3.95 -9.01 -0.53
N SER A 46 -5.25 -8.87 -0.35
CA SER A 46 -5.93 -9.51 0.78
C SER A 46 -6.46 -10.88 0.39
N ARG A 47 -5.59 -11.88 0.44
CA ARG A 47 -5.97 -13.25 0.09
C ARG A 47 -7.40 -13.55 0.53
N HIS A 48 -7.83 -12.89 1.61
CA HIS A 48 -9.18 -13.10 2.13
C HIS A 48 -10.23 -12.74 1.07
N LEU A 49 -10.12 -11.53 0.53
CA LEU A 49 -11.06 -11.08 -0.49
C LEU A 49 -10.39 -10.13 -1.47
N GLY A 50 -11.17 -9.57 -2.38
CA GLY A 50 -10.63 -8.65 -3.37
C GLY A 50 -10.31 -7.29 -2.77
N SER A 51 -9.73 -7.29 -1.58
CA SER A 51 -9.38 -6.05 -0.91
C SER A 51 -7.87 -5.81 -0.93
N TYR A 52 -7.42 -4.73 -0.30
CA TYR A 52 -6.01 -4.39 -0.26
C TYR A 52 -5.67 -3.65 1.03
N THR A 53 -4.50 -3.95 1.60
CA THR A 53 -4.06 -3.31 2.83
C THR A 53 -2.69 -2.66 2.64
N ILE A 54 -2.57 -1.40 3.07
CA ILE A 54 -1.33 -0.67 2.95
C ILE A 54 -0.50 -0.77 4.24
N SER A 55 0.81 -0.93 4.08
CA SER A 55 1.70 -1.05 5.22
C SER A 55 2.73 0.07 5.22
N VAL A 56 2.47 1.11 6.01
CA VAL A 56 3.36 2.25 6.10
C VAL A 56 4.21 2.19 7.37
N PHE A 57 5.45 2.65 7.28
CA PHE A 57 6.36 2.64 8.42
C PHE A 57 6.28 3.97 9.18
N MET A 58 5.87 3.91 10.43
CA MET A 58 5.75 5.10 11.27
C MET A 58 7.09 5.41 11.94
N GLY A 59 7.63 4.43 12.66
CA GLY A 59 8.89 4.63 13.34
C GLY A 59 8.71 5.06 14.78
N ALA A 60 9.13 4.22 15.71
CA ALA A 60 9.02 4.52 17.13
C ALA A 60 9.74 5.82 17.48
N ARG A 61 8.99 6.80 17.99
CA ARG A 61 9.56 8.09 18.35
C ARG A 61 10.06 8.06 19.79
N ARG A 62 9.37 7.32 20.65
CA ARG A 62 9.75 7.22 22.05
C ARG A 62 11.08 6.47 22.21
N SER A 63 11.21 5.36 21.48
CA SER A 63 12.43 4.56 21.54
C SER A 63 12.98 4.31 20.15
N THR A 64 14.09 3.58 20.07
CA THR A 64 14.73 3.28 18.80
C THR A 64 14.14 2.03 18.17
N GLU A 65 12.84 1.85 18.33
CA GLU A 65 12.16 0.68 17.79
C GLU A 65 11.55 0.99 16.42
N ALA A 66 10.83 0.02 15.85
CA ALA A 66 10.19 0.20 14.56
C ALA A 66 8.68 0.14 14.67
N ALA A 67 8.00 1.10 14.06
CA ALA A 67 6.55 1.16 14.09
C ALA A 67 5.96 1.02 12.69
N ILE A 68 4.98 0.13 12.56
CA ILE A 68 4.32 -0.08 11.28
C ILE A 68 2.82 -0.16 11.42
N LYS A 69 2.10 0.56 10.56
CA LYS A 69 0.64 0.58 10.59
C LYS A 69 0.06 -0.26 9.45
N HIS A 70 -1.26 -0.41 9.45
CA HIS A 70 -1.94 -1.18 8.41
C HIS A 70 -3.28 -0.56 8.07
N TYR A 71 -3.35 0.08 6.90
CA TYR A 71 -4.58 0.72 6.45
C TYR A 71 -5.32 -0.15 5.44
N GLN A 72 -6.50 -0.63 5.84
CA GLN A 72 -7.30 -1.48 4.97
C GLN A 72 -8.11 -0.65 3.99
N ILE A 73 -8.15 -1.08 2.74
CA ILE A 73 -8.89 -0.37 1.70
C ILE A 73 -10.27 -0.97 1.51
N LYS A 74 -11.29 -0.24 1.99
CA LYS A 74 -12.67 -0.68 1.87
C LYS A 74 -13.36 -0.03 0.69
N LYS A 75 -14.60 -0.45 0.42
CA LYS A 75 -15.36 0.11 -0.69
C LYS A 75 -16.67 0.71 -0.19
N ASN A 76 -17.04 1.85 -0.75
CA ASN A 76 -18.27 2.54 -0.37
C ASN A 76 -19.46 2.02 -1.18
N ASP A 77 -20.62 2.63 -0.96
CA ASP A 77 -21.83 2.22 -1.66
C ASP A 77 -21.72 2.54 -3.16
N SER A 78 -20.98 3.59 -3.48
CA SER A 78 -20.81 4.01 -4.87
C SER A 78 -19.68 3.21 -5.53
N GLY A 79 -19.32 2.09 -4.91
CA GLY A 79 -18.26 1.26 -5.46
C GLY A 79 -16.96 2.01 -5.63
N GLN A 80 -16.55 2.74 -4.58
CA GLN A 80 -15.32 3.51 -4.63
C GLN A 80 -14.37 3.08 -3.52
N TRP A 81 -13.07 3.13 -3.80
CA TRP A 81 -12.06 2.75 -2.83
C TRP A 81 -11.71 3.91 -1.91
N TYR A 82 -11.60 3.64 -0.61
CA TYR A 82 -11.28 4.67 0.36
C TYR A 82 -10.63 4.06 1.60
N VAL A 83 -9.88 4.88 2.34
CA VAL A 83 -9.21 4.42 3.55
C VAL A 83 -9.47 5.36 4.71
N ALA A 84 -9.34 6.66 4.45
CA ALA A 84 -9.56 7.67 5.48
C ALA A 84 -11.06 7.93 5.68
N GLU A 85 -11.87 7.34 4.82
CA GLU A 85 -13.32 7.50 4.91
C GLU A 85 -13.72 8.94 4.59
N ARG A 86 -12.88 9.63 3.82
CA ARG A 86 -13.15 11.00 3.44
C ARG A 86 -12.91 11.22 1.96
N HIS A 87 -11.95 10.48 1.40
CA HIS A 87 -11.62 10.58 -0.01
C HIS A 87 -11.83 9.25 -0.72
N ALA A 88 -12.79 9.20 -1.62
CA ALA A 88 -13.08 7.97 -2.37
C ALA A 88 -12.57 8.07 -3.80
N PHE A 89 -12.08 6.95 -4.32
CA PHE A 89 -11.56 6.91 -5.68
C PHE A 89 -12.30 5.87 -6.53
N GLN A 90 -11.84 5.68 -7.76
CA GLN A 90 -12.46 4.73 -8.66
C GLN A 90 -11.52 3.56 -8.94
N SER A 91 -10.23 3.79 -8.74
CA SER A 91 -9.23 2.75 -8.98
C SER A 91 -8.25 2.67 -7.82
N ILE A 92 -7.73 1.47 -7.58
CA ILE A 92 -6.78 1.26 -6.49
C ILE A 92 -5.53 2.12 -6.68
N PRO A 93 -4.98 2.12 -7.90
CA PRO A 93 -3.78 2.90 -8.23
C PRO A 93 -4.06 4.39 -8.26
N GLU A 94 -5.32 4.76 -8.11
CA GLU A 94 -5.72 6.16 -8.13
C GLU A 94 -5.75 6.73 -6.71
N LEU A 95 -6.22 5.92 -5.75
CA LEU A 95 -6.30 6.35 -4.36
C LEU A 95 -4.93 6.74 -3.83
N ILE A 96 -3.90 6.03 -4.28
CA ILE A 96 -2.53 6.29 -3.85
C ILE A 96 -1.88 7.34 -4.75
N TRP A 97 -2.45 7.54 -5.92
CA TRP A 97 -1.93 8.51 -6.89
C TRP A 97 -1.80 9.89 -6.24
N TYR A 98 -2.85 10.31 -5.55
CA TYR A 98 -2.85 11.61 -4.89
C TYR A 98 -2.27 11.52 -3.48
N HIS A 99 -2.83 10.62 -2.68
CA HIS A 99 -2.37 10.43 -1.31
C HIS A 99 -0.85 10.60 -1.22
N GLN A 100 -0.15 10.16 -2.25
CA GLN A 100 1.31 10.27 -2.30
C GLN A 100 1.76 11.64 -1.81
N HIS A 101 1.23 12.69 -2.42
CA HIS A 101 1.59 14.05 -2.06
C HIS A 101 0.65 14.58 -0.96
N ASN A 102 -0.64 14.39 -1.16
CA ASN A 102 -1.64 14.84 -0.19
C ASN A 102 -2.12 13.69 0.68
N ALA A 103 -1.38 13.41 1.75
CA ALA A 103 -1.74 12.33 2.67
C ALA A 103 -3.26 12.23 2.83
N ALA A 104 -3.92 13.38 2.94
CA ALA A 104 -5.36 13.41 3.10
C ALA A 104 -5.82 12.36 4.11
N GLY A 105 -5.03 12.15 5.15
CA GLY A 105 -5.38 11.18 6.16
C GLY A 105 -4.46 11.25 7.37
N LEU A 106 -3.16 11.32 7.12
CA LEU A 106 -2.17 11.39 8.20
C LEU A 106 -1.04 12.34 7.83
N MET A 107 -0.56 13.09 8.82
CA MET A 107 0.53 14.03 8.60
C MET A 107 1.53 13.48 7.59
N THR A 108 1.98 12.26 7.81
CA THR A 108 2.94 11.62 6.92
C THR A 108 2.25 11.09 5.67
N ARG A 109 2.92 11.24 4.53
CA ARG A 109 2.38 10.77 3.26
C ARG A 109 3.37 9.87 2.54
N LEU A 110 2.87 8.92 1.76
CA LEU A 110 3.71 7.99 1.02
C LEU A 110 4.78 8.74 0.23
N ARG A 111 6.03 8.51 0.59
CA ARG A 111 7.15 9.16 -0.08
C ARG A 111 8.17 8.14 -0.57
N TYR A 112 8.40 7.12 0.25
CA TYR A 112 9.35 6.07 -0.11
C TYR A 112 8.63 4.78 -0.47
N PRO A 113 8.23 4.66 -1.74
CA PRO A 113 7.52 3.49 -2.24
C PRO A 113 8.42 2.25 -2.32
N VAL A 114 8.57 1.57 -1.19
CA VAL A 114 9.41 0.38 -1.14
C VAL A 114 9.35 -0.40 -2.44
N GLY A 115 10.52 -0.64 -3.04
CA GLY A 115 10.58 -1.37 -4.30
C GLY A 115 10.12 -2.80 -4.16
N LEU A 116 9.69 -3.40 -5.26
CA LEU A 116 9.22 -4.78 -5.26
C LEU A 116 10.29 -5.72 -4.73
N MET A 117 11.43 -5.76 -5.42
CA MET A 117 12.54 -6.62 -5.02
C MET A 117 12.93 -6.35 -3.57
N GLY A 118 12.31 -7.08 -2.65
CA GLY A 118 12.61 -6.92 -1.24
C GLY A 118 13.63 -7.92 -0.73
N SER A 119 13.16 -8.98 -0.09
CA SER A 119 14.04 -10.01 0.44
C SER A 119 13.23 -11.18 1.02
N SER A 120 13.86 -12.34 1.10
CA SER A 120 13.20 -13.53 1.62
C SER A 120 14.22 -14.64 1.89
N GLY A 121 13.77 -15.71 2.53
CA GLY A 121 14.65 -16.82 2.84
C GLY A 121 13.90 -18.14 2.93
N PRO A 122 14.57 -19.23 2.52
CA PRO A 122 13.99 -20.57 2.55
C PRO A 122 13.81 -21.10 3.96
N SER A 123 13.44 -22.37 4.08
CA SER A 123 13.22 -23.00 5.38
C SER A 123 13.48 -24.49 5.31
N SER A 124 13.36 -25.16 6.46
CA SER A 124 13.59 -26.60 6.53
C SER A 124 14.96 -26.96 5.99
N GLY A 125 15.97 -26.18 6.37
CA GLY A 125 17.33 -26.43 5.93
C GLY A 125 18.25 -25.25 6.18
N GLY A 1 -5.08 3.48 -29.66
CA GLY A 1 -4.51 4.79 -29.93
C GLY A 1 -3.68 5.30 -28.77
N SER A 2 -3.83 6.58 -28.45
CA SER A 2 -3.08 7.19 -27.35
C SER A 2 -3.98 7.46 -26.16
N SER A 3 -5.01 8.28 -26.37
CA SER A 3 -5.95 8.62 -25.31
C SER A 3 -7.35 8.15 -25.65
N GLY A 4 -8.18 7.96 -24.63
CA GLY A 4 -9.54 7.52 -24.84
C GLY A 4 -9.93 6.38 -23.92
N SER A 5 -10.32 6.72 -22.69
CA SER A 5 -10.71 5.72 -21.71
C SER A 5 -12.16 5.92 -21.29
N SER A 6 -12.96 4.86 -21.43
CA SER A 6 -14.37 4.92 -21.06
C SER A 6 -14.56 4.64 -19.57
N GLY A 7 -13.98 3.54 -19.10
CA GLY A 7 -14.10 3.19 -17.70
C GLY A 7 -14.17 1.68 -17.49
N ASN A 8 -13.89 1.25 -16.26
CA ASN A 8 -13.92 -0.16 -15.93
C ASN A 8 -12.84 -0.92 -16.69
N LYS A 9 -11.65 -0.35 -16.75
CA LYS A 9 -10.53 -0.97 -17.44
C LYS A 9 -9.72 -1.85 -16.50
N ILE A 10 -9.22 -2.97 -17.01
CA ILE A 10 -8.42 -3.89 -16.21
C ILE A 10 -7.54 -3.14 -15.22
N THR A 11 -7.52 -3.62 -13.99
CA THR A 11 -6.72 -3.00 -12.94
C THR A 11 -5.30 -3.57 -12.91
N ASN A 12 -4.38 -2.87 -13.56
CA ASN A 12 -2.99 -3.31 -13.61
C ASN A 12 -2.19 -2.71 -12.46
N LEU A 13 -1.84 -3.54 -11.49
CA LEU A 13 -1.06 -3.09 -10.34
C LEU A 13 0.38 -3.58 -10.42
N GLU A 14 0.55 -4.81 -10.89
CA GLU A 14 1.88 -5.39 -11.02
C GLU A 14 2.85 -4.40 -11.64
N ILE A 15 2.38 -3.64 -12.62
CA ILE A 15 3.20 -2.64 -13.28
C ILE A 15 3.96 -1.79 -12.28
N TYR A 16 3.32 -1.49 -11.15
CA TYR A 16 3.93 -0.68 -10.11
C TYR A 16 4.88 -1.52 -9.25
N GLU A 17 5.64 -0.85 -8.40
CA GLU A 17 6.58 -1.54 -7.52
C GLU A 17 6.06 -1.58 -6.09
N TRP A 18 5.35 -0.52 -5.70
CA TRP A 18 4.80 -0.44 -4.35
C TRP A 18 3.74 -1.50 -4.12
N TYR A 19 3.27 -2.10 -5.22
CA TYR A 19 2.24 -3.14 -5.14
C TYR A 19 2.88 -4.51 -4.92
N HIS A 20 3.32 -4.76 -3.69
CA HIS A 20 3.95 -6.03 -3.35
C HIS A 20 2.92 -7.15 -3.28
N ARG A 21 2.84 -7.95 -4.34
CA ARG A 21 1.89 -9.05 -4.40
C ARG A 21 2.58 -10.38 -4.07
N ASN A 22 1.77 -11.40 -3.78
CA ASN A 22 2.30 -12.71 -3.44
C ASN A 22 3.17 -12.66 -2.19
N ILE A 23 2.70 -11.89 -1.19
CA ILE A 23 3.42 -11.76 0.06
C ILE A 23 2.52 -12.04 1.25
N THR A 24 3.10 -12.00 2.45
CA THR A 24 2.34 -12.26 3.67
C THR A 24 2.58 -11.16 4.70
N ARG A 25 1.71 -11.10 5.70
CA ARG A 25 1.83 -10.10 6.76
C ARG A 25 3.30 -9.81 7.07
N ASN A 26 4.03 -10.84 7.45
CA ASN A 26 5.45 -10.70 7.78
C ASN A 26 6.18 -9.90 6.70
N GLN A 27 6.00 -10.31 5.44
CA GLN A 27 6.64 -9.63 4.32
C GLN A 27 6.35 -8.13 4.35
N ALA A 28 5.07 -7.79 4.26
CA ALA A 28 4.66 -6.39 4.28
C ALA A 28 5.49 -5.58 5.28
N GLU A 29 5.36 -5.92 6.56
CA GLU A 29 6.11 -5.23 7.60
C GLU A 29 7.60 -5.28 7.34
N HIS A 30 8.11 -6.49 7.12
CA HIS A 30 9.54 -6.67 6.85
C HIS A 30 10.03 -5.68 5.80
N LEU A 31 9.54 -5.83 4.57
CA LEU A 31 9.93 -4.94 3.48
C LEU A 31 10.17 -3.53 3.98
N LEU A 32 9.29 -3.06 4.86
CA LEU A 32 9.39 -1.72 5.43
C LEU A 32 10.61 -1.61 6.33
N ARG A 33 10.69 -2.48 7.33
CA ARG A 33 11.81 -2.48 8.27
C ARG A 33 13.12 -2.25 7.53
N GLN A 34 13.34 -3.00 6.45
CA GLN A 34 14.56 -2.88 5.66
C GLN A 34 14.91 -1.40 5.44
N GLU A 35 13.90 -0.60 5.13
CA GLU A 35 14.11 0.82 4.89
C GLU A 35 14.26 1.58 6.21
N SER A 36 13.39 1.26 7.16
CA SER A 36 13.41 1.91 8.47
C SER A 36 13.42 3.43 8.32
N LYS A 37 12.49 3.94 7.52
CA LYS A 37 12.39 5.38 7.28
C LYS A 37 10.94 5.80 7.11
N GLU A 38 10.59 6.95 7.68
CA GLU A 38 9.24 7.47 7.60
C GLU A 38 8.79 7.60 6.14
N GLY A 39 7.67 6.98 5.81
CA GLY A 39 7.16 7.04 4.46
C GLY A 39 7.00 5.66 3.84
N ALA A 40 7.99 4.80 4.04
CA ALA A 40 7.95 3.45 3.49
C ALA A 40 6.54 2.89 3.52
N PHE A 41 5.94 2.74 2.34
CA PHE A 41 4.59 2.21 2.23
C PHE A 41 4.51 1.14 1.14
N ILE A 42 3.47 0.32 1.20
CA ILE A 42 3.28 -0.74 0.23
C ILE A 42 1.81 -1.12 0.12
N VAL A 43 1.48 -1.84 -0.95
CA VAL A 43 0.10 -2.28 -1.17
C VAL A 43 0.02 -3.79 -1.32
N ARG A 44 -0.43 -4.46 -0.26
CA ARG A 44 -0.56 -5.92 -0.27
C ARG A 44 -2.00 -6.33 -0.55
N ASP A 45 -2.18 -7.60 -0.88
CA ASP A 45 -3.51 -8.14 -1.17
C ASP A 45 -4.11 -8.82 0.06
N SER A 46 -5.39 -8.59 0.30
CA SER A 46 -6.07 -9.19 1.44
C SER A 46 -6.72 -10.51 1.06
N ARG A 47 -5.89 -11.54 0.90
CA ARG A 47 -6.38 -12.87 0.53
C ARG A 47 -7.74 -13.14 1.16
N HIS A 48 -7.93 -12.64 2.39
CA HIS A 48 -9.19 -12.83 3.10
C HIS A 48 -10.38 -12.44 2.23
N LEU A 49 -10.35 -11.22 1.70
CA LEU A 49 -11.42 -10.72 0.85
C LEU A 49 -10.86 -10.01 -0.38
N GLY A 50 -11.74 -9.64 -1.29
CA GLY A 50 -11.31 -8.96 -2.50
C GLY A 50 -10.95 -7.51 -2.24
N SER A 51 -10.19 -7.27 -1.18
CA SER A 51 -9.77 -5.92 -0.82
C SER A 51 -8.25 -5.83 -0.74
N TYR A 52 -7.75 -4.65 -0.36
CA TYR A 52 -6.32 -4.43 -0.25
C TYR A 52 -5.98 -3.78 1.09
N THR A 53 -4.68 -3.72 1.39
CA THR A 53 -4.22 -3.11 2.64
C THR A 53 -2.88 -2.42 2.44
N ILE A 54 -2.77 -1.21 2.99
CA ILE A 54 -1.54 -0.43 2.87
C ILE A 54 -0.71 -0.52 4.15
N SER A 55 0.57 -0.82 4.01
CA SER A 55 1.47 -0.94 5.15
C SER A 55 2.52 0.17 5.13
N VAL A 56 2.30 1.20 5.95
CA VAL A 56 3.23 2.32 6.02
C VAL A 56 4.13 2.20 7.24
N PHE A 57 5.34 2.73 7.13
CA PHE A 57 6.31 2.68 8.22
C PHE A 57 6.29 3.98 9.02
N MET A 58 5.65 3.93 10.19
CA MET A 58 5.56 5.11 11.06
C MET A 58 6.92 5.46 11.65
N GLY A 59 7.59 4.45 12.22
CA GLY A 59 8.88 4.67 12.82
C GLY A 59 8.81 4.92 14.32
N ALA A 60 9.30 3.95 15.09
CA ALA A 60 9.28 4.06 16.54
C ALA A 60 10.07 5.28 17.01
N ARG A 61 10.05 5.53 18.31
CA ARG A 61 10.78 6.65 18.88
C ARG A 61 12.28 6.51 18.67
N ARG A 62 12.82 5.36 19.07
CA ARG A 62 14.25 5.09 18.92
C ARG A 62 14.51 4.17 17.75
N SER A 63 15.59 4.41 17.02
CA SER A 63 15.96 3.61 15.88
C SER A 63 15.92 2.12 16.22
N THR A 64 16.46 1.78 17.39
CA THR A 64 16.49 0.40 17.84
C THR A 64 15.13 -0.27 17.67
N GLU A 65 14.09 0.55 17.61
CA GLU A 65 12.72 0.03 17.45
C GLU A 65 12.11 0.53 16.15
N ALA A 66 10.93 0.00 15.81
CA ALA A 66 10.24 0.40 14.60
C ALA A 66 8.72 0.47 14.83
N ALA A 67 8.01 1.02 13.86
CA ALA A 67 6.57 1.14 13.95
C ALA A 67 5.91 1.05 12.58
N ILE A 68 5.00 0.10 12.42
CA ILE A 68 4.31 -0.09 11.15
C ILE A 68 2.80 -0.17 11.35
N LYS A 69 2.05 0.49 10.48
CA LYS A 69 0.59 0.50 10.56
C LYS A 69 -0.02 -0.27 9.39
N HIS A 70 -1.28 -0.65 9.54
CA HIS A 70 -1.98 -1.38 8.49
C HIS A 70 -3.33 -0.74 8.19
N TYR A 71 -3.45 -0.15 7.00
CA TYR A 71 -4.69 0.50 6.60
C TYR A 71 -5.41 -0.31 5.53
N GLN A 72 -6.49 -0.98 5.94
CA GLN A 72 -7.27 -1.80 5.03
C GLN A 72 -8.16 -0.94 4.14
N ILE A 73 -8.04 -1.11 2.83
CA ILE A 73 -8.83 -0.35 1.88
C ILE A 73 -10.21 -0.97 1.68
N LYS A 74 -11.25 -0.26 2.12
CA LYS A 74 -12.61 -0.73 1.99
C LYS A 74 -13.31 -0.09 0.80
N LYS A 75 -14.55 -0.49 0.55
CA LYS A 75 -15.32 0.05 -0.56
C LYS A 75 -16.70 0.53 -0.09
N ASN A 76 -17.14 1.67 -0.62
CA ASN A 76 -18.42 2.23 -0.26
C ASN A 76 -19.51 1.79 -1.24
N ASP A 77 -20.72 2.30 -1.04
CA ASP A 77 -21.84 1.96 -1.91
C ASP A 77 -21.52 2.30 -3.37
N SER A 78 -20.72 3.34 -3.57
CA SER A 78 -20.33 3.76 -4.91
C SER A 78 -19.21 2.88 -5.45
N GLY A 79 -19.01 1.73 -4.83
CA GLY A 79 -17.96 0.82 -5.26
C GLY A 79 -16.63 1.52 -5.45
N GLN A 80 -16.32 2.45 -4.55
CA GLN A 80 -15.07 3.19 -4.63
C GLN A 80 -14.13 2.81 -3.48
N TRP A 81 -12.85 2.70 -3.79
CA TRP A 81 -11.85 2.34 -2.78
C TRP A 81 -11.48 3.54 -1.92
N TYR A 82 -11.31 3.32 -0.63
CA TYR A 82 -10.95 4.39 0.30
C TYR A 82 -10.21 3.84 1.51
N VAL A 83 -9.40 4.68 2.13
CA VAL A 83 -8.64 4.28 3.30
C VAL A 83 -9.12 5.02 4.55
N ALA A 84 -9.06 6.34 4.51
CA ALA A 84 -9.49 7.16 5.63
C ALA A 84 -11.01 7.14 5.77
N GLU A 85 -11.68 6.50 4.82
CA GLU A 85 -13.13 6.42 4.85
C GLU A 85 -13.76 7.78 4.60
N ARG A 86 -13.02 8.65 3.91
CA ARG A 86 -13.51 10.00 3.62
C ARG A 86 -13.25 10.34 2.15
N HIS A 87 -12.16 9.83 1.60
CA HIS A 87 -11.80 10.09 0.22
C HIS A 87 -11.90 8.82 -0.62
N ALA A 88 -12.95 8.72 -1.41
CA ALA A 88 -13.15 7.55 -2.27
C ALA A 88 -12.63 7.80 -3.69
N PHE A 89 -11.94 6.81 -4.24
CA PHE A 89 -11.39 6.92 -5.58
C PHE A 89 -12.10 5.97 -6.54
N GLN A 90 -11.61 5.91 -7.77
CA GLN A 90 -12.20 5.04 -8.79
C GLN A 90 -11.34 3.80 -9.01
N SER A 91 -10.05 3.92 -8.71
CA SER A 91 -9.12 2.81 -8.88
C SER A 91 -8.13 2.74 -7.71
N ILE A 92 -7.66 1.54 -7.42
CA ILE A 92 -6.70 1.35 -6.33
C ILE A 92 -5.43 2.16 -6.55
N PRO A 93 -4.87 2.05 -7.76
CA PRO A 93 -3.65 2.79 -8.13
C PRO A 93 -3.88 4.28 -8.27
N GLU A 94 -5.11 4.71 -8.01
CA GLU A 94 -5.47 6.12 -8.10
C GLU A 94 -5.49 6.76 -6.72
N LEU A 95 -6.00 6.04 -5.74
CA LEU A 95 -6.09 6.53 -4.37
C LEU A 95 -4.72 6.95 -3.86
N ILE A 96 -3.69 6.19 -4.22
CA ILE A 96 -2.33 6.48 -3.81
C ILE A 96 -1.70 7.55 -4.70
N TRP A 97 -2.15 7.61 -5.95
CA TRP A 97 -1.63 8.59 -6.91
C TRP A 97 -1.52 9.96 -6.26
N TYR A 98 -2.54 10.36 -5.53
CA TYR A 98 -2.56 11.66 -4.86
C TYR A 98 -1.87 11.58 -3.51
N HIS A 99 -2.16 10.51 -2.76
CA HIS A 99 -1.58 10.32 -1.44
C HIS A 99 -0.08 10.64 -1.45
N GLN A 100 0.59 10.25 -2.53
CA GLN A 100 2.02 10.50 -2.67
C GLN A 100 2.32 11.99 -2.52
N HIS A 101 1.51 12.82 -3.15
CA HIS A 101 1.70 14.27 -3.09
C HIS A 101 1.15 14.83 -1.78
N ASN A 102 -0.04 14.38 -1.40
CA ASN A 102 -0.67 14.84 -0.17
C ASN A 102 -1.29 13.67 0.58
N ALA A 103 -0.81 13.43 1.79
CA ALA A 103 -1.32 12.35 2.63
C ALA A 103 -2.80 12.53 2.92
N ALA A 104 -3.64 11.93 2.10
CA ALA A 104 -5.09 12.03 2.28
C ALA A 104 -5.59 11.00 3.29
N GLY A 105 -5.58 11.39 4.56
CA GLY A 105 -6.04 10.49 5.61
C GLY A 105 -5.17 10.56 6.85
N LEU A 106 -5.59 9.87 7.91
CA LEU A 106 -4.85 9.86 9.16
C LEU A 106 -3.60 9.00 9.05
N MET A 107 -2.57 9.55 8.43
CA MET A 107 -1.30 8.83 8.26
C MET A 107 -0.25 9.72 7.62
N THR A 108 1.01 9.33 7.74
CA THR A 108 2.11 10.09 7.18
C THR A 108 2.00 10.19 5.66
N ARG A 109 2.86 11.01 5.06
CA ARG A 109 2.85 11.20 3.62
C ARG A 109 3.85 10.25 2.94
N LEU A 110 3.35 9.38 2.09
CA LEU A 110 4.19 8.42 1.38
C LEU A 110 5.43 9.12 0.81
N ARG A 111 6.61 8.65 1.23
CA ARG A 111 7.87 9.23 0.76
C ARG A 111 8.66 8.20 -0.03
N TYR A 112 8.99 7.09 0.61
CA TYR A 112 9.77 6.03 -0.03
C TYR A 112 8.86 4.87 -0.43
N PRO A 113 8.44 4.86 -1.71
CA PRO A 113 7.57 3.82 -2.26
C PRO A 113 8.28 2.48 -2.39
N VAL A 114 8.40 1.77 -1.27
CA VAL A 114 9.06 0.47 -1.26
C VAL A 114 8.73 -0.33 -2.51
N GLY A 115 9.74 -0.54 -3.36
CA GLY A 115 9.53 -1.29 -4.58
C GLY A 115 10.05 -2.71 -4.48
N LEU A 116 9.49 -3.61 -5.29
CA LEU A 116 9.90 -5.00 -5.29
C LEU A 116 11.41 -5.13 -5.22
N MET A 117 12.10 -4.50 -6.16
CA MET A 117 13.56 -4.53 -6.20
C MET A 117 14.13 -4.56 -4.79
N GLY A 118 13.84 -3.53 -4.01
CA GLY A 118 14.33 -3.46 -2.64
C GLY A 118 15.83 -3.67 -2.56
N SER A 119 16.35 -3.76 -1.34
CA SER A 119 17.77 -3.97 -1.12
C SER A 119 18.02 -5.10 -0.14
N SER A 120 18.09 -6.32 -0.65
CA SER A 120 18.32 -7.49 0.18
C SER A 120 18.47 -8.75 -0.67
N GLY A 121 18.84 -9.85 -0.03
CA GLY A 121 19.02 -11.11 -0.74
C GLY A 121 20.05 -12.01 -0.09
N PRO A 122 19.73 -12.47 1.14
CA PRO A 122 20.63 -13.35 1.90
C PRO A 122 20.73 -14.74 1.29
N SER A 123 19.59 -15.34 1.00
CA SER A 123 19.54 -16.68 0.42
C SER A 123 18.86 -16.66 -0.94
N SER A 124 18.95 -17.77 -1.67
CA SER A 124 18.35 -17.88 -2.99
C SER A 124 18.20 -19.33 -3.40
N GLY A 125 17.41 -19.57 -4.45
CA GLY A 125 17.20 -20.92 -4.92
C GLY A 125 15.74 -21.30 -5.02
N GLY A 1 5.72 -4.79 -16.44
CA GLY A 1 5.78 -6.20 -16.83
C GLY A 1 4.41 -6.75 -17.16
N SER A 2 4.23 -7.14 -18.42
CA SER A 2 2.96 -7.69 -18.88
C SER A 2 2.83 -9.16 -18.51
N SER A 3 2.01 -9.46 -17.50
CA SER A 3 1.81 -10.83 -17.06
C SER A 3 0.61 -11.46 -17.76
N GLY A 4 0.42 -12.76 -17.53
CA GLY A 4 -0.69 -13.46 -18.14
C GLY A 4 -2.02 -12.74 -17.95
N SER A 5 -3.10 -13.34 -18.45
CA SER A 5 -4.42 -12.75 -18.34
C SER A 5 -5.05 -13.10 -16.99
N SER A 6 -5.20 -14.39 -16.73
CA SER A 6 -5.79 -14.85 -15.48
C SER A 6 -7.24 -14.43 -15.38
N GLY A 7 -7.96 -14.49 -16.50
CA GLY A 7 -9.35 -14.10 -16.51
C GLY A 7 -9.56 -12.65 -16.87
N ASN A 8 -9.96 -11.85 -15.89
CA ASN A 8 -10.20 -10.43 -16.11
C ASN A 8 -8.97 -9.61 -15.71
N LYS A 9 -8.29 -9.04 -16.69
CA LYS A 9 -7.09 -8.24 -16.44
C LYS A 9 -7.47 -6.81 -16.07
N ILE A 10 -8.56 -6.66 -15.31
CA ILE A 10 -9.02 -5.36 -14.88
C ILE A 10 -8.31 -4.90 -13.60
N THR A 11 -7.99 -3.62 -13.54
CA THR A 11 -7.31 -3.07 -12.37
C THR A 11 -5.86 -3.52 -12.30
N ASN A 12 -5.15 -3.36 -13.41
CA ASN A 12 -3.75 -3.76 -13.48
C ASN A 12 -2.92 -3.04 -12.43
N LEU A 13 -2.32 -3.80 -11.52
CA LEU A 13 -1.49 -3.23 -10.46
C LEU A 13 -0.06 -3.76 -10.53
N GLU A 14 0.08 -4.98 -11.06
CA GLU A 14 1.40 -5.60 -11.18
C GLU A 14 2.40 -4.64 -11.82
N ILE A 15 1.94 -3.88 -12.81
CA ILE A 15 2.79 -2.92 -13.49
C ILE A 15 3.49 -1.99 -12.50
N TYR A 16 2.84 -1.75 -11.36
CA TYR A 16 3.40 -0.89 -10.33
C TYR A 16 4.43 -1.63 -9.49
N GLU A 17 5.19 -0.89 -8.70
CA GLU A 17 6.22 -1.47 -7.85
C GLU A 17 5.77 -1.49 -6.39
N TRP A 18 5.00 -0.48 -6.01
CA TRP A 18 4.51 -0.36 -4.65
C TRP A 18 3.38 -1.35 -4.39
N TYR A 19 3.12 -2.21 -5.36
CA TYR A 19 2.06 -3.20 -5.25
C TYR A 19 2.65 -4.59 -4.98
N HIS A 20 3.10 -4.81 -3.75
CA HIS A 20 3.69 -6.09 -3.37
C HIS A 20 2.61 -7.15 -3.18
N ARG A 21 2.47 -8.02 -4.18
CA ARG A 21 1.46 -9.08 -4.12
C ARG A 21 2.10 -10.41 -3.71
N ASN A 22 1.27 -11.31 -3.18
CA ASN A 22 1.74 -12.61 -2.74
C ASN A 22 2.62 -12.48 -1.50
N ILE A 23 2.18 -11.66 -0.55
CA ILE A 23 2.92 -11.44 0.68
C ILE A 23 2.02 -11.57 1.90
N THR A 24 2.61 -11.51 3.09
CA THR A 24 1.86 -11.63 4.32
C THR A 24 2.28 -10.55 5.32
N ARG A 25 1.51 -10.41 6.39
CA ARG A 25 1.81 -9.43 7.43
C ARG A 25 3.30 -9.38 7.72
N ASN A 26 3.91 -10.55 7.88
CA ASN A 26 5.33 -10.65 8.17
C ASN A 26 6.16 -9.96 7.08
N GLN A 27 5.86 -10.29 5.83
CA GLN A 27 6.57 -9.70 4.70
C GLN A 27 6.46 -8.18 4.71
N ALA A 28 5.22 -7.69 4.74
CA ALA A 28 4.97 -6.25 4.76
C ALA A 28 5.77 -5.57 5.86
N GLU A 29 5.53 -5.98 7.10
CA GLU A 29 6.23 -5.41 8.25
C GLU A 29 7.74 -5.47 8.06
N HIS A 30 8.25 -6.68 7.84
CA HIS A 30 9.68 -6.88 7.65
C HIS A 30 10.20 -5.99 6.53
N LEU A 31 9.75 -6.26 5.30
CA LEU A 31 10.17 -5.48 4.14
C LEU A 31 10.39 -4.02 4.51
N LEU A 32 9.38 -3.41 5.12
CA LEU A 32 9.47 -2.01 5.52
C LEU A 32 10.69 -1.79 6.42
N ARG A 33 10.80 -2.59 7.47
CA ARG A 33 11.92 -2.48 8.40
C ARG A 33 13.24 -2.39 7.64
N GLN A 34 13.27 -2.96 6.45
CA GLN A 34 14.48 -2.96 5.63
C GLN A 34 14.96 -1.53 5.37
N GLU A 35 14.00 -0.62 5.19
CA GLU A 35 14.32 0.78 4.94
C GLU A 35 14.48 1.56 6.24
N SER A 36 13.61 1.27 7.20
CA SER A 36 13.65 1.94 8.50
C SER A 36 13.66 3.45 8.33
N LYS A 37 12.78 3.95 7.47
CA LYS A 37 12.69 5.38 7.21
C LYS A 37 11.25 5.79 6.91
N GLU A 38 10.76 6.80 7.63
CA GLU A 38 9.40 7.28 7.44
C GLU A 38 9.07 7.40 5.96
N GLY A 39 7.86 6.95 5.58
CA GLY A 39 7.44 7.01 4.20
C GLY A 39 7.32 5.64 3.57
N ALA A 40 8.18 4.72 3.98
CA ALA A 40 8.15 3.36 3.45
C ALA A 40 6.74 2.78 3.50
N PHE A 41 6.12 2.63 2.33
CA PHE A 41 4.77 2.09 2.23
C PHE A 41 4.69 1.02 1.15
N ILE A 42 3.64 0.21 1.20
CA ILE A 42 3.45 -0.85 0.23
C ILE A 42 1.99 -1.31 0.20
N VAL A 43 1.58 -1.90 -0.91
CA VAL A 43 0.22 -2.40 -1.07
C VAL A 43 0.19 -3.90 -1.25
N ARG A 44 -0.39 -4.60 -0.28
CA ARG A 44 -0.48 -6.06 -0.34
C ARG A 44 -1.92 -6.51 -0.52
N ASP A 45 -2.10 -7.75 -0.94
CA ASP A 45 -3.43 -8.31 -1.15
C ASP A 45 -3.94 -9.01 0.09
N SER A 46 -5.21 -8.80 0.40
CA SER A 46 -5.82 -9.42 1.58
C SER A 46 -6.08 -10.90 1.35
N ARG A 47 -5.81 -11.70 2.37
CA ARG A 47 -6.00 -13.15 2.28
C ARG A 47 -7.47 -13.52 2.51
N HIS A 48 -8.06 -12.92 3.55
CA HIS A 48 -9.46 -13.20 3.88
C HIS A 48 -10.35 -13.03 2.66
N LEU A 49 -10.04 -12.02 1.85
CA LEU A 49 -10.82 -11.76 0.64
C LEU A 49 -9.98 -10.99 -0.39
N GLY A 50 -10.56 -10.75 -1.56
CA GLY A 50 -9.87 -10.03 -2.61
C GLY A 50 -9.76 -8.55 -2.32
N SER A 51 -9.40 -8.21 -1.09
CA SER A 51 -9.27 -6.81 -0.68
C SER A 51 -7.82 -6.36 -0.75
N TYR A 52 -7.57 -5.11 -0.36
CA TYR A 52 -6.23 -4.56 -0.39
C TYR A 52 -5.88 -3.92 0.95
N THR A 53 -4.59 -3.86 1.25
CA THR A 53 -4.11 -3.28 2.50
C THR A 53 -2.78 -2.56 2.31
N ILE A 54 -2.67 -1.37 2.86
CA ILE A 54 -1.44 -0.59 2.76
C ILE A 54 -0.64 -0.64 4.04
N SER A 55 0.66 -0.92 3.92
CA SER A 55 1.54 -1.01 5.08
C SER A 55 2.58 0.10 5.05
N VAL A 56 2.36 1.13 5.86
CA VAL A 56 3.29 2.26 5.93
C VAL A 56 4.18 2.17 7.17
N PHE A 57 5.40 2.66 7.05
CA PHE A 57 6.35 2.64 8.15
C PHE A 57 6.40 3.99 8.87
N MET A 58 5.88 4.02 10.09
CA MET A 58 5.87 5.25 10.87
C MET A 58 7.29 5.65 11.29
N GLY A 59 7.99 4.73 11.93
CA GLY A 59 9.35 5.00 12.37
C GLY A 59 9.45 5.17 13.87
N ALA A 60 10.55 4.73 14.45
CA ALA A 60 10.77 4.83 15.88
C ALA A 60 11.36 6.19 16.25
N ARG A 61 10.51 7.19 16.38
CA ARG A 61 10.95 8.54 16.72
C ARG A 61 10.97 8.74 18.23
N ARG A 62 12.07 8.35 18.86
CA ARG A 62 12.20 8.49 20.31
C ARG A 62 10.86 8.26 21.00
N SER A 63 10.06 7.35 20.45
CA SER A 63 8.75 7.05 21.02
C SER A 63 8.58 5.54 21.23
N THR A 64 8.77 4.78 20.15
CA THR A 64 8.64 3.33 20.20
C THR A 64 9.36 2.67 19.04
N GLU A 65 9.82 1.44 19.24
CA GLU A 65 10.53 0.70 18.21
C GLU A 65 9.82 0.84 16.86
N ALA A 66 10.49 0.39 15.81
CA ALA A 66 9.92 0.46 14.46
C ALA A 66 8.41 0.31 14.50
N ALA A 67 7.70 1.33 14.02
CA ALA A 67 6.24 1.32 14.00
C ALA A 67 5.72 1.14 12.57
N ILE A 68 4.76 0.24 12.41
CA ILE A 68 4.17 -0.02 11.11
C ILE A 68 2.65 -0.10 11.19
N LYS A 69 1.98 0.69 10.36
CA LYS A 69 0.51 0.72 10.34
C LYS A 69 -0.01 -0.09 9.16
N HIS A 70 -1.32 -0.37 9.17
CA HIS A 70 -1.95 -1.12 8.10
C HIS A 70 -3.32 -0.53 7.75
N TYR A 71 -3.39 0.13 6.60
CA TYR A 71 -4.64 0.74 6.16
C TYR A 71 -5.34 -0.14 5.12
N GLN A 72 -6.40 -0.81 5.55
CA GLN A 72 -7.17 -1.68 4.67
C GLN A 72 -8.03 -0.86 3.71
N ILE A 73 -7.86 -1.12 2.41
CA ILE A 73 -8.62 -0.40 1.39
C ILE A 73 -9.96 -1.08 1.14
N LYS A 74 -11.02 -0.49 1.71
CA LYS A 74 -12.36 -1.03 1.55
C LYS A 74 -13.11 -0.32 0.42
N LYS A 75 -14.28 -0.84 0.07
CA LYS A 75 -15.09 -0.25 -0.99
C LYS A 75 -16.49 0.09 -0.48
N ASN A 76 -17.00 1.24 -0.90
CA ASN A 76 -18.33 1.67 -0.50
C ASN A 76 -19.37 1.35 -1.56
N ASP A 77 -20.61 1.75 -1.33
CA ASP A 77 -21.69 1.49 -2.27
C ASP A 77 -21.36 2.06 -3.65
N SER A 78 -20.60 3.16 -3.66
CA SER A 78 -20.22 3.81 -4.91
C SER A 78 -19.03 3.09 -5.55
N GLY A 79 -18.81 1.85 -5.13
CA GLY A 79 -17.71 1.08 -5.67
C GLY A 79 -16.40 1.86 -5.72
N GLN A 80 -16.14 2.62 -4.66
CA GLN A 80 -14.93 3.44 -4.59
C GLN A 80 -13.99 2.91 -3.51
N TRP A 81 -12.71 2.87 -3.82
CA TRP A 81 -11.71 2.38 -2.87
C TRP A 81 -11.29 3.49 -1.90
N TYR A 82 -11.27 3.16 -0.62
CA TYR A 82 -10.90 4.12 0.42
C TYR A 82 -10.27 3.42 1.62
N VAL A 83 -9.46 4.16 2.37
CA VAL A 83 -8.80 3.62 3.55
C VAL A 83 -9.10 4.46 4.79
N ALA A 84 -9.03 5.78 4.63
CA ALA A 84 -9.30 6.70 5.73
C ALA A 84 -10.79 6.84 5.98
N GLU A 85 -11.60 6.17 5.15
CA GLU A 85 -13.04 6.22 5.28
C GLU A 85 -13.55 7.66 5.16
N ARG A 86 -12.77 8.50 4.47
CA ARG A 86 -13.14 9.89 4.28
C ARG A 86 -12.96 10.30 2.81
N HIS A 87 -11.98 9.70 2.15
CA HIS A 87 -11.71 10.00 0.75
C HIS A 87 -11.82 8.75 -0.11
N ALA A 88 -12.80 8.74 -1.00
CA ALA A 88 -13.03 7.61 -1.88
C ALA A 88 -12.58 7.92 -3.31
N PHE A 89 -11.88 6.96 -3.92
CA PHE A 89 -11.39 7.14 -5.28
C PHE A 89 -12.14 6.22 -6.25
N GLN A 90 -11.71 6.24 -7.52
CA GLN A 90 -12.34 5.41 -8.54
C GLN A 90 -11.46 4.20 -8.87
N SER A 91 -10.15 4.35 -8.68
CA SER A 91 -9.22 3.27 -8.97
C SER A 91 -8.18 3.15 -7.85
N ILE A 92 -7.61 1.96 -7.71
CA ILE A 92 -6.60 1.70 -6.69
C ILE A 92 -5.39 2.61 -6.88
N PRO A 93 -4.88 2.67 -8.11
CA PRO A 93 -3.71 3.49 -8.44
C PRO A 93 -4.03 4.98 -8.41
N GLU A 94 -5.26 5.31 -8.03
CA GLU A 94 -5.69 6.70 -7.96
C GLU A 94 -5.64 7.21 -6.52
N LEU A 95 -6.09 6.38 -5.59
CA LEU A 95 -6.10 6.74 -4.17
C LEU A 95 -4.70 7.14 -3.71
N ILE A 96 -3.69 6.48 -4.26
CA ILE A 96 -2.30 6.77 -3.91
C ILE A 96 -1.72 7.87 -4.79
N TRP A 97 -2.37 8.10 -5.93
CA TRP A 97 -1.91 9.13 -6.87
C TRP A 97 -1.80 10.48 -6.17
N TYR A 98 -2.84 10.84 -5.41
CA TYR A 98 -2.86 12.11 -4.69
C TYR A 98 -2.13 11.99 -3.35
N HIS A 99 -2.49 10.97 -2.60
CA HIS A 99 -1.88 10.73 -1.29
C HIS A 99 -0.37 11.00 -1.34
N GLN A 100 0.25 10.60 -2.44
CA GLN A 100 1.69 10.78 -2.62
C GLN A 100 2.07 12.26 -2.47
N HIS A 101 1.24 13.13 -3.03
CA HIS A 101 1.48 14.57 -2.96
C HIS A 101 0.97 15.14 -1.65
N ASN A 102 -0.31 14.92 -1.37
CA ASN A 102 -0.92 15.42 -0.14
C ASN A 102 -0.57 14.52 1.04
N ALA A 103 -1.12 14.85 2.21
CA ALA A 103 -0.86 14.09 3.42
C ALA A 103 -2.14 13.39 3.91
N ALA A 104 -2.91 12.85 2.98
CA ALA A 104 -4.15 12.16 3.30
C ALA A 104 -3.88 10.97 4.21
N GLY A 105 -4.96 10.36 4.71
CA GLY A 105 -4.82 9.20 5.58
C GLY A 105 -4.35 9.58 6.98
N LEU A 106 -3.05 9.58 7.18
CA LEU A 106 -2.46 9.92 8.48
C LEU A 106 -1.52 11.12 8.35
N MET A 107 -1.31 11.82 9.46
CA MET A 107 -0.43 12.98 9.47
C MET A 107 0.75 12.78 8.52
N THR A 108 1.28 11.56 8.50
CA THR A 108 2.42 11.24 7.64
C THR A 108 1.96 10.99 6.21
N ARG A 109 2.78 11.41 5.25
CA ARG A 109 2.46 11.24 3.84
C ARG A 109 3.50 10.37 3.14
N LEU A 110 3.04 9.51 2.24
CA LEU A 110 3.93 8.62 1.51
C LEU A 110 5.17 9.36 1.03
N ARG A 111 6.34 8.75 1.22
CA ARG A 111 7.60 9.35 0.80
C ARG A 111 8.48 8.33 0.09
N TYR A 112 8.67 7.18 0.72
CA TYR A 112 9.50 6.12 0.15
C TYR A 112 8.63 4.98 -0.38
N PRO A 113 8.25 5.08 -1.66
CA PRO A 113 7.42 4.07 -2.32
C PRO A 113 8.17 2.76 -2.54
N VAL A 114 8.27 1.96 -1.49
CA VAL A 114 8.96 0.67 -1.56
C VAL A 114 8.51 -0.12 -2.78
N GLY A 115 9.46 -0.49 -3.63
CA GLY A 115 9.14 -1.26 -4.82
C GLY A 115 9.36 -2.75 -4.63
N LEU A 116 9.11 -3.52 -5.68
CA LEU A 116 9.27 -4.96 -5.63
C LEU A 116 10.75 -5.34 -5.56
N MET A 117 11.50 -4.98 -6.60
CA MET A 117 12.92 -5.27 -6.66
C MET A 117 13.65 -4.69 -5.44
N GLY A 118 13.42 -3.41 -5.17
CA GLY A 118 14.05 -2.77 -4.04
C GLY A 118 15.55 -2.61 -4.23
N SER A 119 16.30 -3.66 -3.94
CA SER A 119 17.76 -3.63 -4.08
C SER A 119 18.26 -4.86 -4.81
N SER A 120 19.37 -4.70 -5.54
CA SER A 120 19.96 -5.79 -6.29
C SER A 120 20.90 -6.62 -5.42
N GLY A 121 21.48 -7.66 -6.00
CA GLY A 121 22.41 -8.50 -5.27
C GLY A 121 23.78 -7.86 -5.11
N PRO A 122 24.65 -8.54 -4.35
CA PRO A 122 26.01 -8.05 -4.10
C PRO A 122 26.89 -8.11 -5.35
N SER A 123 26.30 -8.53 -6.47
CA SER A 123 27.02 -8.64 -7.72
C SER A 123 27.95 -7.44 -7.92
N SER A 124 27.40 -6.24 -7.74
CA SER A 124 28.17 -5.01 -7.90
C SER A 124 28.75 -4.56 -6.57
N GLY A 125 30.06 -4.27 -6.57
CA GLY A 125 30.71 -3.84 -5.35
C GLY A 125 31.19 -4.99 -4.51
N GLY A 1 -26.06 8.55 -8.27
CA GLY A 1 -24.89 8.79 -9.08
C GLY A 1 -25.24 9.34 -10.46
N SER A 2 -24.36 9.09 -11.43
CA SER A 2 -24.59 9.57 -12.79
C SER A 2 -24.68 8.41 -13.77
N SER A 3 -25.85 7.80 -13.84
CA SER A 3 -26.06 6.66 -14.75
C SER A 3 -24.85 5.74 -14.76
N GLY A 4 -24.29 5.50 -13.58
CA GLY A 4 -23.13 4.63 -13.48
C GLY A 4 -23.41 3.39 -12.66
N SER A 5 -24.18 2.47 -13.23
CA SER A 5 -24.53 1.23 -12.54
C SER A 5 -23.43 0.19 -12.71
N SER A 6 -23.08 -0.11 -13.96
CA SER A 6 -22.04 -1.09 -14.25
C SER A 6 -20.81 -0.41 -14.86
N GLY A 7 -19.65 -1.01 -14.64
CA GLY A 7 -18.42 -0.45 -15.18
C GLY A 7 -17.20 -0.93 -14.41
N ASN A 8 -16.24 -1.51 -15.13
CA ASN A 8 -15.02 -2.01 -14.52
C ASN A 8 -13.89 -2.10 -15.54
N LYS A 9 -12.69 -2.41 -15.07
CA LYS A 9 -11.53 -2.53 -15.94
C LYS A 9 -10.35 -3.13 -15.18
N ILE A 10 -9.54 -3.92 -15.89
CA ILE A 10 -8.38 -4.54 -15.29
C ILE A 10 -7.53 -3.53 -14.52
N THR A 11 -6.86 -3.99 -13.48
CA THR A 11 -6.02 -3.13 -12.66
C THR A 11 -4.56 -3.20 -13.11
N ASN A 12 -4.04 -4.41 -13.22
CA ASN A 12 -2.66 -4.62 -13.64
C ASN A 12 -1.72 -3.73 -12.84
N LEU A 13 -1.79 -3.84 -11.51
CA LEU A 13 -0.94 -3.05 -10.63
C LEU A 13 0.51 -3.54 -10.68
N GLU A 14 0.69 -4.78 -11.11
CA GLU A 14 2.01 -5.37 -11.21
C GLU A 14 2.99 -4.41 -11.89
N ILE A 15 2.49 -3.68 -12.87
CA ILE A 15 3.31 -2.73 -13.61
C ILE A 15 4.04 -1.78 -12.65
N TYR A 16 3.39 -1.45 -11.54
CA TYR A 16 3.97 -0.56 -10.55
C TYR A 16 5.01 -1.28 -9.70
N GLU A 17 5.57 -0.57 -8.73
CA GLU A 17 6.59 -1.14 -7.86
C GLU A 17 6.11 -1.17 -6.40
N TRP A 18 5.37 -0.13 -6.02
CA TRP A 18 4.84 -0.02 -4.66
C TRP A 18 3.79 -1.09 -4.41
N TYR A 19 3.49 -1.87 -5.44
CA TYR A 19 2.49 -2.94 -5.32
C TYR A 19 3.15 -4.28 -5.06
N HIS A 20 3.34 -4.60 -3.78
CA HIS A 20 3.96 -5.85 -3.38
C HIS A 20 2.94 -6.99 -3.37
N ARG A 21 3.02 -7.86 -4.37
CA ARG A 21 2.11 -8.99 -4.48
C ARG A 21 2.82 -10.31 -4.17
N ASN A 22 2.05 -11.30 -3.75
CA ASN A 22 2.61 -12.60 -3.41
C ASN A 22 3.38 -12.55 -2.09
N ILE A 23 2.84 -11.82 -1.12
CA ILE A 23 3.47 -11.69 0.18
C ILE A 23 2.46 -11.90 1.31
N THR A 24 2.94 -11.83 2.55
CA THR A 24 2.08 -12.02 3.70
C THR A 24 2.34 -10.94 4.76
N ARG A 25 1.43 -10.82 5.71
CA ARG A 25 1.56 -9.83 6.77
C ARG A 25 3.02 -9.68 7.20
N ASN A 26 3.64 -10.80 7.55
CA ASN A 26 5.03 -10.80 7.97
C ASN A 26 5.91 -10.06 6.98
N GLN A 27 5.78 -10.42 5.70
CA GLN A 27 6.57 -9.79 4.64
C GLN A 27 6.33 -8.29 4.62
N ALA A 28 5.06 -7.89 4.45
CA ALA A 28 4.71 -6.48 4.41
C ALA A 28 5.47 -5.68 5.47
N GLU A 29 5.46 -6.19 6.70
CA GLU A 29 6.14 -5.53 7.80
C GLU A 29 7.65 -5.61 7.62
N HIS A 30 8.18 -6.82 7.52
CA HIS A 30 9.61 -7.03 7.34
C HIS A 30 10.18 -6.09 6.28
N LEU A 31 9.65 -6.21 5.06
CA LEU A 31 10.11 -5.37 3.96
C LEU A 31 10.32 -3.93 4.42
N LEU A 32 9.35 -3.40 5.14
CA LEU A 32 9.43 -2.03 5.66
C LEU A 32 10.54 -1.90 6.69
N ARG A 33 10.59 -2.84 7.62
CA ARG A 33 11.61 -2.84 8.66
C ARG A 33 12.97 -2.48 8.09
N GLN A 34 13.30 -3.07 6.94
CA GLN A 34 14.57 -2.82 6.28
C GLN A 34 14.77 -1.33 6.03
N GLU A 35 13.72 -0.67 5.54
CA GLU A 35 13.78 0.76 5.25
C GLU A 35 14.05 1.56 6.52
N SER A 36 13.23 1.35 7.53
CA SER A 36 13.38 2.05 8.80
C SER A 36 13.44 3.56 8.58
N LYS A 37 12.45 4.08 7.86
CA LYS A 37 12.39 5.51 7.58
C LYS A 37 10.97 5.94 7.26
N GLU A 38 10.43 6.85 8.07
CA GLU A 38 9.08 7.34 7.88
C GLU A 38 8.80 7.62 6.40
N GLY A 39 7.83 6.90 5.84
CA GLY A 39 7.48 7.09 4.45
C GLY A 39 7.32 5.77 3.71
N ALA A 40 8.13 4.79 4.06
CA ALA A 40 8.08 3.48 3.43
C ALA A 40 6.66 2.92 3.47
N PHE A 41 6.05 2.79 2.30
CA PHE A 41 4.69 2.27 2.20
C PHE A 41 4.59 1.22 1.09
N ILE A 42 3.61 0.33 1.21
CA ILE A 42 3.40 -0.72 0.22
C ILE A 42 1.94 -1.12 0.14
N VAL A 43 1.58 -1.83 -0.92
CA VAL A 43 0.21 -2.28 -1.11
C VAL A 43 0.15 -3.80 -1.26
N ARG A 44 -0.34 -4.46 -0.21
CA ARG A 44 -0.46 -5.92 -0.21
C ARG A 44 -1.90 -6.34 -0.46
N ASP A 45 -2.07 -7.60 -0.86
CA ASP A 45 -3.40 -8.13 -1.13
C ASP A 45 -3.97 -8.83 0.11
N SER A 46 -5.27 -8.67 0.32
CA SER A 46 -5.94 -9.27 1.46
C SER A 46 -6.51 -10.64 1.10
N ARG A 47 -5.63 -11.63 1.01
CA ARG A 47 -6.04 -12.99 0.67
C ARG A 47 -7.41 -13.31 1.26
N HIS A 48 -7.69 -12.73 2.43
CA HIS A 48 -8.96 -12.96 3.11
C HIS A 48 -10.14 -12.66 2.18
N LEU A 49 -10.13 -11.48 1.58
CA LEU A 49 -11.18 -11.07 0.66
C LEU A 49 -10.61 -10.36 -0.56
N GLY A 50 -11.48 -10.00 -1.49
CA GLY A 50 -11.05 -9.31 -2.69
C GLY A 50 -10.70 -7.86 -2.44
N SER A 51 -9.95 -7.61 -1.36
CA SER A 51 -9.56 -6.25 -1.01
C SER A 51 -8.04 -6.15 -0.88
N TYR A 52 -7.57 -4.96 -0.51
CA TYR A 52 -6.14 -4.72 -0.36
C TYR A 52 -5.85 -3.99 0.96
N THR A 53 -4.57 -3.90 1.29
CA THR A 53 -4.15 -3.23 2.52
C THR A 53 -2.81 -2.53 2.34
N ILE A 54 -2.64 -1.40 3.01
CA ILE A 54 -1.40 -0.63 2.92
C ILE A 54 -0.57 -0.79 4.20
N SER A 55 0.74 -0.89 4.02
CA SER A 55 1.64 -1.05 5.15
C SER A 55 2.72 0.03 5.15
N VAL A 56 2.52 1.05 5.98
CA VAL A 56 3.47 2.16 6.08
C VAL A 56 4.34 2.03 7.32
N PHE A 57 5.58 2.50 7.22
CA PHE A 57 6.52 2.44 8.34
C PHE A 57 6.51 3.75 9.12
N MET A 58 5.74 3.78 10.20
CA MET A 58 5.65 4.97 11.04
C MET A 58 7.02 5.35 11.59
N GLY A 59 7.71 4.38 12.18
CA GLY A 59 9.02 4.64 12.74
C GLY A 59 9.12 4.26 14.20
N ALA A 60 10.26 3.74 14.61
CA ALA A 60 10.47 3.34 16.00
C ALA A 60 10.85 4.54 16.86
N ARG A 61 9.86 5.34 17.23
CA ARG A 61 10.09 6.51 18.06
C ARG A 61 10.09 6.15 19.54
N ARG A 62 8.97 5.60 20.02
CA ARG A 62 8.85 5.21 21.41
C ARG A 62 9.76 4.03 21.72
N SER A 63 10.14 3.89 23.00
CA SER A 63 11.01 2.81 23.42
C SER A 63 10.77 1.56 22.57
N THR A 64 9.51 1.27 22.28
CA THR A 64 9.15 0.11 21.48
C THR A 64 9.99 0.05 20.21
N GLU A 65 9.80 -1.02 19.43
CA GLU A 65 10.54 -1.20 18.19
C GLU A 65 9.81 -0.53 17.02
N ALA A 66 10.33 -0.73 15.81
CA ALA A 66 9.74 -0.15 14.62
C ALA A 66 8.22 -0.13 14.71
N ALA A 67 7.60 0.79 13.99
CA ALA A 67 6.14 0.90 13.99
C ALA A 67 5.58 0.82 12.58
N ILE A 68 4.66 -0.12 12.36
CA ILE A 68 4.05 -0.32 11.06
C ILE A 68 2.53 -0.38 11.17
N LYS A 69 1.85 0.44 10.37
CA LYS A 69 0.39 0.47 10.38
C LYS A 69 -0.17 -0.30 9.18
N HIS A 70 -1.41 -0.76 9.32
CA HIS A 70 -2.06 -1.51 8.25
C HIS A 70 -3.42 -0.89 7.90
N TYR A 71 -3.48 -0.22 6.76
CA TYR A 71 -4.70 0.43 6.31
C TYR A 71 -5.44 -0.44 5.29
N GLN A 72 -6.50 -1.10 5.75
CA GLN A 72 -7.29 -1.96 4.88
C GLN A 72 -8.16 -1.14 3.93
N ILE A 73 -7.94 -1.32 2.63
CA ILE A 73 -8.69 -0.59 1.62
C ILE A 73 -10.06 -1.24 1.39
N LYS A 74 -11.09 -0.66 2.00
CA LYS A 74 -12.44 -1.18 1.85
C LYS A 74 -13.22 -0.39 0.80
N LYS A 75 -14.46 -0.81 0.55
CA LYS A 75 -15.29 -0.14 -0.44
C LYS A 75 -16.47 0.55 0.23
N ASN A 76 -16.69 1.82 -0.14
CA ASN A 76 -17.79 2.59 0.43
C ASN A 76 -19.10 2.30 -0.30
N ASP A 77 -20.15 3.03 0.07
CA ASP A 77 -21.46 2.85 -0.55
C ASP A 77 -21.39 3.14 -2.05
N SER A 78 -20.51 4.04 -2.43
CA SER A 78 -20.35 4.41 -3.84
C SER A 78 -19.56 3.35 -4.60
N GLY A 79 -19.40 2.18 -3.97
CA GLY A 79 -18.66 1.10 -4.60
C GLY A 79 -17.27 1.52 -5.03
N GLN A 80 -16.66 2.41 -4.26
CA GLN A 80 -15.32 2.89 -4.56
C GLN A 80 -14.35 2.56 -3.44
N TRP A 81 -13.05 2.56 -3.76
CA TRP A 81 -12.02 2.26 -2.77
C TRP A 81 -11.71 3.49 -1.92
N TYR A 82 -11.42 3.25 -0.64
CA TYR A 82 -11.11 4.34 0.27
C TYR A 82 -10.32 3.82 1.48
N VAL A 83 -9.56 4.71 2.11
CA VAL A 83 -8.76 4.35 3.27
C VAL A 83 -9.07 5.26 4.45
N ALA A 84 -8.97 6.57 4.23
CA ALA A 84 -9.24 7.56 5.27
C ALA A 84 -10.73 7.69 5.52
N GLU A 85 -11.52 6.89 4.81
CA GLU A 85 -12.97 6.93 4.95
C GLU A 85 -13.51 8.33 4.67
N ARG A 86 -12.77 9.09 3.86
CA ARG A 86 -13.18 10.45 3.51
C ARG A 86 -13.02 10.69 2.01
N HIS A 87 -12.01 10.05 1.42
CA HIS A 87 -11.75 10.20 -0.01
C HIS A 87 -11.76 8.84 -0.71
N ALA A 88 -12.51 8.75 -1.80
CA ALA A 88 -12.61 7.51 -2.56
C ALA A 88 -12.08 7.70 -3.98
N PHE A 89 -11.90 6.59 -4.69
CA PHE A 89 -11.40 6.63 -6.06
C PHE A 89 -12.05 5.55 -6.90
N GLN A 90 -11.83 5.61 -8.22
CA GLN A 90 -12.39 4.63 -9.14
C GLN A 90 -11.39 3.50 -9.41
N SER A 91 -10.13 3.75 -9.11
CA SER A 91 -9.08 2.76 -9.32
C SER A 91 -8.12 2.72 -8.14
N ILE A 92 -7.59 1.53 -7.86
CA ILE A 92 -6.66 1.35 -6.75
C ILE A 92 -5.42 2.21 -6.93
N PRO A 93 -4.83 2.17 -8.14
CA PRO A 93 -3.63 2.95 -8.47
C PRO A 93 -3.92 4.45 -8.56
N GLU A 94 -5.18 4.82 -8.31
CA GLU A 94 -5.57 6.21 -8.37
C GLU A 94 -5.62 6.83 -6.97
N LEU A 95 -6.11 6.04 -6.01
CA LEU A 95 -6.20 6.51 -4.63
C LEU A 95 -4.84 6.94 -4.10
N ILE A 96 -3.80 6.23 -4.53
CA ILE A 96 -2.44 6.54 -4.11
C ILE A 96 -1.81 7.59 -5.01
N TRP A 97 -2.34 7.73 -6.21
CA TRP A 97 -1.83 8.71 -7.17
C TRP A 97 -1.76 10.09 -6.55
N TYR A 98 -2.80 10.49 -5.84
CA TYR A 98 -2.86 11.79 -5.19
C TYR A 98 -2.20 11.75 -3.82
N HIS A 99 -2.62 10.79 -3.00
CA HIS A 99 -2.07 10.65 -1.66
C HIS A 99 -0.57 10.89 -1.65
N GLN A 100 0.09 10.50 -2.74
CA GLN A 100 1.53 10.69 -2.86
C GLN A 100 1.92 12.14 -2.63
N HIS A 101 1.29 13.05 -3.37
CA HIS A 101 1.56 14.47 -3.24
C HIS A 101 0.94 15.04 -1.97
N ASN A 102 -0.36 14.83 -1.82
CA ASN A 102 -1.08 15.32 -0.64
C ASN A 102 -1.28 14.20 0.37
N ALA A 103 -1.04 14.52 1.65
CA ALA A 103 -1.20 13.54 2.71
C ALA A 103 -2.66 13.40 3.13
N ALA A 104 -3.23 12.24 2.86
CA ALA A 104 -4.63 11.98 3.20
C ALA A 104 -4.77 10.69 4.02
N GLY A 105 -3.83 10.48 4.95
CA GLY A 105 -3.87 9.29 5.77
C GLY A 105 -3.44 9.57 7.20
N LEU A 106 -2.84 8.56 7.84
CA LEU A 106 -2.38 8.70 9.22
C LEU A 106 -1.23 9.71 9.30
N MET A 107 -1.56 10.99 9.22
CA MET A 107 -0.55 12.04 9.30
C MET A 107 0.72 11.62 8.60
N THR A 108 0.59 10.78 7.57
CA THR A 108 1.74 10.31 6.82
C THR A 108 1.62 10.68 5.35
N ARG A 109 2.75 11.10 4.76
CA ARG A 109 2.76 11.49 3.36
C ARG A 109 3.69 10.59 2.56
N LEU A 110 3.13 9.52 1.99
CA LEU A 110 3.91 8.58 1.19
C LEU A 110 5.05 9.28 0.46
N ARG A 111 6.27 9.03 0.91
CA ARG A 111 7.45 9.64 0.31
C ARG A 111 8.42 8.57 -0.18
N TYR A 112 8.46 7.44 0.52
CA TYR A 112 9.35 6.35 0.16
C TYR A 112 8.56 5.17 -0.39
N PRO A 113 8.27 5.23 -1.70
CA PRO A 113 7.50 4.17 -2.39
C PRO A 113 8.31 2.88 -2.54
N VAL A 114 8.39 2.11 -1.46
CA VAL A 114 9.12 0.86 -1.47
C VAL A 114 8.81 0.04 -2.72
N GLY A 115 9.79 -0.10 -3.60
CA GLY A 115 9.61 -0.85 -4.82
C GLY A 115 9.63 -2.35 -4.59
N LEU A 116 9.08 -3.10 -5.54
CA LEU A 116 9.05 -4.56 -5.44
C LEU A 116 10.35 -5.10 -4.86
N MET A 117 11.45 -4.86 -5.57
CA MET A 117 12.76 -5.31 -5.11
C MET A 117 13.09 -4.76 -3.73
N GLY A 118 12.71 -5.49 -2.70
CA GLY A 118 12.96 -5.05 -1.33
C GLY A 118 13.19 -6.21 -0.38
N SER A 119 13.91 -7.23 -0.86
CA SER A 119 14.19 -8.41 -0.05
C SER A 119 15.61 -8.91 -0.29
N SER A 120 16.03 -9.90 0.49
CA SER A 120 17.37 -10.47 0.35
C SER A 120 17.45 -11.82 1.04
N GLY A 121 18.62 -12.46 0.95
CA GLY A 121 18.81 -13.75 1.56
C GLY A 121 20.23 -14.27 1.42
N PRO A 122 20.86 -14.63 2.54
CA PRO A 122 22.22 -15.14 2.56
C PRO A 122 22.33 -16.53 1.95
N SER A 123 21.47 -17.43 2.38
CA SER A 123 21.47 -18.80 1.88
C SER A 123 20.17 -19.51 2.24
N SER A 124 19.54 -20.11 1.24
CA SER A 124 18.27 -20.82 1.45
C SER A 124 18.34 -22.21 0.83
N GLY A 125 18.37 -23.23 1.68
CA GLY A 125 18.43 -24.60 1.20
C GLY A 125 19.65 -25.34 1.70
N GLY A 1 -14.26 7.46 -28.03
CA GLY A 1 -14.11 7.53 -26.58
C GLY A 1 -14.83 6.39 -25.88
N SER A 2 -15.70 6.73 -24.95
CA SER A 2 -16.45 5.74 -24.19
C SER A 2 -17.76 5.38 -24.89
N SER A 3 -17.75 4.27 -25.62
CA SER A 3 -18.93 3.82 -26.34
C SER A 3 -19.74 2.83 -25.52
N GLY A 4 -19.88 3.12 -24.22
CA GLY A 4 -20.63 2.24 -23.35
C GLY A 4 -20.17 0.80 -23.43
N SER A 5 -21.01 -0.11 -22.96
CA SER A 5 -20.68 -1.53 -22.98
C SER A 5 -19.30 -1.78 -22.39
N SER A 6 -19.00 -1.11 -21.28
CA SER A 6 -17.71 -1.25 -20.62
C SER A 6 -17.41 -2.72 -20.34
N GLY A 7 -18.28 -3.38 -19.59
CA GLY A 7 -18.09 -4.78 -19.26
C GLY A 7 -17.08 -4.98 -18.15
N ASN A 8 -16.11 -5.85 -18.37
CA ASN A 8 -15.09 -6.14 -17.38
C ASN A 8 -14.05 -5.02 -17.32
N LYS A 9 -13.71 -4.59 -16.11
CA LYS A 9 -12.73 -3.53 -15.93
C LYS A 9 -11.38 -4.10 -15.49
N ILE A 10 -10.37 -3.96 -16.34
CA ILE A 10 -9.04 -4.45 -16.04
C ILE A 10 -8.34 -3.57 -15.02
N THR A 11 -7.50 -4.17 -14.19
CA THR A 11 -6.76 -3.44 -13.17
C THR A 11 -5.30 -3.86 -13.12
N ASN A 12 -4.46 -3.12 -13.83
CA ASN A 12 -3.02 -3.43 -13.87
C ASN A 12 -2.28 -2.68 -12.77
N LEU A 13 -1.77 -3.42 -11.80
CA LEU A 13 -1.03 -2.83 -10.69
C LEU A 13 0.42 -3.31 -10.69
N GLU A 14 0.64 -4.53 -11.15
CA GLU A 14 1.98 -5.10 -11.20
C GLU A 14 2.99 -4.08 -11.71
N ILE A 15 2.58 -3.31 -12.72
CA ILE A 15 3.44 -2.30 -13.31
C ILE A 15 4.13 -1.46 -12.22
N TYR A 16 3.38 -1.16 -11.16
CA TYR A 16 3.90 -0.37 -10.05
C TYR A 16 4.84 -1.22 -9.19
N GLU A 17 5.63 -0.54 -8.35
CA GLU A 17 6.58 -1.22 -7.47
C GLU A 17 6.04 -1.27 -6.04
N TRP A 18 5.24 -0.27 -5.68
CA TRP A 18 4.67 -0.21 -4.34
C TRP A 18 3.59 -1.26 -4.16
N TYR A 19 3.20 -1.91 -5.25
CA TYR A 19 2.18 -2.95 -5.21
C TYR A 19 2.80 -4.30 -4.92
N HIS A 20 3.20 -4.52 -3.67
CA HIS A 20 3.80 -5.78 -3.26
C HIS A 20 2.77 -6.91 -3.26
N ARG A 21 2.91 -7.84 -4.20
CA ARG A 21 1.99 -8.96 -4.30
C ARG A 21 2.70 -10.27 -3.98
N ASN A 22 1.92 -11.27 -3.59
CA ASN A 22 2.47 -12.59 -3.24
C ASN A 22 3.28 -12.51 -1.95
N ILE A 23 2.77 -11.76 -0.99
CA ILE A 23 3.45 -11.61 0.30
C ILE A 23 2.48 -11.86 1.46
N THR A 24 3.01 -11.81 2.68
CA THR A 24 2.19 -12.03 3.86
C THR A 24 2.43 -10.96 4.91
N ARG A 25 1.52 -10.83 5.86
CA ARG A 25 1.63 -9.83 6.92
C ARG A 25 3.09 -9.64 7.33
N ASN A 26 3.75 -10.74 7.65
CA ASN A 26 5.15 -10.69 8.07
C ASN A 26 5.99 -9.96 7.04
N GLN A 27 5.88 -10.36 5.78
CA GLN A 27 6.63 -9.74 4.70
C GLN A 27 6.38 -8.24 4.65
N ALA A 28 5.11 -7.86 4.60
CA ALA A 28 4.73 -6.46 4.55
C ALA A 28 5.49 -5.65 5.60
N GLU A 29 5.32 -6.03 6.87
CA GLU A 29 5.99 -5.35 7.97
C GLU A 29 7.50 -5.47 7.85
N HIS A 30 8.00 -6.70 7.86
CA HIS A 30 9.43 -6.95 7.76
C HIS A 30 10.06 -6.07 6.66
N LEU A 31 9.63 -6.29 5.43
CA LEU A 31 10.14 -5.53 4.30
C LEU A 31 10.42 -4.09 4.70
N LEU A 32 9.45 -3.44 5.32
CA LEU A 32 9.60 -2.06 5.77
C LEU A 32 10.78 -1.93 6.73
N ARG A 33 10.80 -2.76 7.75
CA ARG A 33 11.86 -2.74 8.74
C ARG A 33 13.22 -2.53 8.07
N GLN A 34 13.45 -3.24 6.98
CA GLN A 34 14.71 -3.14 6.25
C GLN A 34 15.03 -1.68 5.93
N GLU A 35 14.01 -0.92 5.56
CA GLU A 35 14.18 0.49 5.23
C GLU A 35 14.42 1.32 6.50
N SER A 36 13.59 1.10 7.50
CA SER A 36 13.70 1.83 8.76
C SER A 36 13.73 3.33 8.52
N LYS A 37 12.79 3.81 7.70
CA LYS A 37 12.71 5.22 7.38
C LYS A 37 11.25 5.66 7.21
N GLU A 38 10.99 6.93 7.47
CA GLU A 38 9.63 7.47 7.35
C GLU A 38 9.27 7.70 5.88
N GLY A 39 8.27 6.95 5.41
CA GLY A 39 7.85 7.08 4.03
C GLY A 39 7.58 5.74 3.37
N ALA A 40 8.36 4.73 3.76
CA ALA A 40 8.21 3.39 3.21
C ALA A 40 6.75 2.93 3.27
N PHE A 41 6.25 2.42 2.15
CA PHE A 41 4.88 1.95 2.07
C PHE A 41 4.73 0.86 1.00
N ILE A 42 3.68 0.06 1.13
CA ILE A 42 3.42 -1.02 0.17
C ILE A 42 1.96 -1.43 0.19
N VAL A 43 1.50 -2.02 -0.91
CA VAL A 43 0.12 -2.46 -1.02
C VAL A 43 0.05 -3.97 -1.27
N ARG A 44 -0.40 -4.70 -0.25
CA ARG A 44 -0.51 -6.16 -0.34
C ARG A 44 -1.95 -6.57 -0.67
N ASP A 45 -2.12 -7.81 -1.11
CA ASP A 45 -3.45 -8.32 -1.44
C ASP A 45 -4.04 -9.11 -0.29
N SER A 46 -5.31 -8.86 0.01
CA SER A 46 -5.99 -9.54 1.11
C SER A 46 -6.28 -11.00 0.73
N ARG A 47 -6.01 -11.91 1.67
CA ARG A 47 -6.24 -13.33 1.44
C ARG A 47 -7.72 -13.67 1.61
N HIS A 48 -8.32 -13.17 2.68
CA HIS A 48 -9.72 -13.43 2.96
C HIS A 48 -10.59 -13.07 1.75
N LEU A 49 -10.25 -11.99 1.08
CA LEU A 49 -11.00 -11.54 -0.10
C LEU A 49 -10.12 -10.70 -1.01
N GLY A 50 -10.68 -10.28 -2.14
CA GLY A 50 -9.93 -9.48 -3.09
C GLY A 50 -9.75 -8.04 -2.62
N SER A 51 -9.38 -7.88 -1.34
CA SER A 51 -9.17 -6.56 -0.77
C SER A 51 -7.70 -6.16 -0.83
N TYR A 52 -7.40 -4.97 -0.34
CA TYR A 52 -6.03 -4.47 -0.34
C TYR A 52 -5.72 -3.73 0.96
N THR A 53 -4.51 -3.94 1.48
CA THR A 53 -4.09 -3.30 2.72
C THR A 53 -2.72 -2.65 2.56
N ILE A 54 -2.63 -1.38 2.95
CA ILE A 54 -1.38 -0.65 2.85
C ILE A 54 -0.57 -0.75 4.14
N SER A 55 0.75 -0.77 4.02
CA SER A 55 1.63 -0.86 5.18
C SER A 55 2.73 0.18 5.11
N VAL A 56 2.56 1.28 5.85
CA VAL A 56 3.55 2.35 5.87
C VAL A 56 4.44 2.25 7.09
N PHE A 57 5.68 2.73 6.97
CA PHE A 57 6.63 2.69 8.07
C PHE A 57 6.69 4.04 8.79
N MET A 58 6.38 4.03 10.08
CA MET A 58 6.40 5.25 10.87
C MET A 58 7.78 5.49 11.48
N GLY A 59 8.32 4.45 12.12
CA GLY A 59 9.63 4.57 12.73
C GLY A 59 9.55 5.06 14.17
N ALA A 60 10.04 4.24 15.10
CA ALA A 60 10.02 4.61 16.52
C ALA A 60 11.19 5.51 16.86
N ARG A 61 11.26 5.94 18.11
CA ARG A 61 12.32 6.82 18.57
C ARG A 61 13.58 6.01 18.91
N ARG A 62 13.89 5.02 18.06
CA ARG A 62 15.06 4.18 18.28
C ARG A 62 15.25 3.22 17.11
N SER A 63 16.49 2.83 16.86
CA SER A 63 16.80 1.90 15.77
C SER A 63 16.30 0.50 16.09
N THR A 64 16.61 0.03 17.30
CA THR A 64 16.19 -1.30 17.72
C THR A 64 14.68 -1.45 17.67
N GLU A 65 13.98 -0.32 17.61
CA GLU A 65 12.52 -0.34 17.55
C GLU A 65 12.03 0.23 16.22
N ALA A 66 10.78 -0.07 15.88
CA ALA A 66 10.19 0.40 14.63
C ALA A 66 8.67 0.42 14.71
N ALA A 67 8.05 1.33 13.98
CA ALA A 67 6.60 1.45 13.97
C ALA A 67 6.04 1.27 12.56
N ILE A 68 4.98 0.46 12.46
CA ILE A 68 4.36 0.20 11.16
C ILE A 68 2.83 0.21 11.27
N LYS A 69 2.18 0.88 10.34
CA LYS A 69 0.72 0.97 10.34
C LYS A 69 0.12 0.01 9.31
N HIS A 70 -1.17 -0.24 9.42
CA HIS A 70 -1.86 -1.13 8.50
C HIS A 70 -3.22 -0.56 8.11
N TYR A 71 -3.31 -0.05 6.88
CA TYR A 71 -4.55 0.53 6.39
C TYR A 71 -5.28 -0.45 5.46
N GLN A 72 -6.59 -0.58 5.65
CA GLN A 72 -7.39 -1.48 4.84
C GLN A 72 -8.14 -0.70 3.76
N ILE A 73 -8.27 -1.33 2.59
CA ILE A 73 -8.97 -0.70 1.47
C ILE A 73 -10.33 -1.35 1.22
N LYS A 74 -11.40 -0.61 1.51
CA LYS A 74 -12.74 -1.13 1.31
C LYS A 74 -13.50 -0.28 0.29
N LYS A 75 -14.62 -0.82 -0.20
CA LYS A 75 -15.43 -0.12 -1.18
C LYS A 75 -16.78 0.30 -0.58
N ASN A 76 -17.15 1.55 -0.78
CA ASN A 76 -18.41 2.06 -0.26
C ASN A 76 -19.57 1.71 -1.21
N ASP A 77 -20.76 2.17 -0.85
CA ASP A 77 -21.95 1.91 -1.67
C ASP A 77 -21.76 2.45 -3.08
N SER A 78 -20.99 3.52 -3.20
CA SER A 78 -20.74 4.14 -4.50
C SER A 78 -19.66 3.38 -5.27
N GLY A 79 -19.38 2.16 -4.83
CA GLY A 79 -18.37 1.35 -5.48
C GLY A 79 -17.07 2.09 -5.68
N GLN A 80 -16.56 2.69 -4.61
CA GLN A 80 -15.31 3.44 -4.67
C GLN A 80 -14.36 3.02 -3.56
N TRP A 81 -13.07 2.97 -3.88
CA TRP A 81 -12.06 2.58 -2.90
C TRP A 81 -11.72 3.74 -1.97
N TYR A 82 -11.56 3.44 -0.68
CA TYR A 82 -11.24 4.46 0.30
C TYR A 82 -10.53 3.85 1.50
N VAL A 83 -9.83 4.69 2.26
CA VAL A 83 -9.12 4.23 3.45
C VAL A 83 -9.53 5.01 4.68
N ALA A 84 -9.50 6.34 4.57
CA ALA A 84 -9.88 7.21 5.67
C ALA A 84 -11.39 7.28 5.83
N GLU A 85 -12.10 6.54 4.98
CA GLU A 85 -13.56 6.53 5.03
C GLU A 85 -14.13 7.92 4.76
N ARG A 86 -13.36 8.75 4.06
CA ARG A 86 -13.78 10.11 3.75
C ARG A 86 -13.53 10.42 2.27
N HIS A 87 -12.47 9.83 1.72
CA HIS A 87 -12.12 10.06 0.32
C HIS A 87 -12.24 8.76 -0.48
N ALA A 88 -13.15 8.76 -1.45
CA ALA A 88 -13.37 7.59 -2.29
C ALA A 88 -12.80 7.81 -3.69
N PHE A 89 -12.23 6.76 -4.27
CA PHE A 89 -11.65 6.83 -5.59
C PHE A 89 -12.35 5.87 -6.54
N GLN A 90 -11.84 5.79 -7.78
CA GLN A 90 -12.42 4.91 -8.78
C GLN A 90 -11.48 3.74 -9.08
N SER A 91 -10.20 3.94 -8.83
CA SER A 91 -9.19 2.91 -9.08
C SER A 91 -8.23 2.80 -7.91
N ILE A 92 -7.68 1.60 -7.72
CA ILE A 92 -6.73 1.37 -6.63
C ILE A 92 -5.51 2.27 -6.76
N PRO A 93 -4.93 2.30 -7.96
CA PRO A 93 -3.74 3.12 -8.23
C PRO A 93 -4.06 4.60 -8.24
N GLU A 94 -5.32 4.94 -8.02
CA GLU A 94 -5.75 6.34 -8.01
C GLU A 94 -5.82 6.87 -6.58
N LEU A 95 -6.27 6.02 -5.66
CA LEU A 95 -6.38 6.41 -4.26
C LEU A 95 -5.02 6.86 -3.71
N ILE A 96 -3.97 6.17 -4.14
CA ILE A 96 -2.62 6.50 -3.68
C ILE A 96 -2.02 7.62 -4.53
N TRP A 97 -2.51 7.76 -5.75
CA TRP A 97 -2.02 8.80 -6.66
C TRP A 97 -1.95 10.15 -5.95
N TYR A 98 -2.99 10.47 -5.20
CA TYR A 98 -3.04 11.74 -4.48
C TYR A 98 -2.38 11.61 -3.11
N HIS A 99 -2.83 10.64 -2.32
CA HIS A 99 -2.28 10.41 -1.00
C HIS A 99 -0.78 10.71 -0.96
N GLN A 100 -0.11 10.45 -2.08
CA GLN A 100 1.32 10.69 -2.19
C GLN A 100 1.63 12.18 -2.08
N HIS A 101 0.98 12.98 -2.92
CA HIS A 101 1.19 14.43 -2.93
C HIS A 101 0.70 15.03 -1.62
N ASN A 102 -0.49 14.66 -1.19
CA ASN A 102 -1.08 15.17 0.04
C ASN A 102 -1.67 14.04 0.89
N ALA A 103 -1.56 14.17 2.20
CA ALA A 103 -2.09 13.17 3.11
C ALA A 103 -3.59 13.35 3.32
N ALA A 104 -4.40 12.65 2.53
CA ALA A 104 -5.85 12.74 2.64
C ALA A 104 -6.35 12.08 3.92
N GLY A 105 -6.30 12.83 5.01
CA GLY A 105 -6.75 12.31 6.29
C GLY A 105 -5.94 11.10 6.74
N LEU A 106 -4.88 10.79 6.01
CA LEU A 106 -4.03 9.65 6.32
C LEU A 106 -2.71 10.12 6.93
N MET A 107 -2.03 9.21 7.62
CA MET A 107 -0.75 9.52 8.24
C MET A 107 0.24 10.06 7.22
N THR A 108 1.46 10.36 7.67
CA THR A 108 2.49 10.89 6.80
C THR A 108 2.32 10.36 5.36
N ARG A 109 2.50 11.26 4.40
CA ARG A 109 2.36 10.88 2.99
C ARG A 109 3.42 9.86 2.60
N LEU A 110 3.28 9.31 1.39
CA LEU A 110 4.22 8.31 0.89
C LEU A 110 5.31 8.97 0.05
N ARG A 111 6.56 8.75 0.42
CA ARG A 111 7.69 9.33 -0.29
C ARG A 111 8.69 8.24 -0.68
N TYR A 112 8.69 7.14 0.07
CA TYR A 112 9.60 6.03 -0.18
C TYR A 112 8.84 4.81 -0.71
N PRO A 113 8.60 4.79 -2.03
CA PRO A 113 7.88 3.69 -2.68
C PRO A 113 8.70 2.40 -2.70
N VAL A 114 8.71 1.68 -1.58
CA VAL A 114 9.45 0.44 -1.48
C VAL A 114 9.37 -0.36 -2.77
N GLY A 115 10.52 -0.66 -3.35
CA GLY A 115 10.55 -1.42 -4.59
C GLY A 115 10.06 -2.84 -4.41
N LEU A 116 9.74 -3.49 -5.52
CA LEU A 116 9.24 -4.86 -5.47
C LEU A 116 10.37 -5.83 -5.14
N MET A 117 11.39 -5.86 -5.98
CA MET A 117 12.54 -6.75 -5.77
C MET A 117 12.83 -6.91 -4.28
N GLY A 118 12.91 -5.79 -3.57
CA GLY A 118 13.19 -5.83 -2.15
C GLY A 118 14.12 -6.96 -1.77
N SER A 119 15.18 -7.14 -2.55
CA SER A 119 16.15 -8.19 -2.29
C SER A 119 16.93 -7.91 -1.03
N SER A 120 17.00 -8.91 -0.14
CA SER A 120 17.72 -8.76 1.12
C SER A 120 18.72 -9.90 1.30
N GLY A 121 18.20 -11.12 1.39
CA GLY A 121 19.07 -12.28 1.56
C GLY A 121 18.29 -13.55 1.80
N PRO A 122 18.54 -14.57 0.96
CA PRO A 122 17.86 -15.87 1.06
C PRO A 122 18.29 -16.65 2.31
N SER A 123 19.60 -16.76 2.51
CA SER A 123 20.14 -17.47 3.66
C SER A 123 21.64 -17.30 3.75
N SER A 124 22.24 -17.92 4.77
CA SER A 124 23.69 -17.83 4.97
C SER A 124 24.24 -19.14 5.53
N GLY A 125 25.56 -19.21 5.66
CA GLY A 125 26.18 -20.41 6.18
C GLY A 125 25.66 -21.67 5.52
N GLY A 1 -21.68 16.84 -20.48
CA GLY A 1 -22.08 15.55 -19.94
C GLY A 1 -23.52 15.53 -19.48
N SER A 2 -24.43 15.38 -20.43
CA SER A 2 -25.86 15.35 -20.13
C SER A 2 -26.20 14.14 -19.26
N SER A 3 -25.96 12.95 -19.80
CA SER A 3 -26.24 11.71 -19.08
C SER A 3 -25.08 11.33 -18.17
N GLY A 4 -23.86 11.41 -18.71
CA GLY A 4 -22.68 11.07 -17.93
C GLY A 4 -22.61 9.60 -17.59
N SER A 5 -22.26 8.78 -18.58
CA SER A 5 -22.16 7.34 -18.37
C SER A 5 -20.91 6.78 -19.03
N SER A 6 -19.91 6.46 -18.21
CA SER A 6 -18.66 5.91 -18.72
C SER A 6 -17.73 5.50 -17.56
N GLY A 7 -17.02 4.40 -17.74
CA GLY A 7 -16.12 3.91 -16.71
C GLY A 7 -15.87 2.42 -16.80
N ASN A 8 -14.77 2.06 -17.44
CA ASN A 8 -14.42 0.65 -17.60
C ASN A 8 -13.05 0.50 -18.26
N LYS A 9 -12.16 -0.23 -17.59
CA LYS A 9 -10.81 -0.45 -18.10
C LYS A 9 -10.05 -1.45 -17.23
N ILE A 10 -9.13 -2.18 -17.84
CA ILE A 10 -8.34 -3.16 -17.12
C ILE A 10 -7.71 -2.55 -15.87
N THR A 11 -7.68 -3.32 -14.79
CA THR A 11 -7.11 -2.84 -13.53
C THR A 11 -5.91 -3.69 -13.13
N ASN A 12 -4.74 -3.35 -13.68
CA ASN A 12 -3.51 -4.08 -13.38
C ASN A 12 -2.63 -3.28 -12.44
N LEU A 13 -2.21 -3.91 -11.35
CA LEU A 13 -1.34 -3.26 -10.37
C LEU A 13 0.06 -3.84 -10.39
N GLU A 14 0.16 -5.10 -10.81
CA GLU A 14 1.45 -5.78 -10.88
C GLU A 14 2.50 -4.88 -11.51
N ILE A 15 2.11 -4.18 -12.57
CA ILE A 15 3.02 -3.28 -13.27
C ILE A 15 3.75 -2.37 -12.29
N TYR A 16 3.06 -1.96 -11.23
CA TYR A 16 3.64 -1.09 -10.23
C TYR A 16 4.62 -1.85 -9.34
N GLU A 17 5.39 -1.11 -8.55
CA GLU A 17 6.37 -1.72 -7.65
C GLU A 17 5.89 -1.66 -6.21
N TRP A 18 5.11 -0.64 -5.88
CA TRP A 18 4.58 -0.48 -4.53
C TRP A 18 3.44 -1.45 -4.27
N TYR A 19 3.20 -2.33 -5.23
CA TYR A 19 2.13 -3.32 -5.10
C TYR A 19 2.70 -4.72 -4.89
N HIS A 20 3.13 -4.99 -3.67
CA HIS A 20 3.70 -6.30 -3.33
C HIS A 20 2.60 -7.35 -3.17
N ARG A 21 2.26 -8.02 -4.26
CA ARG A 21 1.23 -9.05 -4.24
C ARG A 21 1.80 -10.39 -3.79
N ASN A 22 3.02 -10.69 -4.24
CA ASN A 22 3.68 -11.93 -3.89
C ASN A 22 4.38 -11.82 -2.54
N ILE A 23 3.60 -11.52 -1.50
CA ILE A 23 4.15 -11.37 -0.16
C ILE A 23 3.11 -11.75 0.90
N THR A 24 3.52 -11.74 2.16
CA THR A 24 2.62 -12.08 3.26
C THR A 24 2.73 -11.05 4.40
N ARG A 25 1.76 -11.10 5.30
CA ARG A 25 1.75 -10.18 6.44
C ARG A 25 3.17 -9.84 6.89
N ASN A 26 3.92 -10.88 7.27
CA ASN A 26 5.30 -10.69 7.72
C ASN A 26 6.09 -9.85 6.73
N GLN A 27 6.24 -10.36 5.51
CA GLN A 27 6.97 -9.65 4.47
C GLN A 27 6.65 -8.16 4.49
N ALA A 28 5.36 -7.84 4.43
CA ALA A 28 4.91 -6.45 4.45
C ALA A 28 5.66 -5.65 5.50
N GLU A 29 5.48 -6.02 6.77
CA GLU A 29 6.13 -5.33 7.88
C GLU A 29 7.65 -5.38 7.73
N HIS A 30 8.19 -6.59 7.69
CA HIS A 30 9.63 -6.78 7.55
C HIS A 30 10.20 -5.84 6.49
N LEU A 31 9.80 -6.04 5.24
CA LEU A 31 10.27 -5.22 4.14
C LEU A 31 10.46 -3.78 4.58
N LEU A 32 9.44 -3.21 5.20
CA LEU A 32 9.51 -1.83 5.68
C LEU A 32 10.64 -1.66 6.69
N ARG A 33 10.66 -2.53 7.70
CA ARG A 33 11.70 -2.47 8.72
C ARG A 33 13.05 -2.13 8.13
N GLN A 34 13.41 -2.85 7.06
CA GLN A 34 14.69 -2.61 6.39
C GLN A 34 14.84 -1.15 5.99
N GLU A 35 13.75 -0.55 5.53
CA GLU A 35 13.76 0.85 5.12
C GLU A 35 13.99 1.77 6.32
N SER A 36 13.24 1.53 7.39
CA SER A 36 13.36 2.34 8.60
C SER A 36 13.39 3.83 8.26
N LYS A 37 12.37 4.27 7.54
CA LYS A 37 12.27 5.67 7.14
C LYS A 37 10.81 6.06 6.88
N GLU A 38 10.34 7.08 7.58
CA GLU A 38 8.96 7.55 7.43
C GLU A 38 8.60 7.67 5.95
N GLY A 39 7.56 6.94 5.55
CA GLY A 39 7.11 6.97 4.17
C GLY A 39 7.00 5.60 3.56
N ALA A 40 7.96 4.73 3.87
CA ALA A 40 7.97 3.37 3.35
C ALA A 40 6.57 2.76 3.39
N PHE A 41 5.94 2.64 2.22
CA PHE A 41 4.59 2.07 2.13
C PHE A 41 4.54 0.99 1.05
N ILE A 42 3.48 0.19 1.09
CA ILE A 42 3.30 -0.88 0.12
C ILE A 42 1.85 -1.35 0.08
N VAL A 43 1.48 -2.01 -1.01
CA VAL A 43 0.11 -2.52 -1.17
C VAL A 43 0.11 -4.03 -1.35
N ARG A 44 -0.29 -4.75 -0.30
CA ARG A 44 -0.33 -6.20 -0.33
C ARG A 44 -1.77 -6.69 -0.58
N ASP A 45 -1.89 -7.97 -0.91
CA ASP A 45 -3.20 -8.56 -1.17
C ASP A 45 -3.82 -9.10 0.12
N SER A 46 -5.14 -9.13 0.17
CA SER A 46 -5.86 -9.62 1.36
C SER A 46 -6.10 -11.12 1.25
N ARG A 47 -5.11 -11.89 1.68
CA ARG A 47 -5.20 -13.35 1.64
C ARG A 47 -6.63 -13.80 1.95
N HIS A 48 -7.33 -13.02 2.76
CA HIS A 48 -8.70 -13.34 3.15
C HIS A 48 -9.62 -13.31 1.93
N LEU A 49 -9.76 -12.13 1.33
CA LEU A 49 -10.61 -11.98 0.17
C LEU A 49 -9.93 -11.13 -0.90
N GLY A 50 -10.65 -10.83 -1.98
CA GLY A 50 -10.09 -10.03 -3.05
C GLY A 50 -9.98 -8.57 -2.69
N SER A 51 -9.42 -8.28 -1.51
CA SER A 51 -9.27 -6.91 -1.05
C SER A 51 -7.80 -6.48 -1.10
N TYR A 52 -7.54 -5.26 -0.66
CA TYR A 52 -6.18 -4.72 -0.64
C TYR A 52 -5.88 -4.02 0.67
N THR A 53 -4.64 -4.14 1.13
CA THR A 53 -4.23 -3.51 2.37
C THR A 53 -2.89 -2.80 2.22
N ILE A 54 -2.77 -1.62 2.83
CA ILE A 54 -1.55 -0.84 2.75
C ILE A 54 -0.79 -0.87 4.08
N SER A 55 0.54 -0.90 4.00
CA SER A 55 1.37 -0.94 5.19
C SER A 55 2.39 0.20 5.16
N VAL A 56 2.09 1.26 5.91
CA VAL A 56 2.98 2.42 5.98
C VAL A 56 3.91 2.33 7.19
N PHE A 57 5.17 2.65 6.99
CA PHE A 57 6.16 2.60 8.05
C PHE A 57 6.16 3.91 8.85
N MET A 58 5.40 3.93 9.94
CA MET A 58 5.31 5.12 10.78
C MET A 58 6.66 5.41 11.45
N GLY A 59 7.27 4.39 12.03
CA GLY A 59 8.55 4.57 12.69
C GLY A 59 8.40 4.91 14.15
N ALA A 60 9.28 4.35 14.98
CA ALA A 60 9.24 4.61 16.42
C ALA A 60 9.66 6.04 16.73
N ARG A 61 9.62 6.40 18.00
CA ARG A 61 9.99 7.74 18.43
C ARG A 61 11.50 7.87 18.57
N ARG A 62 12.15 8.36 17.51
CA ARG A 62 13.58 8.53 17.51
C ARG A 62 14.28 7.38 18.23
N SER A 63 13.83 6.15 17.94
CA SER A 63 14.41 4.97 18.57
C SER A 63 14.65 3.88 17.54
N THR A 64 15.48 2.90 17.91
CA THR A 64 15.80 1.79 17.01
C THR A 64 14.56 1.02 16.63
N GLU A 65 13.52 1.09 17.47
CA GLU A 65 12.27 0.40 17.22
C GLU A 65 11.68 0.81 15.86
N ALA A 66 10.55 0.21 15.51
CA ALA A 66 9.89 0.51 14.25
C ALA A 66 8.37 0.50 14.41
N ALA A 67 7.70 1.35 13.66
CA ALA A 67 6.25 1.44 13.71
C ALA A 67 5.63 1.25 12.33
N ILE A 68 4.73 0.27 12.21
CA ILE A 68 4.07 -0.01 10.95
C ILE A 68 2.57 -0.18 11.14
N LYS A 69 1.79 0.58 10.36
CA LYS A 69 0.34 0.51 10.45
C LYS A 69 -0.23 -0.29 9.28
N HIS A 70 -1.45 -0.80 9.45
CA HIS A 70 -2.12 -1.57 8.41
C HIS A 70 -3.48 -0.97 8.06
N TYR A 71 -3.58 -0.41 6.87
CA TYR A 71 -4.81 0.21 6.40
C TYR A 71 -5.53 -0.70 5.40
N GLN A 72 -6.72 -1.16 5.77
CA GLN A 72 -7.50 -2.02 4.89
C GLN A 72 -8.31 -1.20 3.89
N ILE A 73 -8.06 -1.42 2.60
CA ILE A 73 -8.76 -0.71 1.55
C ILE A 73 -10.17 -1.27 1.35
N LYS A 74 -11.16 -0.59 1.92
CA LYS A 74 -12.55 -1.01 1.79
C LYS A 74 -13.26 -0.26 0.68
N LYS A 75 -14.52 -0.60 0.44
CA LYS A 75 -15.30 0.06 -0.60
C LYS A 75 -16.50 0.78 0.00
N ASN A 76 -16.68 2.04 -0.40
CA ASN A 76 -17.79 2.84 0.10
C ASN A 76 -19.11 2.41 -0.53
N ASP A 77 -20.18 3.15 -0.23
CA ASP A 77 -21.49 2.85 -0.78
C ASP A 77 -21.53 3.08 -2.28
N SER A 78 -20.78 4.08 -2.74
CA SER A 78 -20.72 4.41 -4.16
C SER A 78 -19.96 3.35 -4.94
N GLY A 79 -19.30 2.45 -4.22
CA GLY A 79 -18.53 1.39 -4.85
C GLY A 79 -17.13 1.84 -5.23
N GLN A 80 -16.56 2.71 -4.41
CA GLN A 80 -15.21 3.22 -4.66
C GLN A 80 -14.26 2.83 -3.53
N TRP A 81 -12.97 2.83 -3.81
CA TRP A 81 -11.96 2.48 -2.82
C TRP A 81 -11.64 3.66 -1.92
N TYR A 82 -11.36 3.38 -0.65
CA TYR A 82 -11.05 4.42 0.32
C TYR A 82 -10.27 3.85 1.50
N VAL A 83 -9.48 4.70 2.15
CA VAL A 83 -8.68 4.28 3.29
C VAL A 83 -9.03 5.10 4.53
N ALA A 84 -9.00 6.43 4.38
CA ALA A 84 -9.30 7.33 5.48
C ALA A 84 -10.81 7.56 5.60
N GLU A 85 -11.58 6.69 4.95
CA GLU A 85 -13.03 6.79 5.00
C GLU A 85 -13.49 8.23 4.79
N ARG A 86 -12.69 9.00 4.07
CA ARG A 86 -13.00 10.40 3.79
C ARG A 86 -12.79 10.73 2.32
N HIS A 87 -11.82 10.06 1.70
CA HIS A 87 -11.53 10.28 0.29
C HIS A 87 -11.55 8.96 -0.48
N ALA A 88 -12.36 8.92 -1.53
CA ALA A 88 -12.48 7.72 -2.36
C ALA A 88 -11.90 7.95 -3.74
N PHE A 89 -11.74 6.87 -4.51
CA PHE A 89 -11.20 6.96 -5.86
C PHE A 89 -11.88 5.96 -6.78
N GLN A 90 -11.62 6.08 -8.08
CA GLN A 90 -12.21 5.19 -9.07
C GLN A 90 -11.27 4.03 -9.39
N SER A 91 -9.99 4.19 -9.04
CA SER A 91 -9.00 3.17 -9.29
C SER A 91 -8.05 3.02 -8.10
N ILE A 92 -7.55 1.82 -7.89
CA ILE A 92 -6.63 1.54 -6.79
C ILE A 92 -5.37 2.39 -6.90
N PRO A 93 -4.77 2.41 -8.11
CA PRO A 93 -3.55 3.17 -8.38
C PRO A 93 -3.80 4.67 -8.38
N GLU A 94 -5.05 5.06 -8.13
CA GLU A 94 -5.42 6.48 -8.09
C GLU A 94 -5.45 6.99 -6.66
N LEU A 95 -5.95 6.18 -5.75
CA LEU A 95 -6.04 6.55 -4.34
C LEU A 95 -4.66 6.91 -3.79
N ILE A 96 -3.64 6.19 -4.25
CA ILE A 96 -2.27 6.44 -3.80
C ILE A 96 -1.62 7.54 -4.63
N TRP A 97 -2.15 7.79 -5.80
CA TRP A 97 -1.61 8.82 -6.69
C TRP A 97 -1.50 10.16 -5.96
N TYR A 98 -2.61 10.57 -5.34
CA TYR A 98 -2.63 11.84 -4.61
C TYR A 98 -2.14 11.65 -3.18
N HIS A 99 -2.71 10.66 -2.49
CA HIS A 99 -2.32 10.38 -1.12
C HIS A 99 -0.80 10.48 -0.95
N GLN A 100 -0.07 10.02 -1.95
CA GLN A 100 1.39 10.05 -1.91
C GLN A 100 1.88 11.35 -1.28
N HIS A 101 1.29 12.47 -1.69
CA HIS A 101 1.67 13.77 -1.17
C HIS A 101 0.72 14.22 -0.06
N ASN A 102 -0.57 13.91 -0.24
CA ASN A 102 -1.58 14.28 0.74
C ASN A 102 -1.73 13.19 1.79
N ALA A 103 -1.63 13.59 3.07
CA ALA A 103 -1.76 12.65 4.17
C ALA A 103 -3.23 12.32 4.44
N ALA A 104 -3.98 12.06 3.38
CA ALA A 104 -5.40 11.73 3.51
C ALA A 104 -5.67 10.95 4.79
N GLY A 105 -6.44 11.55 5.70
CA GLY A 105 -6.76 10.89 6.95
C GLY A 105 -5.61 10.94 7.94
N LEU A 106 -4.79 9.89 7.93
CA LEU A 106 -3.64 9.80 8.82
C LEU A 106 -2.73 11.01 8.65
N MET A 107 -1.60 10.99 9.36
CA MET A 107 -0.64 12.09 9.28
C MET A 107 0.54 11.71 8.39
N THR A 108 1.04 10.49 8.56
CA THR A 108 2.17 10.01 7.78
C THR A 108 1.80 9.90 6.29
N ARG A 109 2.71 10.33 5.43
CA ARG A 109 2.49 10.29 3.99
C ARG A 109 3.46 9.34 3.32
N LEU A 110 3.19 9.03 2.05
CA LEU A 110 4.06 8.13 1.29
C LEU A 110 5.19 8.90 0.62
N ARG A 111 6.42 8.65 1.05
CA ARG A 111 7.58 9.31 0.48
C ARG A 111 8.49 8.31 -0.23
N TYR A 112 8.81 7.22 0.45
CA TYR A 112 9.67 6.20 -0.12
C TYR A 112 8.86 4.97 -0.54
N PRO A 113 8.44 4.94 -1.81
CA PRO A 113 7.66 3.84 -2.37
C PRO A 113 8.47 2.55 -2.49
N VAL A 114 8.62 1.84 -1.38
CA VAL A 114 9.37 0.59 -1.37
C VAL A 114 9.20 -0.16 -2.69
N GLY A 115 10.32 -0.48 -3.33
CA GLY A 115 10.29 -1.19 -4.60
C GLY A 115 10.10 -2.68 -4.41
N LEU A 116 9.68 -3.36 -5.47
CA LEU A 116 9.48 -4.81 -5.42
C LEU A 116 10.77 -5.54 -5.12
N MET A 117 11.76 -5.37 -6.01
CA MET A 117 13.06 -6.02 -5.83
C MET A 117 13.42 -6.12 -4.36
N GLY A 118 13.58 -4.97 -3.71
CA GLY A 118 13.93 -4.96 -2.30
C GLY A 118 15.09 -5.88 -1.97
N SER A 119 14.77 -7.06 -1.43
CA SER A 119 15.80 -8.03 -1.07
C SER A 119 15.16 -9.33 -0.60
N SER A 120 15.78 -10.46 -0.97
CA SER A 120 15.28 -11.77 -0.59
C SER A 120 16.23 -12.87 -1.02
N GLY A 121 16.22 -13.98 -0.31
CA GLY A 121 17.10 -15.09 -0.64
C GLY A 121 16.52 -16.43 -0.20
N PRO A 122 15.64 -17.01 -1.04
CA PRO A 122 15.01 -18.29 -0.75
C PRO A 122 15.99 -19.46 -0.83
N SER A 123 16.16 -20.16 0.28
CA SER A 123 17.07 -21.29 0.34
C SER A 123 16.38 -22.52 0.92
N SER A 124 16.39 -23.61 0.16
CA SER A 124 15.76 -24.85 0.60
C SER A 124 16.44 -26.06 -0.04
N GLY A 125 16.90 -26.99 0.80
CA GLY A 125 17.56 -28.17 0.29
C GLY A 125 18.13 -29.03 1.41
#